data_5SKJ
#
_entry.id   5SKJ
#
_cell.length_a   134.860
_cell.length_b   134.860
_cell.length_c   234.457
_cell.angle_alpha   90.000
_cell.angle_beta   90.000
_cell.angle_gamma   120.000
#
_symmetry.space_group_name_H-M   'H 3'
#
loop_
_entity.id
_entity.type
_entity.pdbx_description
1 polymer "cAMP and cAMP-inhibited cGMP 3',5'-cyclic phosphodiesterase 10A"
2 non-polymer 'ZINC ION'
3 non-polymer 'MAGNESIUM ION'
4 non-polymer 6-cyclopropyl-N-{2-[2-(methylamino)-2-oxoethyl]phenyl}-3-[(pyrimidin-5-yl)amino]pyridine-2-carboxamide
5 water water
#
_entity_poly.entity_id   1
_entity_poly.type   'polypeptide(L)'
_entity_poly.pdbx_seq_one_letter_code
;GSSICTSEEWQGLMQFTLPVRLCKEIELFHFDIGPFENMWPGIFVYMVHRSCGTSCFELEKL(CME)RFIMSVKKNYRRV
PYHNWKHAVTVAHCMYAILQNNHTLFTDLERKGLLIACLCHDLDHRGFSNSYLQKFDHPLAALYSTSTMEQHHFSQTVSI
LQLEGHNIFSTLSSSEYEQVLEIIRKAIIATDLALYFGNRKQLEEMYQTGSLNLNNQSHRDRVIGLMMTACDLCSVTKLW
PVTKLTANDIYAEFWAEGDEMKKLGIQPIPMMDRDKKDEVPQGQLGFYNAVAIPCYTTLTQILPPTEPLLKACRDNLSQW
EKVIRGEETATWISSPSVAQKAAASED
;
_entity_poly.pdbx_strand_id   A,B,C,D
#
loop_
_chem_comp.id
_chem_comp.type
_chem_comp.name
_chem_comp.formula
KG3 non-polymer 6-cyclopropyl-N-{2-[2-(methylamino)-2-oxoethyl]phenyl}-3-[(pyrimidin-5-yl)amino]pyridine-2-carboxamide 'C22 H22 N6 O2'
MG non-polymer 'MAGNESIUM ION' 'Mg 2'
ZN non-polymer 'ZINC ION' 'Zn 2'
#
# COMPACT_ATOMS: atom_id res chain seq x y z
N GLY A 12 -16.02 -40.69 -18.90
CA GLY A 12 -15.59 -42.10 -18.70
C GLY A 12 -14.10 -42.29 -18.96
N LEU A 13 -13.57 -41.78 -20.08
CA LEU A 13 -12.18 -42.03 -20.55
C LEU A 13 -11.19 -40.90 -20.17
N MET A 14 -11.53 -40.01 -19.23
CA MET A 14 -10.75 -38.78 -18.89
C MET A 14 -10.03 -38.94 -17.55
N GLN A 15 -9.12 -39.91 -17.46
CA GLN A 15 -8.13 -40.07 -16.34
C GLN A 15 -7.58 -38.70 -15.98
N PHE A 16 -7.45 -38.42 -14.68
CA PHE A 16 -6.48 -37.43 -14.18
C PHE A 16 -5.14 -38.14 -14.04
N THR A 17 -4.08 -37.46 -14.50
CA THR A 17 -2.65 -37.81 -14.27
C THR A 17 -1.99 -36.63 -13.55
N LEU A 18 -0.80 -36.89 -13.04
CA LEU A 18 -0.07 -35.91 -12.23
C LEU A 18 1.39 -35.91 -12.67
N PRO A 19 2.10 -34.79 -12.45
CA PRO A 19 3.53 -34.78 -12.61
C PRO A 19 4.10 -36.03 -11.95
N VAL A 20 5.15 -36.54 -12.54
CA VAL A 20 5.80 -37.78 -12.05
C VAL A 20 6.01 -37.67 -10.53
N ARG A 21 6.77 -36.70 -10.04
CA ARG A 21 7.04 -36.64 -8.57
C ARG A 21 5.74 -36.79 -7.78
N LEU A 22 4.66 -36.09 -8.16
CA LEU A 22 3.37 -36.12 -7.42
C LEU A 22 2.74 -37.50 -7.57
N CYS A 23 2.75 -38.05 -8.78
CA CYS A 23 2.17 -39.38 -9.08
C CYS A 23 2.81 -40.46 -8.19
N LYS A 24 4.12 -40.37 -7.95
CA LYS A 24 4.92 -41.34 -7.13
C LYS A 24 4.68 -41.02 -5.66
N GLU A 25 4.94 -39.77 -5.24
CA GLU A 25 4.98 -39.33 -3.82
C GLU A 25 3.58 -39.43 -3.19
N ILE A 26 2.48 -39.30 -3.95
CA ILE A 26 1.09 -39.26 -3.42
C ILE A 26 0.69 -40.62 -2.81
N GLU A 27 1.30 -41.70 -3.25
CA GLU A 27 0.98 -43.07 -2.75
C GLU A 27 1.66 -43.29 -1.41
N LEU A 28 2.51 -42.37 -0.99
CA LEU A 28 3.24 -42.46 0.29
C LEU A 28 2.41 -41.78 1.39
N PHE A 29 2.43 -42.28 2.62
CA PHE A 29 1.59 -41.73 3.72
C PHE A 29 1.99 -40.26 3.93
N HIS A 30 3.27 -39.93 3.84
CA HIS A 30 3.85 -38.64 4.33
C HIS A 30 3.81 -37.56 3.24
N PHE A 31 3.13 -37.82 2.13
CA PHE A 31 2.97 -36.87 1.02
C PHE A 31 2.35 -35.58 1.52
N ASP A 32 2.94 -34.46 1.12
CA ASP A 32 2.39 -33.09 1.33
C ASP A 32 1.78 -32.58 0.00
N ILE A 33 0.50 -32.21 -0.02
CA ILE A 33 -0.22 -31.82 -1.26
C ILE A 33 0.35 -30.51 -1.84
N GLY A 34 1.09 -29.73 -1.07
CA GLY A 34 1.89 -28.61 -1.60
C GLY A 34 1.15 -27.27 -1.53
N PRO A 35 1.80 -26.18 -1.97
CA PRO A 35 1.34 -24.83 -1.71
C PRO A 35 0.42 -24.32 -2.84
N PHE A 36 0.22 -25.09 -3.89
CA PHE A 36 -0.60 -24.69 -5.06
C PHE A 36 -2.06 -25.09 -4.85
N GLU A 37 -2.91 -24.17 -4.36
CA GLU A 37 -4.37 -24.42 -4.12
C GLU A 37 -4.99 -25.08 -5.35
N ASN A 38 -4.57 -24.63 -6.53
CA ASN A 38 -5.30 -24.89 -7.79
C ASN A 38 -5.21 -26.37 -8.12
N MET A 39 -4.16 -27.07 -7.69
CA MET A 39 -3.99 -28.53 -7.97
C MET A 39 -4.79 -29.43 -6.98
N TRP A 40 -5.14 -28.96 -5.79
CA TRP A 40 -5.74 -29.81 -4.73
C TRP A 40 -7.00 -30.52 -5.22
N PRO A 41 -7.93 -29.84 -5.95
CA PRO A 41 -9.11 -30.50 -6.53
C PRO A 41 -8.81 -31.66 -7.48
N GLY A 42 -7.89 -31.47 -8.41
CA GLY A 42 -7.40 -32.56 -9.26
C GLY A 42 -6.78 -33.68 -8.44
N ILE A 43 -6.01 -33.33 -7.42
CA ILE A 43 -5.35 -34.33 -6.55
C ILE A 43 -6.44 -35.23 -5.96
N PHE A 44 -7.49 -34.61 -5.44
CA PHE A 44 -8.59 -35.37 -4.81
C PHE A 44 -9.22 -36.30 -5.83
N VAL A 45 -9.54 -35.78 -7.00
CA VAL A 45 -10.26 -36.58 -8.02
C VAL A 45 -9.35 -37.74 -8.39
N TYR A 46 -8.06 -37.50 -8.51
CA TYR A 46 -7.05 -38.55 -8.80
C TYR A 46 -7.19 -39.68 -7.81
N MET A 47 -7.21 -39.33 -6.53
CA MET A 47 -7.33 -40.27 -5.40
C MET A 47 -8.68 -41.02 -5.49
N VAL A 48 -9.79 -40.35 -5.84
CA VAL A 48 -11.13 -40.98 -5.90
C VAL A 48 -11.11 -42.05 -7.00
N HIS A 49 -10.58 -41.72 -8.18
CA HIS A 49 -10.49 -42.64 -9.35
C HIS A 49 -9.67 -43.90 -9.02
N ARG A 50 -8.46 -43.75 -8.46
CA ARG A 50 -7.57 -44.87 -8.08
C ARG A 50 -8.11 -45.63 -6.87
N SER A 51 -8.79 -44.95 -5.95
CA SER A 51 -9.29 -45.51 -4.67
C SER A 51 -10.55 -46.34 -4.92
N CYS A 52 -11.38 -45.91 -5.86
CA CYS A 52 -12.84 -46.17 -5.88
C CYS A 52 -13.31 -46.73 -7.23
N GLY A 53 -12.69 -46.27 -8.32
CA GLY A 53 -13.14 -46.42 -9.72
C GLY A 53 -13.35 -45.05 -10.36
N THR A 54 -13.19 -44.97 -11.68
CA THR A 54 -13.55 -43.80 -12.53
C THR A 54 -15.08 -43.77 -12.79
N SER A 55 -15.79 -44.84 -12.38
CA SER A 55 -17.27 -45.02 -12.47
C SER A 55 -18.01 -44.62 -11.17
N CYS A 56 -17.32 -44.57 -10.02
CA CYS A 56 -17.89 -44.25 -8.67
C CYS A 56 -18.79 -42.99 -8.74
N PHE A 57 -18.37 -41.97 -9.49
CA PHE A 57 -19.01 -40.63 -9.48
C PHE A 57 -19.01 -40.07 -10.91
N GLU A 58 -20.04 -39.31 -11.25
CA GLU A 58 -20.10 -38.47 -12.47
C GLU A 58 -19.13 -37.31 -12.23
N LEU A 59 -18.20 -37.13 -13.15
CA LEU A 59 -17.11 -36.13 -13.04
C LEU A 59 -17.73 -34.73 -13.00
N GLU A 60 -18.59 -34.37 -13.96
CA GLU A 60 -19.32 -33.07 -13.97
C GLU A 60 -19.82 -32.82 -12.52
N LYS A 61 -20.39 -33.82 -11.84
CA LYS A 61 -21.03 -33.63 -10.51
C LYS A 61 -19.94 -33.48 -9.44
N LEU A 62 -18.98 -34.39 -9.42
CA LEU A 62 -17.92 -34.43 -8.40
C LEU A 62 -17.25 -33.05 -8.31
N CME A 63 -16.81 -32.56 -9.47
CA CME A 63 -16.13 -31.26 -9.60
CB CME A 63 -15.74 -30.99 -11.05
SG CME A 63 -14.22 -31.85 -11.58
SD CME A 63 -12.79 -31.07 -10.37
CE CME A 63 -11.94 -29.80 -11.34
CZ CME A 63 -10.64 -30.34 -11.84
OH CME A 63 -9.70 -29.32 -12.16
C CME A 63 -17.02 -30.17 -8.95
O CME A 63 -16.49 -29.35 -8.20
N ARG A 64 -18.33 -30.23 -9.19
CA ARG A 64 -19.26 -29.18 -8.68
C ARG A 64 -19.35 -29.29 -7.16
N PHE A 65 -19.42 -30.50 -6.64
CA PHE A 65 -19.38 -30.77 -5.18
C PHE A 65 -18.03 -30.31 -4.59
N ILE A 66 -16.90 -30.72 -5.18
CA ILE A 66 -15.55 -30.35 -4.66
C ILE A 66 -15.50 -28.83 -4.47
N MET A 67 -15.91 -28.09 -5.50
CA MET A 67 -15.77 -26.62 -5.53
C MET A 67 -16.75 -25.97 -4.55
N SER A 68 -17.96 -26.52 -4.43
CA SER A 68 -18.90 -26.07 -3.38
C SER A 68 -18.33 -26.36 -1.99
N VAL A 69 -17.62 -27.49 -1.82
CA VAL A 69 -17.08 -27.85 -0.49
C VAL A 69 -15.90 -26.92 -0.19
N LYS A 70 -14.95 -26.74 -1.11
CA LYS A 70 -13.89 -25.69 -1.02
C LYS A 70 -14.46 -24.33 -0.60
N LYS A 71 -15.54 -23.91 -1.26
CA LYS A 71 -16.20 -22.60 -1.04
C LYS A 71 -16.63 -22.46 0.42
N ASN A 72 -16.92 -23.55 1.12
CA ASN A 72 -17.51 -23.52 2.48
C ASN A 72 -16.49 -23.86 3.58
N TYR A 73 -15.23 -24.17 3.25
CA TYR A 73 -14.13 -24.04 4.24
C TYR A 73 -13.74 -22.57 4.26
N ARG A 74 -13.25 -22.06 5.37
CA ARG A 74 -13.00 -20.61 5.52
C ARG A 74 -11.51 -20.37 5.54
N ARG A 75 -11.13 -19.09 5.55
CA ARG A 75 -9.71 -18.68 5.46
C ARG A 75 -9.19 -18.64 6.89
N VAL A 76 -9.02 -19.80 7.51
CA VAL A 76 -8.50 -19.85 8.90
C VAL A 76 -7.15 -20.54 8.83
N PRO A 77 -6.28 -20.32 9.84
CA PRO A 77 -4.88 -20.68 9.72
C PRO A 77 -4.66 -22.18 9.46
N TYR A 78 -5.44 -23.03 10.15
CA TYR A 78 -5.29 -24.51 10.12
C TYR A 78 -6.52 -25.26 9.58
N HIS A 79 -7.73 -25.03 10.12
CA HIS A 79 -8.98 -25.80 9.84
C HIS A 79 -9.63 -25.36 8.52
N ASN A 80 -8.84 -25.43 7.46
CA ASN A 80 -9.10 -24.82 6.13
C ASN A 80 -9.21 -25.93 5.09
N TRP A 81 -9.28 -25.51 3.83
CA TRP A 81 -9.40 -26.38 2.64
C TRP A 81 -8.17 -27.30 2.52
N LYS A 82 -6.98 -26.75 2.80
CA LYS A 82 -5.71 -27.54 2.77
C LYS A 82 -5.82 -28.71 3.75
N HIS A 83 -6.42 -28.49 4.92
CA HIS A 83 -6.65 -29.53 5.95
C HIS A 83 -7.60 -30.59 5.40
N ALA A 84 -8.75 -30.18 4.90
CA ALA A 84 -9.73 -31.06 4.24
C ALA A 84 -9.02 -32.03 3.27
N VAL A 85 -8.13 -31.53 2.39
CA VAL A 85 -7.54 -32.41 1.34
C VAL A 85 -6.44 -33.26 1.99
N THR A 86 -5.68 -32.71 2.93
CA THR A 86 -4.61 -33.44 3.63
C THR A 86 -5.24 -34.72 4.25
N VAL A 87 -6.34 -34.51 4.96
CA VAL A 87 -7.04 -35.61 5.69
C VAL A 87 -7.51 -36.66 4.67
N ALA A 88 -8.13 -36.21 3.59
CA ALA A 88 -8.57 -37.09 2.48
C ALA A 88 -7.39 -37.90 1.93
N HIS A 89 -6.25 -37.26 1.70
CA HIS A 89 -5.10 -38.00 1.14
C HIS A 89 -4.72 -39.09 2.13
N CYS A 90 -4.63 -38.76 3.41
CA CYS A 90 -4.16 -39.75 4.41
C CYS A 90 -5.11 -40.95 4.35
N MET A 91 -6.44 -40.75 4.29
CA MET A 91 -7.44 -41.84 4.11
C MET A 91 -7.16 -42.63 2.81
N TYR A 92 -6.83 -41.94 1.72
CA TYR A 92 -6.54 -42.53 0.38
C TYR A 92 -5.40 -43.55 0.51
N ALA A 93 -4.31 -43.08 1.13
CA ALA A 93 -3.13 -43.88 1.46
C ALA A 93 -3.57 -45.11 2.23
N ILE A 94 -4.43 -44.98 3.25
CA ILE A 94 -4.81 -46.12 4.14
C ILE A 94 -5.62 -47.12 3.31
N LEU A 95 -6.45 -46.63 2.41
CA LEU A 95 -7.37 -47.54 1.70
C LEU A 95 -6.57 -48.36 0.70
N GLN A 96 -5.58 -47.73 0.07
CA GLN A 96 -4.71 -48.33 -0.98
C GLN A 96 -3.81 -49.42 -0.36
N ASN A 97 -3.40 -49.23 0.90
CA ASN A 97 -2.51 -50.16 1.64
C ASN A 97 -3.36 -51.28 2.28
N ASN A 98 -4.67 -51.10 2.37
CA ASN A 98 -5.65 -52.09 2.87
C ASN A 98 -6.74 -52.29 1.82
N HIS A 99 -6.32 -52.57 0.57
CA HIS A 99 -7.16 -52.60 -0.66
C HIS A 99 -8.45 -53.39 -0.41
N THR A 100 -8.31 -54.65 0.00
CA THR A 100 -9.42 -55.65 -0.03
C THR A 100 -10.26 -55.65 1.24
N LEU A 101 -9.89 -54.95 2.30
CA LEU A 101 -10.62 -54.96 3.58
C LEU A 101 -11.88 -54.11 3.49
N PHE A 102 -12.05 -53.21 2.52
CA PHE A 102 -13.13 -52.17 2.58
C PHE A 102 -14.07 -52.22 1.38
N THR A 103 -15.36 -52.19 1.70
CA THR A 103 -16.47 -52.33 0.72
C THR A 103 -16.38 -51.18 -0.28
N ASP A 104 -17.06 -51.33 -1.41
CA ASP A 104 -17.11 -50.32 -2.51
C ASP A 104 -17.57 -48.97 -1.92
N LEU A 105 -18.60 -48.98 -1.09
CA LEU A 105 -19.26 -47.77 -0.51
C LEU A 105 -18.37 -47.14 0.55
N GLU A 106 -17.74 -47.99 1.36
CA GLU A 106 -16.78 -47.56 2.40
C GLU A 106 -15.68 -46.72 1.70
N ARG A 107 -15.28 -47.10 0.48
CA ARG A 107 -14.21 -46.37 -0.23
C ARG A 107 -14.74 -45.00 -0.72
N LYS A 108 -15.90 -44.97 -1.37
CA LYS A 108 -16.63 -43.75 -1.80
C LYS A 108 -16.89 -42.80 -0.62
N GLY A 109 -17.61 -43.25 0.42
CA GLY A 109 -18.11 -42.40 1.52
C GLY A 109 -16.99 -41.83 2.37
N LEU A 110 -15.99 -42.65 2.69
CA LEU A 110 -14.88 -42.22 3.58
C LEU A 110 -14.10 -41.04 2.95
N LEU A 111 -13.72 -41.08 1.68
CA LEU A 111 -12.88 -40.01 1.12
C LEU A 111 -13.63 -38.67 1.17
N ILE A 112 -14.94 -38.71 0.94
CA ILE A 112 -15.88 -37.56 0.90
C ILE A 112 -16.05 -37.03 2.34
N ALA A 113 -16.31 -37.93 3.27
CA ALA A 113 -16.32 -37.61 4.72
C ALA A 113 -15.05 -36.80 5.08
N CYS A 114 -13.88 -37.28 4.68
CA CYS A 114 -12.61 -36.64 5.05
C CYS A 114 -12.61 -35.23 4.47
N LEU A 115 -12.98 -35.11 3.18
CA LEU A 115 -13.03 -33.83 2.44
C LEU A 115 -13.97 -32.88 3.15
N CYS A 116 -15.08 -33.40 3.68
CA CYS A 116 -16.13 -32.60 4.32
C CYS A 116 -15.99 -32.50 5.86
N HIS A 117 -15.01 -33.18 6.50
CA HIS A 117 -15.08 -33.43 7.95
C HIS A 117 -15.08 -32.10 8.72
N ASP A 118 -14.49 -31.03 8.16
CA ASP A 118 -14.36 -29.78 8.93
C ASP A 118 -15.11 -28.64 8.22
N LEU A 119 -16.10 -28.94 7.39
CA LEU A 119 -16.87 -27.88 6.69
C LEU A 119 -17.27 -26.74 7.66
N ASP A 120 -17.00 -25.52 7.23
CA ASP A 120 -17.41 -24.25 7.89
C ASP A 120 -16.86 -24.19 9.30
N HIS A 121 -15.66 -24.69 9.55
CA HIS A 121 -14.97 -24.52 10.85
C HIS A 121 -14.54 -23.06 10.95
N ARG A 122 -14.63 -22.47 12.15
CA ARG A 122 -14.28 -21.05 12.40
C ARG A 122 -12.94 -20.97 13.12
N GLY A 123 -12.40 -22.09 13.55
CA GLY A 123 -11.08 -22.12 14.20
C GLY A 123 -11.24 -22.23 15.69
N PHE A 124 -12.46 -22.40 16.18
CA PHE A 124 -12.72 -22.50 17.63
C PHE A 124 -13.21 -23.91 17.96
N SER A 125 -12.81 -24.39 19.13
CA SER A 125 -13.16 -25.71 19.71
C SER A 125 -14.61 -25.70 20.18
N ASN A 126 -15.13 -26.90 20.43
CA ASN A 126 -16.49 -27.08 20.99
C ASN A 126 -16.56 -26.33 22.32
N SER A 127 -15.57 -26.50 23.19
CA SER A 127 -15.44 -25.76 24.48
C SER A 127 -15.70 -24.27 24.29
N TYR A 128 -15.21 -23.65 23.21
CA TYR A 128 -15.33 -22.17 23.03
C TYR A 128 -16.76 -21.84 22.57
N LEU A 129 -17.43 -22.74 21.85
CA LEU A 129 -18.84 -22.48 21.51
C LEU A 129 -19.64 -22.45 22.81
N GLN A 130 -19.48 -23.47 23.65
CA GLN A 130 -20.24 -23.64 24.92
C GLN A 130 -19.98 -22.38 25.76
N LYS A 131 -18.73 -22.02 26.03
CA LYS A 131 -18.43 -20.90 26.95
C LYS A 131 -18.88 -19.58 26.33
N PHE A 132 -18.93 -19.50 25.00
CA PHE A 132 -19.40 -18.27 24.34
C PHE A 132 -20.92 -18.25 24.35
N ASP A 133 -21.53 -19.41 24.51
CA ASP A 133 -22.98 -19.60 24.35
C ASP A 133 -23.33 -19.37 22.88
N HIS A 134 -22.57 -19.97 21.97
CA HIS A 134 -22.88 -19.89 20.52
C HIS A 134 -24.15 -20.69 20.25
N PRO A 135 -25.05 -20.22 19.36
CA PRO A 135 -26.24 -20.98 18.95
C PRO A 135 -26.05 -22.46 18.57
N LEU A 136 -24.98 -22.80 17.87
CA LEU A 136 -24.71 -24.22 17.51
C LEU A 136 -24.56 -25.09 18.78
N ALA A 137 -24.24 -24.54 19.95
CA ALA A 137 -24.09 -25.30 21.22
C ALA A 137 -25.46 -25.56 21.83
N ALA A 138 -26.35 -24.61 21.67
CA ALA A 138 -27.81 -24.77 21.90
C ALA A 138 -28.34 -25.92 21.03
N LEU A 139 -28.03 -25.93 19.76
CA LEU A 139 -28.61 -26.87 18.78
C LEU A 139 -28.02 -28.28 18.93
N TYR A 140 -26.70 -28.43 19.20
CA TYR A 140 -25.99 -29.72 19.44
C TYR A 140 -25.05 -29.62 20.65
N SER A 141 -25.36 -30.42 21.67
CA SER A 141 -24.82 -30.29 23.03
C SER A 141 -23.49 -31.04 23.13
N THR A 142 -23.28 -32.07 22.32
CA THR A 142 -21.94 -32.68 22.17
C THR A 142 -21.62 -32.95 20.71
N SER A 143 -20.34 -33.11 20.42
CA SER A 143 -19.78 -33.16 19.06
C SER A 143 -20.34 -31.98 18.25
N THR A 144 -20.43 -30.81 18.89
CA THR A 144 -21.06 -29.58 18.35
C THR A 144 -20.62 -29.31 16.90
N MET A 145 -19.38 -28.88 16.69
CA MET A 145 -18.94 -28.50 15.33
C MET A 145 -19.16 -29.72 14.44
N GLU A 146 -18.95 -30.91 14.99
CA GLU A 146 -18.84 -32.12 14.14
C GLU A 146 -20.23 -32.42 13.56
N GLN A 147 -21.28 -32.29 14.36
CA GLN A 147 -22.67 -32.36 13.82
C GLN A 147 -22.93 -31.19 12.88
N HIS A 148 -22.34 -30.02 13.10
CA HIS A 148 -22.49 -28.89 12.18
C HIS A 148 -21.84 -29.25 10.84
N HIS A 149 -20.61 -29.75 10.83
CA HIS A 149 -19.93 -30.25 9.60
C HIS A 149 -20.77 -31.32 8.88
N PHE A 150 -21.39 -32.28 9.60
CA PHE A 150 -22.25 -33.29 8.94
C PHE A 150 -23.49 -32.64 8.32
N SER A 151 -24.07 -31.70 9.06
CA SER A 151 -25.20 -30.83 8.64
C SER A 151 -24.86 -30.13 7.32
N GLN A 152 -23.73 -29.40 7.29
CA GLN A 152 -23.19 -28.73 6.07
C GLN A 152 -22.99 -29.75 4.93
N THR A 153 -22.46 -30.93 5.19
CA THR A 153 -22.20 -31.92 4.10
C THR A 153 -23.53 -32.31 3.43
N VAL A 154 -24.60 -32.47 4.20
CA VAL A 154 -25.93 -32.84 3.62
C VAL A 154 -26.49 -31.61 2.89
N SER A 155 -26.40 -30.40 3.46
CA SER A 155 -26.74 -29.15 2.71
C SER A 155 -26.10 -29.17 1.32
N ILE A 156 -24.80 -29.38 1.22
CA ILE A 156 -24.11 -29.29 -0.08
C ILE A 156 -24.60 -30.44 -0.94
N LEU A 157 -24.71 -31.62 -0.36
CA LEU A 157 -25.14 -32.82 -1.12
C LEU A 157 -26.53 -32.62 -1.76
N GLN A 158 -27.34 -31.70 -1.22
CA GLN A 158 -28.74 -31.42 -1.64
C GLN A 158 -28.83 -30.23 -2.58
N LEU A 159 -27.76 -29.51 -2.85
CA LEU A 159 -27.78 -28.42 -3.87
C LEU A 159 -28.04 -29.08 -5.22
N GLU A 160 -28.69 -28.38 -6.15
CA GLU A 160 -28.97 -28.98 -7.49
C GLU A 160 -27.65 -29.23 -8.21
N GLY A 161 -27.49 -30.44 -8.77
CA GLY A 161 -26.31 -30.85 -9.55
C GLY A 161 -25.16 -31.36 -8.71
N HIS A 162 -25.29 -31.38 -7.37
CA HIS A 162 -24.23 -31.83 -6.42
C HIS A 162 -24.47 -33.24 -5.89
N ASN A 163 -25.58 -33.92 -6.21
CA ASN A 163 -25.78 -35.27 -5.60
C ASN A 163 -24.94 -36.31 -6.36
N ILE A 164 -23.69 -36.38 -5.95
CA ILE A 164 -22.63 -37.29 -6.45
C ILE A 164 -23.04 -38.73 -6.16
N PHE A 165 -24.04 -38.97 -5.31
CA PHE A 165 -24.43 -40.33 -4.84
C PHE A 165 -25.71 -40.83 -5.55
N SER A 166 -26.25 -40.06 -6.47
CA SER A 166 -27.59 -40.28 -7.08
C SER A 166 -27.72 -41.64 -7.79
N THR A 167 -26.65 -42.23 -8.33
CA THR A 167 -26.71 -43.52 -9.10
C THR A 167 -26.89 -44.70 -8.13
N LEU A 168 -26.75 -44.47 -6.83
CA LEU A 168 -26.91 -45.54 -5.81
C LEU A 168 -28.40 -45.75 -5.59
N SER A 169 -28.77 -46.94 -5.12
CA SER A 169 -30.13 -47.30 -4.65
C SER A 169 -30.45 -46.46 -3.43
N SER A 170 -31.72 -46.39 -3.10
CA SER A 170 -32.27 -45.81 -1.86
C SER A 170 -31.45 -46.26 -0.62
N SER A 171 -30.97 -47.51 -0.55
CA SER A 171 -30.46 -48.13 0.71
C SER A 171 -28.93 -48.05 0.79
N GLU A 172 -28.23 -48.24 -0.33
CA GLU A 172 -26.79 -47.90 -0.48
C GLU A 172 -26.59 -46.43 -0.09
N TYR A 173 -27.47 -45.56 -0.61
CA TYR A 173 -27.54 -44.13 -0.25
C TYR A 173 -27.68 -43.95 1.26
N GLU A 174 -28.58 -44.69 1.92
CA GLU A 174 -28.78 -44.54 3.38
C GLU A 174 -27.55 -45.04 4.13
N GLN A 175 -26.89 -46.07 3.59
CA GLN A 175 -25.66 -46.60 4.20
C GLN A 175 -24.56 -45.55 4.05
N VAL A 176 -24.36 -45.00 2.84
CA VAL A 176 -23.19 -44.11 2.62
C VAL A 176 -23.35 -42.84 3.46
N LEU A 177 -24.54 -42.26 3.57
CA LEU A 177 -24.71 -41.07 4.43
C LEU A 177 -24.45 -41.48 5.88
N GLU A 178 -24.81 -42.71 6.27
CA GLU A 178 -24.68 -43.18 7.68
C GLU A 178 -23.19 -43.45 7.97
N ILE A 179 -22.44 -44.01 7.02
CA ILE A 179 -20.95 -44.11 7.07
C ILE A 179 -20.35 -42.73 7.33
N ILE A 180 -20.69 -41.77 6.48
CA ILE A 180 -20.18 -40.36 6.48
C ILE A 180 -20.50 -39.67 7.83
N ARG A 181 -21.66 -39.93 8.42
CA ARG A 181 -22.12 -39.20 9.63
C ARG A 181 -21.21 -39.65 10.76
N LYS A 182 -21.19 -40.96 10.98
CA LYS A 182 -20.35 -41.57 12.04
C LYS A 182 -18.91 -41.12 11.78
N ALA A 183 -18.44 -41.25 10.52
CA ALA A 183 -17.09 -40.86 10.08
C ALA A 183 -16.80 -39.45 10.59
N ILE A 184 -17.70 -38.50 10.34
CA ILE A 184 -17.47 -37.10 10.76
C ILE A 184 -17.67 -36.93 12.25
N ILE A 185 -18.59 -37.62 12.89
CA ILE A 185 -18.68 -37.48 14.38
C ILE A 185 -17.35 -37.94 14.99
N ALA A 186 -16.83 -39.06 14.50
CA ALA A 186 -15.60 -39.73 14.98
C ALA A 186 -14.45 -38.72 15.10
N THR A 187 -14.40 -37.68 14.27
CA THR A 187 -13.30 -36.66 14.33
C THR A 187 -13.47 -35.73 15.55
N ASP A 188 -14.41 -35.98 16.46
CA ASP A 188 -14.45 -35.24 17.76
C ASP A 188 -13.48 -35.93 18.71
N LEU A 189 -12.31 -35.36 18.88
CA LEU A 189 -11.27 -36.01 19.71
C LEU A 189 -11.85 -36.35 21.10
N ALA A 190 -12.91 -35.71 21.58
CA ALA A 190 -13.50 -36.11 22.89
C ALA A 190 -13.91 -37.59 22.81
N LEU A 191 -14.33 -38.09 21.67
CA LEU A 191 -14.76 -39.51 21.56
C LEU A 191 -13.59 -40.44 21.21
N TYR A 192 -12.43 -39.92 20.77
CA TYR A 192 -11.31 -40.78 20.33
C TYR A 192 -10.88 -41.70 21.48
N PHE A 193 -10.82 -41.16 22.70
CA PHE A 193 -10.17 -41.80 23.88
C PHE A 193 -10.90 -43.10 24.25
N GLY A 194 -12.21 -43.05 24.41
CA GLY A 194 -13.01 -44.24 24.67
C GLY A 194 -12.92 -45.20 23.51
N ASN A 195 -12.97 -44.69 22.27
CA ASN A 195 -13.05 -45.54 21.04
C ASN A 195 -11.79 -46.39 20.93
N ARG A 196 -10.61 -45.81 21.10
CA ARG A 196 -9.34 -46.56 21.08
C ARG A 196 -9.31 -47.54 22.26
N LYS A 197 -9.66 -47.11 23.48
CA LYS A 197 -9.57 -48.02 24.66
C LYS A 197 -10.47 -49.23 24.38
N GLN A 198 -11.58 -49.07 23.67
CA GLN A 198 -12.50 -50.20 23.40
C GLN A 198 -11.88 -51.09 22.32
N LEU A 199 -11.24 -50.48 21.34
CA LEU A 199 -10.55 -51.22 20.25
C LEU A 199 -9.34 -51.93 20.85
N GLU A 200 -8.66 -51.26 21.79
CA GLU A 200 -7.46 -51.78 22.50
C GLU A 200 -7.87 -53.12 23.11
N GLU A 201 -8.82 -53.13 24.07
CA GLU A 201 -9.34 -54.35 24.79
C GLU A 201 -9.73 -55.38 23.73
N MET A 202 -10.42 -54.98 22.65
CA MET A 202 -10.95 -55.95 21.65
C MET A 202 -9.83 -56.62 20.85
N TYR A 203 -8.70 -55.96 20.64
CA TYR A 203 -7.62 -56.54 19.80
C TYR A 203 -6.83 -57.55 20.65
N GLN A 204 -6.67 -57.28 21.96
CA GLN A 204 -5.81 -58.01 22.94
C GLN A 204 -6.55 -59.17 23.59
N THR A 205 -7.78 -58.95 24.06
CA THR A 205 -8.72 -60.06 24.37
C THR A 205 -9.04 -60.85 23.08
N GLY A 206 -8.88 -60.26 21.89
CA GLY A 206 -8.96 -60.99 20.61
C GLY A 206 -10.37 -61.21 20.10
N SER A 207 -11.34 -60.43 20.60
CA SER A 207 -12.74 -60.39 20.08
C SER A 207 -12.92 -59.42 18.88
N LEU A 208 -11.89 -58.74 18.39
CA LEU A 208 -12.14 -57.77 17.29
C LEU A 208 -12.65 -58.56 16.07
N ASN A 209 -13.87 -58.28 15.61
CA ASN A 209 -14.47 -58.96 14.44
C ASN A 209 -14.90 -57.94 13.39
N LEU A 210 -14.18 -57.88 12.27
CA LEU A 210 -14.39 -56.83 11.22
C LEU A 210 -15.74 -57.06 10.51
N ASN A 211 -16.40 -58.20 10.72
CA ASN A 211 -17.77 -58.46 10.18
C ASN A 211 -18.82 -57.92 11.15
N ASN A 212 -18.42 -57.62 12.38
CA ASN A 212 -19.27 -56.91 13.37
C ASN A 212 -19.30 -55.44 12.90
N GLN A 213 -20.45 -54.99 12.41
CA GLN A 213 -20.65 -53.60 11.96
C GLN A 213 -20.40 -52.59 13.08
N SER A 214 -20.67 -52.89 14.35
CA SER A 214 -20.34 -51.98 15.48
C SER A 214 -18.81 -51.97 15.67
N HIS A 215 -18.14 -53.02 15.17
CA HIS A 215 -16.67 -53.13 15.22
C HIS A 215 -16.07 -52.29 14.13
N ARG A 216 -16.46 -52.52 12.87
CA ARG A 216 -16.09 -51.68 11.70
C ARG A 216 -16.26 -50.22 12.04
N ASP A 217 -17.36 -49.86 12.70
CA ASP A 217 -17.69 -48.46 13.02
C ASP A 217 -16.53 -47.86 13.84
N ARG A 218 -16.07 -48.60 14.85
CA ARG A 218 -14.99 -48.18 15.78
C ARG A 218 -13.68 -48.01 15.00
N VAL A 219 -13.41 -48.95 14.08
CA VAL A 219 -12.15 -49.11 13.29
C VAL A 219 -12.07 -47.95 12.31
N ILE A 220 -13.17 -47.66 11.63
CA ILE A 220 -13.33 -46.45 10.79
C ILE A 220 -13.18 -45.20 11.67
N GLY A 221 -13.76 -45.20 12.86
CA GLY A 221 -13.59 -44.08 13.82
C GLY A 221 -12.12 -43.82 14.11
N LEU A 222 -11.33 -44.88 14.25
CA LEU A 222 -9.89 -44.73 14.57
C LEU A 222 -9.17 -44.17 13.34
N MET A 223 -9.46 -44.72 12.16
CA MET A 223 -8.86 -44.28 10.87
C MET A 223 -9.06 -42.77 10.70
N MET A 224 -10.26 -42.28 11.05
CA MET A 224 -10.68 -40.88 10.86
C MET A 224 -9.83 -40.07 11.83
N THR A 225 -9.73 -40.52 13.07
CA THR A 225 -8.88 -39.81 14.07
C THR A 225 -7.46 -39.74 13.50
N ALA A 226 -6.99 -40.81 12.85
CA ALA A 226 -5.60 -40.98 12.40
C ALA A 226 -5.36 -40.05 11.21
N CYS A 227 -6.28 -40.05 10.26
CA CYS A 227 -6.31 -39.13 9.10
C CYS A 227 -6.35 -37.67 9.57
N ASP A 228 -7.26 -37.39 10.47
CA ASP A 228 -7.44 -36.04 10.99
C ASP A 228 -6.16 -35.59 11.71
N LEU A 229 -5.33 -36.50 12.21
CA LEU A 229 -4.14 -36.12 13.04
C LEU A 229 -2.85 -36.12 12.23
N CYS A 230 -2.95 -36.38 10.92
CA CYS A 230 -1.83 -36.86 10.07
C CYS A 230 -0.79 -35.77 9.78
N SER A 231 -0.99 -34.54 10.20
CA SER A 231 0.09 -33.52 10.10
C SER A 231 1.27 -33.90 11.01
N VAL A 232 1.02 -34.70 12.06
CA VAL A 232 2.08 -35.26 12.95
C VAL A 232 2.78 -36.45 12.26
N THR A 233 2.25 -36.99 11.15
CA THR A 233 2.87 -38.14 10.45
C THR A 233 3.65 -37.69 9.22
N LYS A 234 4.05 -36.42 9.15
CA LYS A 234 4.81 -35.88 7.99
C LYS A 234 6.31 -35.83 8.30
N LEU A 235 7.10 -35.51 7.26
CA LEU A 235 8.52 -35.12 7.45
C LEU A 235 8.54 -33.93 8.41
N TRP A 236 9.55 -33.87 9.28
CA TRP A 236 9.65 -32.87 10.36
C TRP A 236 9.37 -31.47 9.84
N PRO A 237 9.89 -31.02 8.68
CA PRO A 237 9.77 -29.61 8.30
C PRO A 237 8.29 -29.26 8.03
N VAL A 238 7.49 -30.24 7.58
CA VAL A 238 6.01 -30.09 7.36
C VAL A 238 5.29 -30.01 8.73
N THR A 239 5.57 -30.95 9.60
CA THR A 239 4.93 -31.08 10.92
C THR A 239 5.22 -29.80 11.69
N LYS A 240 6.48 -29.38 11.62
CA LYS A 240 6.97 -28.20 12.36
C LYS A 240 6.15 -26.99 11.89
N LEU A 241 6.01 -26.78 10.58
CA LEU A 241 5.37 -25.55 10.06
C LEU A 241 3.86 -25.64 10.25
N THR A 242 3.24 -26.82 10.15
CA THR A 242 1.78 -27.01 10.35
C THR A 242 1.44 -26.71 11.83
N ALA A 243 2.34 -27.08 12.76
CA ALA A 243 2.20 -26.74 14.19
C ALA A 243 1.95 -25.23 14.34
N ASN A 244 2.57 -24.37 13.53
CA ASN A 244 2.36 -22.89 13.66
C ASN A 244 0.90 -22.57 13.43
N ASP A 245 0.28 -23.33 12.51
CA ASP A 245 -1.09 -23.01 12.04
C ASP A 245 -2.03 -23.49 13.14
N ILE A 246 -1.92 -24.76 13.54
CA ILE A 246 -2.79 -25.23 14.64
C ILE A 246 -2.58 -24.21 15.78
N TYR A 247 -1.37 -23.76 16.08
CA TYR A 247 -1.16 -22.93 17.30
C TYR A 247 -1.71 -21.50 17.06
N ALA A 248 -1.66 -20.99 15.84
CA ALA A 248 -2.27 -19.68 15.50
C ALA A 248 -3.74 -19.67 15.90
N GLU A 249 -4.47 -20.74 15.58
CA GLU A 249 -5.89 -20.91 15.97
C GLU A 249 -5.97 -21.00 17.49
N PHE A 250 -5.12 -21.80 18.13
CA PHE A 250 -5.23 -22.01 19.59
C PHE A 250 -5.13 -20.68 20.32
N TRP A 251 -4.13 -19.86 19.99
CA TRP A 251 -3.85 -18.57 20.66
C TRP A 251 -4.97 -17.54 20.39
N ALA A 252 -5.60 -17.56 19.19
CA ALA A 252 -6.80 -16.78 18.85
C ALA A 252 -7.90 -17.16 19.82
N GLU A 253 -8.16 -18.45 19.96
CA GLU A 253 -9.20 -19.00 20.87
C GLU A 253 -8.87 -18.58 22.31
N GLY A 254 -7.59 -18.53 22.63
CA GLY A 254 -7.17 -18.11 23.97
C GLY A 254 -7.51 -16.66 24.19
N ASP A 255 -7.12 -15.83 23.21
CA ASP A 255 -7.45 -14.38 23.16
C ASP A 255 -8.96 -14.25 23.44
N GLU A 256 -9.78 -15.10 22.82
CA GLU A 256 -11.26 -14.94 22.89
C GLU A 256 -11.77 -15.44 24.23
N MET A 257 -11.06 -16.38 24.84
CA MET A 257 -11.41 -16.89 26.19
C MET A 257 -11.13 -15.76 27.19
N LYS A 258 -9.98 -15.10 27.00
CA LYS A 258 -9.56 -13.94 27.81
C LYS A 258 -10.66 -12.88 27.72
N LYS A 259 -11.18 -12.63 26.52
CA LYS A 259 -12.26 -11.64 26.27
C LYS A 259 -13.57 -12.01 27.00
N LEU A 260 -13.85 -13.29 27.25
CA LEU A 260 -15.01 -13.75 28.04
C LEU A 260 -14.77 -13.72 29.56
N GLY A 261 -13.57 -13.33 30.03
CA GLY A 261 -13.20 -13.25 31.45
C GLY A 261 -12.76 -14.60 31.97
N ILE A 262 -12.00 -15.35 31.17
CA ILE A 262 -11.61 -16.76 31.43
C ILE A 262 -10.12 -16.93 31.08
N GLN A 263 -9.30 -17.37 32.02
CA GLN A 263 -7.89 -17.73 31.70
C GLN A 263 -8.01 -19.01 30.88
N PRO A 264 -7.44 -19.02 29.66
CA PRO A 264 -7.38 -20.24 28.86
C PRO A 264 -6.37 -21.28 29.37
N ILE A 265 -6.55 -22.55 28.99
CA ILE A 265 -5.54 -23.61 29.24
C ILE A 265 -4.25 -23.08 28.66
N PRO A 266 -3.04 -23.42 29.18
CA PRO A 266 -1.82 -22.78 28.68
C PRO A 266 -1.62 -23.01 27.17
N MET A 267 -2.04 -24.19 26.71
CA MET A 267 -1.94 -24.63 25.29
C MET A 267 -2.42 -23.49 24.39
N MET A 268 -3.42 -22.75 24.86
CA MET A 268 -4.08 -21.69 24.07
C MET A 268 -3.60 -20.27 24.47
N ASP A 269 -2.69 -20.12 25.44
CA ASP A 269 -2.28 -18.79 25.98
C ASP A 269 -1.01 -18.33 25.25
N ARG A 270 -1.06 -17.26 24.46
CA ARG A 270 0.08 -16.91 23.58
C ARG A 270 1.20 -16.36 24.46
N ASP A 271 0.89 -15.99 25.69
CA ASP A 271 1.92 -15.55 26.67
C ASP A 271 2.81 -16.74 27.09
N LYS A 272 2.43 -17.97 26.73
CA LYS A 272 3.09 -19.25 27.15
C LYS A 272 3.52 -20.09 25.95
N LYS A 273 4.24 -19.51 24.99
CA LYS A 273 4.82 -20.23 23.83
C LYS A 273 5.99 -21.08 24.32
N ASP A 274 6.88 -20.55 25.16
CA ASP A 274 7.91 -21.35 25.89
C ASP A 274 7.40 -22.79 26.14
N GLU A 275 6.12 -22.99 26.54
CA GLU A 275 5.56 -24.30 27.03
C GLU A 275 5.11 -25.22 25.90
N VAL A 276 5.27 -24.82 24.63
CA VAL A 276 4.76 -25.58 23.44
C VAL A 276 5.51 -26.90 23.32
N PRO A 277 6.86 -26.91 23.24
CA PRO A 277 7.55 -28.17 22.96
C PRO A 277 7.15 -29.22 24.01
N GLN A 278 6.95 -28.83 25.26
CA GLN A 278 6.46 -29.76 26.31
C GLN A 278 4.99 -30.16 26.05
N GLY A 279 4.13 -29.20 25.73
CA GLY A 279 2.73 -29.46 25.31
C GLY A 279 2.60 -30.44 24.15
N GLN A 280 3.52 -30.37 23.18
CA GLN A 280 3.54 -31.29 22.00
C GLN A 280 3.96 -32.68 22.45
N LEU A 281 4.94 -32.77 23.35
CA LEU A 281 5.33 -34.04 24.04
C LEU A 281 4.07 -34.73 24.61
N GLY A 282 3.37 -34.06 25.53
CA GLY A 282 2.11 -34.57 26.10
C GLY A 282 1.18 -35.10 25.01
N PHE A 283 0.89 -34.26 24.01
CA PHE A 283 0.01 -34.58 22.84
C PHE A 283 0.42 -35.90 22.18
N TYR A 284 1.69 -36.04 21.79
CA TYR A 284 2.16 -37.23 21.04
C TYR A 284 1.96 -38.49 21.89
N ASN A 285 2.27 -38.38 23.20
CA ASN A 285 2.27 -39.52 24.17
C ASN A 285 0.83 -39.88 24.53
N ALA A 286 0.00 -38.89 24.85
CA ALA A 286 -1.41 -39.09 25.27
C ALA A 286 -2.35 -39.43 24.11
N VAL A 287 -2.06 -38.96 22.88
CA VAL A 287 -3.03 -39.00 21.73
C VAL A 287 -2.48 -39.73 20.51
N ALA A 288 -1.47 -39.15 19.85
CA ALA A 288 -1.06 -39.52 18.47
C ALA A 288 -0.36 -40.87 18.46
N ILE A 289 0.63 -41.09 19.32
CA ILE A 289 1.37 -42.39 19.38
C ILE A 289 0.38 -43.53 19.64
N PRO A 290 -0.49 -43.39 20.64
CA PRO A 290 -1.54 -44.38 20.89
C PRO A 290 -2.48 -44.62 19.71
N CYS A 291 -2.92 -43.53 19.08
CA CYS A 291 -3.81 -43.61 17.91
C CYS A 291 -3.21 -44.57 16.87
N TYR A 292 -1.98 -44.29 16.47
CA TYR A 292 -1.32 -44.96 15.32
C TYR A 292 -0.80 -46.33 15.76
N THR A 293 -0.43 -46.50 17.03
CA THR A 293 -0.12 -47.82 17.62
C THR A 293 -1.31 -48.74 17.39
N THR A 294 -2.45 -48.41 18.00
CA THR A 294 -3.71 -49.18 17.90
C THR A 294 -4.09 -49.34 16.42
N LEU A 295 -3.90 -48.30 15.59
CA LEU A 295 -4.30 -48.43 14.16
C LEU A 295 -3.37 -49.46 13.48
N THR A 296 -2.08 -49.49 13.83
CA THR A 296 -1.13 -50.41 13.17
C THR A 296 -1.41 -51.86 13.59
N GLN A 297 -1.66 -52.05 14.90
CA GLN A 297 -2.09 -53.34 15.50
C GLN A 297 -3.30 -53.87 14.74
N ILE A 298 -4.26 -53.02 14.38
CA ILE A 298 -5.47 -53.44 13.64
C ILE A 298 -5.14 -53.55 12.15
N LEU A 299 -4.49 -52.54 11.58
CA LEU A 299 -4.25 -52.45 10.12
C LEU A 299 -2.75 -52.38 9.88
N PRO A 300 -2.08 -53.53 9.87
CA PRO A 300 -0.63 -53.55 9.87
C PRO A 300 -0.05 -52.63 8.79
N PRO A 301 -0.53 -52.66 7.53
CA PRO A 301 0.09 -51.82 6.50
C PRO A 301 0.16 -50.32 6.85
N THR A 302 -0.46 -49.85 7.92
CA THR A 302 -0.48 -48.43 8.31
C THR A 302 0.67 -48.10 9.26
N GLU A 303 1.69 -48.97 9.36
CA GLU A 303 2.85 -48.78 10.28
C GLU A 303 3.59 -47.50 9.92
N PRO A 304 3.72 -47.19 8.61
CA PRO A 304 4.46 -46.00 8.20
C PRO A 304 3.99 -44.79 8.99
N LEU A 305 2.71 -44.72 9.40
CA LEU A 305 2.16 -43.49 10.04
C LEU A 305 2.73 -43.43 11.44
N LEU A 306 2.80 -44.58 12.11
CA LEU A 306 3.42 -44.72 13.47
C LEU A 306 4.91 -44.34 13.42
N LYS A 307 5.64 -44.83 12.43
CA LYS A 307 7.08 -44.51 12.32
C LYS A 307 7.23 -42.98 12.29
N ALA A 308 6.51 -42.30 11.40
CA ALA A 308 6.67 -40.84 11.19
C ALA A 308 6.29 -40.13 12.49
N CYS A 309 5.17 -40.52 13.09
CA CYS A 309 4.73 -39.96 14.38
C CYS A 309 5.86 -40.05 15.40
N ARG A 310 6.37 -41.24 15.59
CA ARG A 310 7.52 -41.49 16.49
C ARG A 310 8.69 -40.57 16.12
N ASP A 311 9.07 -40.55 14.83
CA ASP A 311 10.19 -39.70 14.35
C ASP A 311 9.95 -38.30 14.91
N ASN A 312 8.78 -37.73 14.65
CA ASN A 312 8.46 -36.31 14.99
C ASN A 312 8.41 -36.15 16.51
N LEU A 313 7.93 -37.16 17.24
CA LEU A 313 8.04 -37.09 18.71
C LEU A 313 9.50 -36.85 19.04
N SER A 314 10.38 -37.69 18.48
CA SER A 314 11.85 -37.62 18.71
C SER A 314 12.34 -36.19 18.44
N GLN A 315 11.96 -35.61 17.30
CA GLN A 315 12.29 -34.21 16.89
C GLN A 315 11.87 -33.17 17.97
N TRP A 316 10.78 -33.36 18.68
CA TRP A 316 10.28 -32.40 19.72
C TRP A 316 11.12 -32.54 20.97
N GLU A 317 11.50 -33.78 21.31
CA GLU A 317 12.46 -34.02 22.41
C GLU A 317 13.72 -33.23 22.13
N LYS A 318 14.32 -33.48 20.96
CA LYS A 318 15.45 -32.69 20.42
C LYS A 318 15.17 -31.19 20.56
N VAL A 319 13.96 -30.68 20.36
CA VAL A 319 13.72 -29.21 20.43
C VAL A 319 14.00 -28.76 21.87
N ILE A 320 13.50 -29.52 22.85
CA ILE A 320 13.59 -29.15 24.29
C ILE A 320 15.05 -29.17 24.75
N ARG A 321 15.81 -30.19 24.35
CA ARG A 321 17.22 -30.39 24.73
C ARG A 321 18.10 -29.26 24.19
N GLY A 322 17.53 -28.16 23.67
CA GLY A 322 18.28 -27.03 23.08
C GLY A 322 18.83 -27.35 21.69
N GLU A 323 18.72 -28.60 21.19
CA GLU A 323 19.38 -29.14 19.95
C GLU A 323 18.66 -28.72 18.64
N GLU A 324 17.52 -28.00 18.72
CA GLU A 324 16.90 -27.21 17.60
C GLU A 324 15.50 -26.72 18.03
N GLN B 11 -16.45 12.04 -27.09
CA GLN B 11 -15.81 11.59 -25.82
C GLN B 11 -14.32 11.31 -26.04
N GLY B 12 -13.61 12.11 -26.85
CA GLY B 12 -12.24 11.80 -27.32
C GLY B 12 -11.14 12.52 -26.52
N LEU B 13 -11.43 13.79 -26.13
CA LEU B 13 -10.50 14.72 -25.40
C LEU B 13 -10.66 14.50 -23.88
N MET B 14 -10.46 13.24 -23.47
CA MET B 14 -10.59 12.70 -22.09
C MET B 14 -9.20 12.46 -21.54
N GLN B 15 -8.57 13.48 -20.99
CA GLN B 15 -7.22 13.34 -20.43
C GLN B 15 -7.39 13.03 -18.93
N PHE B 16 -6.73 11.98 -18.43
CA PHE B 16 -6.67 11.68 -16.97
C PHE B 16 -5.83 12.76 -16.27
N THR B 17 -6.32 13.30 -15.15
CA THR B 17 -5.56 14.22 -14.29
C THR B 17 -5.30 13.53 -12.96
N LEU B 18 -4.19 13.89 -12.33
CA LEU B 18 -3.82 13.39 -10.98
C LEU B 18 -3.76 14.57 -10.04
N PRO B 19 -3.87 14.35 -8.71
CA PRO B 19 -3.56 15.38 -7.74
C PRO B 19 -2.15 15.95 -7.99
N VAL B 20 -1.96 17.18 -7.57
CA VAL B 20 -0.78 18.00 -7.94
C VAL B 20 0.49 17.28 -7.50
N ARG B 21 0.51 16.64 -6.33
CA ARG B 21 1.75 16.00 -5.83
C ARG B 21 2.01 14.74 -6.66
N LEU B 22 1.02 13.91 -6.91
CA LEU B 22 1.29 12.73 -7.77
C LEU B 22 1.77 13.28 -9.13
N CYS B 23 1.03 14.23 -9.71
CA CYS B 23 1.24 14.76 -11.08
C CYS B 23 2.72 15.09 -11.27
N LYS B 24 3.36 15.66 -10.22
CA LYS B 24 4.77 16.15 -10.23
C LYS B 24 5.71 14.98 -9.89
N GLU B 25 5.50 14.30 -8.77
CA GLU B 25 6.35 13.18 -8.29
C GLU B 25 6.47 12.05 -9.33
N ILE B 26 5.42 11.76 -10.11
CA ILE B 26 5.36 10.54 -10.96
C ILE B 26 6.45 10.58 -12.03
N GLU B 27 6.95 11.79 -12.32
CA GLU B 27 8.00 12.01 -13.34
C GLU B 27 9.33 11.72 -12.68
N LEU B 28 9.38 11.51 -11.37
CA LEU B 28 10.63 11.15 -10.66
C LEU B 28 10.75 9.63 -10.59
N PHE B 29 11.90 9.13 -11.02
CA PHE B 29 12.26 7.70 -11.06
C PHE B 29 11.91 7.09 -9.70
N HIS B 30 12.08 7.83 -8.60
CA HIS B 30 11.95 7.28 -7.22
C HIS B 30 10.50 7.40 -6.72
N PHE B 31 9.52 7.61 -7.60
CA PHE B 31 8.08 7.76 -7.24
C PHE B 31 7.53 6.47 -6.64
N ASP B 32 6.75 6.61 -5.56
CA ASP B 32 5.96 5.51 -4.95
C ASP B 32 4.50 5.67 -5.37
N ILE B 33 3.81 4.59 -5.76
CA ILE B 33 2.42 4.72 -6.26
C ILE B 33 1.41 4.75 -5.10
N GLY B 34 1.89 4.67 -3.88
CA GLY B 34 1.04 4.79 -2.70
C GLY B 34 0.12 3.59 -2.48
N PRO B 35 -0.59 3.58 -1.33
CA PRO B 35 -1.34 2.43 -0.84
C PRO B 35 -2.80 2.28 -1.27
N PHE B 36 -3.31 3.22 -2.06
CA PHE B 36 -4.70 3.26 -2.58
C PHE B 36 -4.76 2.53 -3.92
N GLU B 37 -4.99 1.20 -3.84
CA GLU B 37 -5.23 0.26 -4.97
C GLU B 37 -6.03 0.90 -6.11
N ASN B 38 -7.01 1.74 -5.80
CA ASN B 38 -8.04 2.19 -6.79
C ASN B 38 -7.48 3.29 -7.65
N MET B 39 -6.36 3.90 -7.25
CA MET B 39 -5.75 5.00 -8.04
C MET B 39 -4.72 4.48 -9.05
N TRP B 40 -4.32 3.22 -8.92
CA TRP B 40 -3.28 2.65 -9.80
C TRP B 40 -3.78 2.48 -11.24
N PRO B 41 -5.02 2.03 -11.51
CA PRO B 41 -5.46 2.01 -12.90
C PRO B 41 -5.40 3.43 -13.52
N GLY B 42 -5.85 4.44 -12.78
CA GLY B 42 -5.83 5.84 -13.21
C GLY B 42 -4.41 6.28 -13.50
N ILE B 43 -3.47 5.80 -12.69
CA ILE B 43 -2.02 6.16 -12.80
C ILE B 43 -1.45 5.53 -14.07
N PHE B 44 -1.59 4.23 -14.24
CA PHE B 44 -1.11 3.50 -15.44
C PHE B 44 -1.65 4.15 -16.71
N VAL B 45 -2.97 4.39 -16.76
CA VAL B 45 -3.64 5.03 -17.93
C VAL B 45 -3.11 6.44 -18.14
N TYR B 46 -2.88 7.21 -17.08
CA TYR B 46 -2.34 8.59 -17.19
C TYR B 46 -0.95 8.56 -17.83
N MET B 47 -0.24 7.51 -17.44
CA MET B 47 1.12 7.16 -17.91
C MET B 47 1.08 6.68 -19.35
N VAL B 48 0.09 5.89 -19.80
CA VAL B 48 -0.01 5.48 -21.23
C VAL B 48 -0.30 6.70 -22.12
N HIS B 49 -1.08 7.65 -21.62
CA HIS B 49 -1.59 8.82 -22.38
C HIS B 49 -0.48 9.85 -22.56
N ARG B 50 0.23 10.27 -21.49
CA ARG B 50 1.40 11.18 -21.58
C ARG B 50 2.62 10.53 -22.26
N SER B 51 2.68 9.20 -22.37
CA SER B 51 3.91 8.50 -22.83
C SER B 51 3.77 8.13 -24.30
N CYS B 52 2.55 7.90 -24.82
CA CYS B 52 2.37 7.64 -26.27
C CYS B 52 1.04 8.24 -26.77
N GLY B 53 0.24 8.85 -25.90
CA GLY B 53 -0.87 9.73 -26.32
C GLY B 53 -2.24 9.15 -26.01
N THR B 54 -3.26 10.01 -26.14
CA THR B 54 -4.70 9.75 -25.91
C THR B 54 -5.26 8.82 -27.00
N SER B 55 -4.69 8.87 -28.20
CA SER B 55 -5.06 8.08 -29.41
C SER B 55 -4.54 6.63 -29.36
N CYS B 56 -3.69 6.28 -28.38
CA CYS B 56 -2.84 5.06 -28.37
C CYS B 56 -3.72 3.81 -28.30
N PHE B 57 -4.75 3.88 -27.45
CA PHE B 57 -5.71 2.79 -27.19
C PHE B 57 -7.09 3.39 -27.04
N GLU B 58 -8.11 2.61 -27.40
CA GLU B 58 -9.51 3.00 -27.13
C GLU B 58 -9.66 2.84 -25.60
N LEU B 59 -9.92 3.95 -24.91
CA LEU B 59 -10.08 4.01 -23.44
C LEU B 59 -11.07 2.93 -22.94
N GLU B 60 -12.24 2.74 -23.54
CA GLU B 60 -13.13 1.59 -23.16
C GLU B 60 -12.29 0.28 -23.12
N LYS B 61 -11.74 -0.15 -24.27
CA LYS B 61 -10.95 -1.41 -24.42
C LYS B 61 -9.79 -1.45 -23.41
N LEU B 62 -9.01 -0.36 -23.26
CA LEU B 62 -7.81 -0.33 -22.37
C LEU B 62 -8.23 -0.60 -20.91
N CME B 63 -9.10 0.22 -20.36
CA CME B 63 -9.66 0.10 -18.98
CB CME B 63 -10.68 1.20 -18.66
SG CME B 63 -10.08 2.87 -18.22
SD CME B 63 -9.16 2.68 -16.39
CE CME B 63 -10.46 2.79 -15.13
CZ CME B 63 -10.63 4.21 -14.69
OH CME B 63 -11.83 4.40 -13.98
C CME B 63 -10.19 -1.33 -18.78
O CME B 63 -10.11 -1.86 -17.65
N ARG B 64 -10.75 -1.94 -19.82
CA ARG B 64 -11.29 -3.31 -19.62
C ARG B 64 -10.11 -4.29 -19.61
N PHE B 65 -9.04 -3.97 -20.34
CA PHE B 65 -7.79 -4.78 -20.33
C PHE B 65 -7.15 -4.70 -18.93
N ILE B 66 -7.05 -3.48 -18.38
CA ILE B 66 -6.39 -3.22 -17.06
C ILE B 66 -7.05 -4.05 -15.97
N MET B 67 -8.38 -4.08 -15.93
CA MET B 67 -9.11 -4.67 -14.78
C MET B 67 -8.91 -6.18 -14.87
N SER B 68 -8.94 -6.73 -16.08
CA SER B 68 -8.72 -8.19 -16.30
C SER B 68 -7.28 -8.58 -15.93
N VAL B 69 -6.31 -7.74 -16.25
CA VAL B 69 -4.91 -7.98 -15.82
C VAL B 69 -4.92 -7.99 -14.30
N LYS B 70 -5.55 -7.00 -13.68
CA LYS B 70 -5.47 -6.82 -12.21
C LYS B 70 -6.00 -8.10 -11.56
N LYS B 71 -7.03 -8.66 -12.18
CA LYS B 71 -7.83 -9.77 -11.63
C LYS B 71 -6.94 -11.01 -11.65
N ASN B 72 -5.94 -11.06 -12.53
CA ASN B 72 -5.09 -12.26 -12.75
C ASN B 72 -3.72 -12.13 -12.07
N TYR B 73 -3.48 -11.06 -11.29
CA TYR B 73 -2.41 -11.01 -10.25
C TYR B 73 -3.03 -11.49 -8.94
N ARG B 74 -2.28 -12.28 -8.17
CA ARG B 74 -2.76 -12.83 -6.88
C ARG B 74 -2.35 -11.97 -5.70
N ARG B 75 -2.94 -12.24 -4.55
CA ARG B 75 -2.67 -11.49 -3.31
C ARG B 75 -1.47 -12.15 -2.64
N VAL B 76 -0.33 -12.04 -3.29
CA VAL B 76 0.96 -12.51 -2.74
C VAL B 76 1.65 -11.27 -2.18
N PRO B 77 2.62 -11.48 -1.27
CA PRO B 77 3.32 -10.37 -0.64
C PRO B 77 4.02 -9.39 -1.61
N TYR B 78 4.69 -9.86 -2.68
CA TYR B 78 5.52 -9.01 -3.58
C TYR B 78 5.07 -9.05 -5.06
N HIS B 79 4.92 -10.24 -5.64
CA HIS B 79 4.69 -10.45 -7.10
C HIS B 79 3.21 -10.26 -7.39
N ASN B 80 2.75 -9.05 -7.14
CA ASN B 80 1.31 -8.69 -7.04
C ASN B 80 1.03 -7.47 -7.94
N TRP B 81 -0.21 -7.04 -7.97
CA TRP B 81 -0.68 -5.92 -8.80
C TRP B 81 0.16 -4.66 -8.56
N LYS B 82 0.47 -4.31 -7.31
CA LYS B 82 1.30 -3.10 -7.00
C LYS B 82 2.67 -3.15 -7.70
N HIS B 83 3.38 -4.29 -7.63
CA HIS B 83 4.67 -4.56 -8.31
C HIS B 83 4.54 -4.31 -9.82
N ALA B 84 3.52 -4.90 -10.47
CA ALA B 84 3.25 -4.75 -11.92
C ALA B 84 3.14 -3.27 -12.30
N VAL B 85 2.39 -2.49 -11.51
CA VAL B 85 2.22 -1.03 -11.79
C VAL B 85 3.53 -0.29 -11.47
N THR B 86 4.26 -0.67 -10.42
CA THR B 86 5.53 -0.03 -10.03
C THR B 86 6.59 -0.23 -11.12
N VAL B 87 6.70 -1.45 -11.64
CA VAL B 87 7.58 -1.82 -12.79
C VAL B 87 7.13 -1.03 -14.04
N ALA B 88 5.82 -0.91 -14.30
CA ALA B 88 5.31 -0.09 -15.42
C ALA B 88 5.69 1.39 -15.19
N HIS B 89 5.68 1.86 -13.96
CA HIS B 89 5.98 3.29 -13.72
C HIS B 89 7.44 3.58 -14.05
N CYS B 90 8.38 2.88 -13.41
CA CYS B 90 9.81 2.91 -13.78
C CYS B 90 10.00 2.94 -15.30
N MET B 91 9.29 2.12 -16.04
CA MET B 91 9.46 2.07 -17.51
C MET B 91 8.99 3.40 -18.12
N TYR B 92 7.87 3.96 -17.65
CA TYR B 92 7.35 5.29 -18.06
C TYR B 92 8.46 6.32 -17.86
N ALA B 93 9.08 6.33 -16.69
CA ALA B 93 10.14 7.30 -16.36
C ALA B 93 11.22 7.23 -17.46
N ILE B 94 11.72 6.03 -17.75
CA ILE B 94 12.83 5.83 -18.72
C ILE B 94 12.39 6.33 -20.09
N LEU B 95 11.18 5.95 -20.48
CA LEU B 95 10.54 6.31 -21.78
C LEU B 95 10.45 7.82 -21.87
N GLN B 96 9.97 8.47 -20.81
CA GLN B 96 9.83 9.94 -20.74
C GLN B 96 11.20 10.64 -20.82
N ASN B 97 12.26 10.09 -20.24
CA ASN B 97 13.60 10.74 -20.29
C ASN B 97 14.40 10.34 -21.54
N ASN B 98 13.81 9.63 -22.53
CA ASN B 98 14.49 9.14 -23.75
C ASN B 98 13.48 8.99 -24.92
N HIS B 99 12.59 9.95 -25.15
CA HIS B 99 11.34 9.66 -25.93
C HIS B 99 11.72 9.37 -27.39
N THR B 100 12.70 10.08 -27.94
CA THR B 100 13.09 10.00 -29.37
C THR B 100 13.69 8.65 -29.71
N LEU B 101 14.19 7.89 -28.73
CA LEU B 101 14.91 6.62 -29.01
C LEU B 101 13.93 5.51 -29.41
N PHE B 102 12.66 5.53 -28.98
CA PHE B 102 11.73 4.38 -29.17
C PHE B 102 10.52 4.71 -30.09
N THR B 103 10.13 3.74 -30.93
CA THR B 103 8.94 3.82 -31.82
C THR B 103 7.68 3.92 -30.95
N ASP B 104 6.54 4.29 -31.51
CA ASP B 104 5.26 4.35 -30.75
C ASP B 104 4.87 2.91 -30.41
N LEU B 105 4.97 1.99 -31.38
CA LEU B 105 4.84 0.52 -31.14
C LEU B 105 5.53 0.17 -29.83
N GLU B 106 6.83 0.47 -29.70
CA GLU B 106 7.64 0.15 -28.52
C GLU B 106 7.06 0.88 -27.31
N ARG B 107 6.83 2.18 -27.38
CA ARG B 107 6.29 2.90 -26.19
C ARG B 107 5.00 2.17 -25.75
N LYS B 108 4.19 1.66 -26.70
CA LYS B 108 2.88 1.01 -26.44
C LYS B 108 3.12 -0.33 -25.76
N GLY B 109 3.87 -1.23 -26.42
CA GLY B 109 4.20 -2.59 -25.94
C GLY B 109 4.91 -2.63 -24.59
N LEU B 110 5.91 -1.78 -24.37
CA LEU B 110 6.74 -1.81 -23.14
C LEU B 110 5.88 -1.50 -21.90
N LEU B 111 4.98 -0.52 -21.92
CA LEU B 111 4.17 -0.24 -20.69
C LEU B 111 3.21 -1.42 -20.47
N ILE B 112 2.60 -1.92 -21.54
CA ILE B 112 1.69 -3.10 -21.46
C ILE B 112 2.49 -4.28 -20.95
N ALA B 113 3.65 -4.52 -21.56
CA ALA B 113 4.59 -5.57 -21.14
C ALA B 113 4.89 -5.45 -19.64
N CYS B 114 5.29 -4.27 -19.17
CA CYS B 114 5.63 -4.06 -17.75
C CYS B 114 4.42 -4.40 -16.86
N LEU B 115 3.23 -3.90 -17.23
CA LEU B 115 1.98 -4.20 -16.49
C LEU B 115 1.72 -5.69 -16.46
N CYS B 116 2.08 -6.45 -17.49
CA CYS B 116 1.68 -7.88 -17.58
C CYS B 116 2.80 -8.85 -17.14
N HIS B 117 4.00 -8.35 -16.86
CA HIS B 117 5.24 -9.19 -16.85
C HIS B 117 5.15 -10.32 -15.82
N ASP B 118 4.37 -10.16 -14.76
CA ASP B 118 4.32 -11.12 -13.63
C ASP B 118 2.93 -11.72 -13.49
N LEU B 119 2.09 -11.66 -14.53
CA LEU B 119 0.69 -12.16 -14.47
C LEU B 119 0.67 -13.54 -13.83
N ASP B 120 -0.14 -13.69 -12.78
CA ASP B 120 -0.55 -15.00 -12.21
C ASP B 120 0.65 -15.63 -11.50
N HIS B 121 1.50 -14.77 -10.92
CA HIS B 121 2.64 -15.17 -10.05
C HIS B 121 2.08 -15.75 -8.74
N ARG B 122 2.67 -16.85 -8.27
CA ARG B 122 2.21 -17.57 -7.06
C ARG B 122 3.15 -17.28 -5.90
N GLY B 123 4.19 -16.47 -6.15
CA GLY B 123 5.26 -16.06 -5.20
C GLY B 123 6.42 -17.04 -5.17
N PHE B 124 6.46 -17.99 -6.11
CA PHE B 124 7.51 -19.04 -6.15
C PHE B 124 8.37 -18.86 -7.40
N SER B 125 9.67 -19.11 -7.27
CA SER B 125 10.68 -19.03 -8.36
C SER B 125 10.49 -20.15 -9.39
N ASN B 126 11.14 -20.00 -10.54
CA ASN B 126 11.32 -21.06 -11.55
C ASN B 126 11.94 -22.31 -10.91
N SER B 127 12.88 -22.14 -9.97
CA SER B 127 13.58 -23.30 -9.37
C SER B 127 12.55 -24.06 -8.58
N TYR B 128 11.68 -23.33 -7.86
CA TYR B 128 10.78 -24.02 -6.90
C TYR B 128 9.84 -24.87 -7.73
N LEU B 129 9.24 -24.26 -8.76
CA LEU B 129 8.35 -24.92 -9.75
C LEU B 129 9.07 -26.18 -10.28
N GLN B 130 10.37 -26.09 -10.56
CA GLN B 130 11.15 -27.18 -11.21
C GLN B 130 11.21 -28.37 -10.23
N LYS B 131 11.68 -28.16 -9.01
CA LYS B 131 11.87 -29.23 -7.99
C LYS B 131 10.51 -29.70 -7.48
N PHE B 132 9.52 -28.83 -7.42
CA PHE B 132 8.15 -29.25 -7.04
C PHE B 132 7.58 -30.20 -8.11
N ASP B 133 8.08 -30.08 -9.34
CA ASP B 133 7.51 -30.83 -10.48
C ASP B 133 6.12 -30.24 -10.75
N HIS B 134 6.01 -28.92 -10.78
CA HIS B 134 4.79 -28.21 -11.22
C HIS B 134 4.56 -28.45 -12.71
N PRO B 135 3.31 -28.67 -13.13
CA PRO B 135 2.97 -28.79 -14.56
C PRO B 135 3.51 -27.69 -15.48
N LEU B 136 3.57 -26.45 -15.06
CA LEU B 136 4.16 -25.40 -15.92
C LEU B 136 5.64 -25.72 -16.21
N ALA B 137 6.38 -26.43 -15.35
CA ALA B 137 7.82 -26.70 -15.58
C ALA B 137 8.00 -27.76 -16.69
N ALA B 138 6.92 -28.50 -16.99
CA ALA B 138 6.82 -29.51 -18.06
C ALA B 138 6.46 -28.84 -19.39
N LEU B 139 5.59 -27.84 -19.33
CA LEU B 139 5.19 -26.95 -20.45
C LEU B 139 6.40 -26.14 -20.92
N TYR B 140 7.18 -25.62 -19.98
CA TYR B 140 8.14 -24.51 -20.20
C TYR B 140 9.45 -24.92 -19.55
N SER B 141 10.34 -25.54 -20.31
CA SER B 141 11.56 -26.16 -19.71
C SER B 141 12.45 -25.04 -19.13
N THR B 142 12.55 -23.85 -19.76
CA THR B 142 13.25 -22.67 -19.17
C THR B 142 12.36 -21.41 -19.14
N SER B 143 12.76 -20.44 -18.33
CA SER B 143 12.01 -19.21 -17.99
C SER B 143 10.54 -19.59 -17.76
N THR B 144 10.33 -20.64 -16.97
CA THR B 144 9.03 -21.35 -16.85
C THR B 144 7.92 -20.33 -16.56
N MET B 145 8.06 -19.58 -15.45
CA MET B 145 7.08 -18.53 -15.07
C MET B 145 7.00 -17.47 -16.18
N GLU B 146 8.12 -17.02 -16.75
CA GLU B 146 8.04 -15.91 -17.72
C GLU B 146 7.28 -16.38 -18.98
N GLN B 147 7.49 -17.61 -19.46
CA GLN B 147 6.70 -18.07 -20.64
C GLN B 147 5.18 -18.08 -20.25
N HIS B 148 4.85 -18.46 -19.00
CA HIS B 148 3.46 -18.42 -18.41
C HIS B 148 2.88 -17.01 -18.43
N HIS B 149 3.57 -16.05 -17.82
CA HIS B 149 3.25 -14.61 -17.85
C HIS B 149 2.87 -14.15 -19.26
N PHE B 150 3.62 -14.57 -20.28
CA PHE B 150 3.38 -14.04 -21.65
C PHE B 150 2.09 -14.66 -22.19
N SER B 151 2.03 -15.98 -22.15
CA SER B 151 0.84 -16.81 -22.49
C SER B 151 -0.41 -16.25 -21.80
N GLN B 152 -0.32 -15.94 -20.52
CA GLN B 152 -1.46 -15.31 -19.82
C GLN B 152 -1.80 -13.98 -20.45
N THR B 153 -0.83 -13.27 -21.00
CA THR B 153 -1.05 -11.92 -21.53
C THR B 153 -1.87 -12.04 -22.81
N VAL B 154 -1.45 -12.98 -23.68
CA VAL B 154 -2.12 -13.29 -24.98
C VAL B 154 -3.56 -13.76 -24.71
N SER B 155 -3.77 -14.57 -23.67
CA SER B 155 -5.11 -15.01 -23.22
C SER B 155 -6.01 -13.82 -22.93
N ILE B 156 -5.54 -12.92 -22.09
CA ILE B 156 -6.37 -11.76 -21.68
C ILE B 156 -6.58 -10.84 -22.88
N LEU B 157 -5.66 -10.85 -23.86
CA LEU B 157 -5.76 -10.01 -25.08
C LEU B 157 -6.83 -10.56 -26.06
N GLN B 158 -7.26 -11.80 -25.86
CA GLN B 158 -8.21 -12.48 -26.76
C GLN B 158 -9.60 -12.55 -26.11
N LEU B 159 -9.73 -12.06 -24.88
CA LEU B 159 -11.04 -11.94 -24.22
C LEU B 159 -11.91 -10.94 -25.00
N GLU B 160 -13.22 -11.21 -25.22
CA GLU B 160 -14.21 -10.35 -25.97
C GLU B 160 -14.03 -8.90 -25.48
N GLY B 161 -13.64 -8.01 -26.41
CA GLY B 161 -13.47 -6.57 -26.19
C GLY B 161 -12.29 -6.23 -25.28
N HIS B 162 -11.20 -7.01 -25.32
CA HIS B 162 -9.90 -6.67 -24.66
C HIS B 162 -8.79 -6.32 -25.65
N ASN B 163 -8.91 -6.66 -26.94
CA ASN B 163 -7.82 -6.43 -27.93
C ASN B 163 -7.59 -4.93 -28.17
N ILE B 164 -6.80 -4.33 -27.26
CA ILE B 164 -6.32 -2.92 -27.27
C ILE B 164 -5.43 -2.63 -28.48
N PHE B 165 -5.16 -3.58 -29.36
CA PHE B 165 -4.33 -3.42 -30.58
C PHE B 165 -5.17 -3.70 -31.83
N SER B 166 -6.49 -3.57 -31.70
CA SER B 166 -7.50 -3.62 -32.79
C SER B 166 -7.07 -2.69 -33.95
N THR B 167 -6.55 -1.48 -33.66
CA THR B 167 -6.22 -0.49 -34.71
C THR B 167 -4.97 -0.93 -35.52
N LEU B 168 -4.01 -1.65 -34.93
CA LEU B 168 -2.69 -1.95 -35.59
C LEU B 168 -2.89 -2.77 -36.87
N SER B 169 -1.98 -2.64 -37.84
CA SER B 169 -1.89 -3.58 -38.99
C SER B 169 -1.72 -5.00 -38.45
N SER B 170 -1.93 -6.01 -39.27
CA SER B 170 -1.68 -7.42 -38.90
C SER B 170 -0.15 -7.61 -38.72
N SER B 171 0.64 -6.68 -39.30
CA SER B 171 2.13 -6.66 -39.22
C SER B 171 2.53 -5.94 -37.95
N GLU B 172 2.10 -4.69 -37.78
CA GLU B 172 2.35 -3.91 -36.55
C GLU B 172 1.94 -4.78 -35.33
N TYR B 173 0.78 -5.46 -35.36
CA TYR B 173 0.29 -6.32 -34.27
C TYR B 173 1.39 -7.34 -33.97
N GLU B 174 1.65 -8.26 -34.89
CA GLU B 174 2.71 -9.30 -34.80
C GLU B 174 3.96 -8.68 -34.16
N GLN B 175 4.39 -7.48 -34.57
CA GLN B 175 5.60 -6.84 -34.02
C GLN B 175 5.38 -6.55 -32.55
N VAL B 176 4.33 -5.79 -32.20
CA VAL B 176 4.10 -5.33 -30.80
C VAL B 176 3.94 -6.57 -29.91
N LEU B 177 3.42 -7.68 -30.40
CA LEU B 177 3.39 -8.94 -29.61
C LEU B 177 4.80 -9.44 -29.36
N GLU B 178 5.64 -9.35 -30.40
CA GLU B 178 7.06 -9.81 -30.31
C GLU B 178 7.75 -8.94 -29.27
N ILE B 179 7.58 -7.61 -29.30
CA ILE B 179 8.18 -6.68 -28.31
C ILE B 179 7.85 -7.19 -26.91
N ILE B 180 6.55 -7.44 -26.65
CA ILE B 180 5.98 -7.88 -25.35
C ILE B 180 6.46 -9.28 -24.98
N ARG B 181 6.62 -10.23 -25.91
CA ARG B 181 7.09 -11.58 -25.53
C ARG B 181 8.56 -11.47 -25.10
N LYS B 182 9.37 -10.76 -25.88
CA LYS B 182 10.81 -10.62 -25.59
C LYS B 182 10.99 -9.86 -24.28
N ALA B 183 10.29 -8.73 -24.10
CA ALA B 183 10.41 -7.95 -22.85
C ALA B 183 10.00 -8.84 -21.66
N ILE B 184 8.99 -9.68 -21.81
CA ILE B 184 8.56 -10.49 -20.65
C ILE B 184 9.61 -11.57 -20.38
N ILE B 185 10.09 -12.31 -21.38
CA ILE B 185 11.16 -13.34 -21.15
C ILE B 185 12.38 -12.71 -20.48
N ALA B 186 12.76 -11.49 -20.88
CA ALA B 186 13.92 -10.74 -20.31
C ALA B 186 13.78 -10.48 -18.79
N THR B 187 12.59 -10.52 -18.21
CA THR B 187 12.49 -10.30 -16.75
C THR B 187 12.90 -11.56 -16.00
N ASP B 188 13.11 -12.71 -16.66
CA ASP B 188 13.78 -13.88 -16.05
C ASP B 188 15.22 -13.47 -15.71
N LEU B 189 15.56 -13.32 -14.43
CA LEU B 189 16.90 -12.80 -14.08
C LEU B 189 18.02 -13.75 -14.54
N ALA B 190 17.78 -15.03 -14.71
CA ALA B 190 18.80 -15.94 -15.28
C ALA B 190 19.32 -15.38 -16.60
N LEU B 191 18.47 -14.73 -17.40
CA LEU B 191 18.88 -14.25 -18.75
C LEU B 191 19.59 -12.91 -18.64
N TYR B 192 19.33 -12.19 -17.56
CA TYR B 192 19.93 -10.85 -17.30
C TYR B 192 21.44 -10.91 -17.48
N PHE B 193 22.10 -11.77 -16.72
CA PHE B 193 23.59 -11.79 -16.58
C PHE B 193 24.31 -11.82 -17.93
N GLY B 194 23.98 -12.75 -18.86
CA GLY B 194 24.50 -12.78 -20.24
C GLY B 194 24.17 -11.49 -21.00
N ASN B 195 22.91 -11.11 -20.95
CA ASN B 195 22.40 -9.90 -21.66
C ASN B 195 23.17 -8.66 -21.20
N ARG B 196 23.35 -8.45 -19.91
CA ARG B 196 24.21 -7.34 -19.46
C ARG B 196 25.67 -7.54 -19.91
N LYS B 197 26.22 -8.75 -19.90
CA LYS B 197 27.61 -8.94 -20.36
C LYS B 197 27.67 -8.41 -21.81
N GLN B 198 26.80 -8.86 -22.72
CA GLN B 198 26.80 -8.38 -24.13
C GLN B 198 26.67 -6.85 -24.29
N LEU B 199 25.84 -6.16 -23.52
CA LEU B 199 25.64 -4.69 -23.70
C LEU B 199 26.86 -3.93 -23.17
N GLU B 200 27.34 -4.30 -21.98
CA GLU B 200 28.60 -3.79 -21.39
C GLU B 200 29.74 -3.94 -22.39
N GLU B 201 29.77 -5.06 -23.13
CA GLU B 201 30.85 -5.38 -24.10
C GLU B 201 30.64 -4.54 -25.35
N MET B 202 29.47 -4.63 -25.99
CA MET B 202 29.17 -3.84 -27.22
C MET B 202 29.36 -2.34 -26.95
N TYR B 203 28.97 -1.88 -25.76
CA TYR B 203 29.02 -0.46 -25.42
C TYR B 203 30.47 0.01 -25.46
N GLN B 204 31.35 -0.70 -24.77
CA GLN B 204 32.73 -0.20 -24.58
C GLN B 204 33.66 -0.50 -25.78
N THR B 205 33.21 -1.27 -26.79
CA THR B 205 33.95 -1.46 -28.06
C THR B 205 33.41 -0.46 -29.09
N GLY B 206 32.36 0.29 -28.71
CA GLY B 206 31.66 1.27 -29.58
C GLY B 206 30.72 0.59 -30.59
N SER B 207 30.62 -0.74 -30.62
CA SER B 207 29.82 -1.53 -31.61
C SER B 207 28.30 -1.43 -31.37
N LEU B 208 27.86 -0.78 -30.30
CA LEU B 208 26.43 -0.84 -29.89
C LEU B 208 25.64 -0.02 -30.89
N ASN B 209 24.55 -0.58 -31.41
CA ASN B 209 23.85 0.02 -32.56
C ASN B 209 22.34 -0.14 -32.40
N LEU B 210 21.69 0.90 -31.90
CA LEU B 210 20.24 0.92 -31.66
C LEU B 210 19.48 0.75 -32.99
N ASN B 211 20.07 1.01 -34.15
CA ASN B 211 19.37 0.68 -35.43
C ASN B 211 19.54 -0.82 -35.72
N ASN B 212 20.34 -1.52 -34.91
CA ASN B 212 20.43 -3.00 -35.00
C ASN B 212 19.29 -3.56 -34.13
N GLN B 213 18.34 -4.30 -34.73
CA GLN B 213 17.16 -4.89 -34.04
C GLN B 213 17.65 -5.74 -32.87
N SER B 214 18.72 -6.51 -33.08
CA SER B 214 19.27 -7.50 -32.12
C SER B 214 19.89 -6.71 -30.94
N HIS B 215 20.52 -5.59 -31.22
CA HIS B 215 21.05 -4.66 -30.19
C HIS B 215 19.87 -4.05 -29.44
N ARG B 216 18.82 -3.61 -30.14
CA ARG B 216 17.62 -2.98 -29.54
C ARG B 216 16.99 -3.93 -28.53
N ASP B 217 16.57 -5.09 -29.02
CA ASP B 217 16.09 -6.20 -28.18
C ASP B 217 16.90 -6.18 -26.86
N ARG B 218 18.22 -6.23 -26.96
CA ARG B 218 19.07 -6.39 -25.77
C ARG B 218 18.82 -5.23 -24.80
N VAL B 219 18.85 -3.99 -25.28
CA VAL B 219 18.74 -2.79 -24.40
C VAL B 219 17.35 -2.82 -23.75
N ILE B 220 16.34 -3.26 -24.51
CA ILE B 220 14.97 -3.32 -23.97
C ILE B 220 14.98 -4.33 -22.82
N GLY B 221 15.53 -5.52 -23.03
CA GLY B 221 15.82 -6.54 -22.00
C GLY B 221 16.45 -5.90 -20.79
N LEU B 222 17.54 -5.18 -20.96
CA LEU B 222 18.15 -4.51 -19.79
C LEU B 222 17.12 -3.59 -19.17
N MET B 223 16.40 -2.82 -19.97
CA MET B 223 15.44 -1.85 -19.39
C MET B 223 14.41 -2.64 -18.58
N MET B 224 13.99 -3.79 -19.08
CA MET B 224 13.03 -4.64 -18.35
C MET B 224 13.64 -5.08 -17.01
N THR B 225 14.84 -5.64 -16.98
CA THR B 225 15.48 -6.01 -15.68
C THR B 225 15.52 -4.80 -14.72
N ALA B 226 15.96 -3.64 -15.20
CA ALA B 226 16.15 -2.41 -14.40
C ALA B 226 14.82 -1.99 -13.75
N CYS B 227 13.77 -1.81 -14.56
CA CYS B 227 12.38 -1.60 -14.06
C CYS B 227 11.92 -2.68 -13.07
N ASP B 228 12.20 -3.95 -13.34
CA ASP B 228 11.74 -5.08 -12.51
C ASP B 228 12.47 -5.00 -11.16
N LEU B 229 13.71 -4.51 -11.11
CA LEU B 229 14.47 -4.41 -9.84
C LEU B 229 14.29 -3.03 -9.21
N CYS B 230 13.41 -2.19 -9.74
CA CYS B 230 13.39 -0.76 -9.37
C CYS B 230 13.02 -0.52 -7.91
N SER B 231 12.62 -1.52 -7.14
CA SER B 231 12.34 -1.27 -5.70
C SER B 231 13.66 -0.94 -4.99
N VAL B 232 14.79 -1.33 -5.57
CA VAL B 232 16.15 -1.02 -5.03
C VAL B 232 16.55 0.41 -5.33
N THR B 233 15.82 1.14 -6.19
CA THR B 233 16.12 2.52 -6.69
C THR B 233 15.16 3.56 -6.11
N LYS B 234 14.53 3.24 -5.00
CA LYS B 234 13.58 4.16 -4.34
C LYS B 234 14.39 4.76 -3.19
N LEU B 235 13.83 5.77 -2.53
CA LEU B 235 14.38 6.33 -1.27
C LEU B 235 14.37 5.23 -0.22
N TRP B 236 15.43 5.14 0.57
CA TRP B 236 15.63 4.12 1.63
C TRP B 236 14.31 3.66 2.24
N PRO B 237 13.48 4.55 2.84
CA PRO B 237 12.34 4.12 3.67
C PRO B 237 11.35 3.19 2.96
N VAL B 238 11.21 3.36 1.64
CA VAL B 238 10.36 2.54 0.73
C VAL B 238 11.08 1.23 0.42
N THR B 239 12.36 1.34 0.02
CA THR B 239 13.23 0.19 -0.30
C THR B 239 13.35 -0.75 0.91
N LYS B 240 13.43 -0.18 2.10
CA LYS B 240 13.54 -0.95 3.35
C LYS B 240 12.26 -1.77 3.55
N LEU B 241 11.10 -1.15 3.36
CA LEU B 241 9.79 -1.80 3.63
C LEU B 241 9.47 -2.74 2.46
N THR B 242 9.93 -2.41 1.25
CA THR B 242 9.60 -3.28 0.09
C THR B 242 10.40 -4.57 0.22
N ALA B 243 11.54 -4.51 0.92
CA ALA B 243 12.44 -5.65 1.22
C ALA B 243 11.68 -6.66 2.07
N ASN B 244 10.83 -6.21 2.99
CA ASN B 244 10.04 -7.11 3.87
C ASN B 244 9.11 -7.94 2.98
N ASP B 245 8.66 -7.35 1.89
CA ASP B 245 7.72 -8.02 0.96
C ASP B 245 8.50 -9.09 0.20
N ILE B 246 9.66 -8.79 -0.36
CA ILE B 246 10.29 -9.79 -1.25
C ILE B 246 10.72 -10.99 -0.40
N TYR B 247 11.24 -10.75 0.81
CA TYR B 247 11.73 -11.81 1.72
C TYR B 247 10.54 -12.60 2.26
N ALA B 248 9.38 -12.00 2.35
CA ALA B 248 8.18 -12.71 2.86
C ALA B 248 7.85 -13.84 1.88
N GLU B 249 8.02 -13.58 0.58
CA GLU B 249 7.92 -14.61 -0.50
C GLU B 249 9.10 -15.59 -0.40
N PHE B 250 10.33 -15.08 -0.27
CA PHE B 250 11.55 -15.93 -0.26
C PHE B 250 11.40 -16.93 0.86
N TRP B 251 10.96 -16.48 2.02
CA TRP B 251 10.89 -17.31 3.25
C TRP B 251 9.84 -18.39 3.08
N ALA B 252 8.70 -18.03 2.53
CA ALA B 252 7.64 -19.02 2.27
C ALA B 252 8.15 -20.06 1.24
N GLU B 253 8.96 -19.63 0.27
CA GLU B 253 9.53 -20.54 -0.74
C GLU B 253 10.52 -21.44 -0.02
N GLY B 254 11.40 -20.85 0.78
CA GLY B 254 12.37 -21.61 1.58
C GLY B 254 11.69 -22.60 2.49
N ASP B 255 10.55 -22.26 3.08
CA ASP B 255 9.72 -23.21 3.87
C ASP B 255 9.26 -24.37 2.98
N GLU B 256 8.88 -24.09 1.72
CA GLU B 256 8.29 -25.11 0.83
C GLU B 256 9.40 -25.94 0.17
N MET B 257 10.64 -25.47 0.18
CA MET B 257 11.81 -26.28 -0.24
C MET B 257 12.06 -27.30 0.87
N LYS B 258 11.99 -26.81 2.11
CA LYS B 258 12.16 -27.61 3.35
C LYS B 258 11.13 -28.71 3.31
N LYS B 259 9.91 -28.45 2.87
CA LYS B 259 8.87 -29.52 2.85
C LYS B 259 9.13 -30.53 1.74
N LEU B 260 9.92 -30.22 0.70
CA LEU B 260 10.34 -31.27 -0.28
C LEU B 260 11.63 -31.90 0.23
N GLY B 261 12.11 -31.47 1.39
CA GLY B 261 13.33 -32.04 1.98
C GLY B 261 14.52 -31.55 1.22
N ILE B 262 14.46 -30.30 0.78
CA ILE B 262 15.63 -29.64 0.14
C ILE B 262 16.03 -28.45 1.01
N GLN B 263 17.28 -28.42 1.50
CA GLN B 263 17.74 -27.27 2.31
C GLN B 263 17.81 -26.13 1.32
N PRO B 264 17.05 -25.03 1.53
CA PRO B 264 17.03 -23.93 0.56
C PRO B 264 18.33 -23.15 0.65
N ILE B 265 18.58 -22.32 -0.34
CA ILE B 265 19.68 -21.34 -0.24
C ILE B 265 19.35 -20.38 0.91
N PRO B 266 20.37 -19.75 1.53
CA PRO B 266 20.17 -18.98 2.76
C PRO B 266 19.20 -17.80 2.61
N MET B 267 19.34 -17.10 1.49
CA MET B 267 18.45 -15.97 1.11
C MET B 267 17.00 -16.33 1.48
N MET B 268 16.57 -17.59 1.28
CA MET B 268 15.15 -18.05 1.41
C MET B 268 14.89 -18.75 2.75
N ASP B 269 15.89 -18.88 3.60
CA ASP B 269 15.77 -19.62 4.89
C ASP B 269 15.39 -18.62 5.99
N ARG B 270 14.16 -18.68 6.52
CA ARG B 270 13.77 -17.69 7.56
C ARG B 270 14.65 -17.84 8.81
N ASP B 271 15.23 -18.99 9.07
CA ASP B 271 16.11 -19.16 10.26
C ASP B 271 17.42 -18.39 10.08
N LYS B 272 17.70 -17.81 8.90
CA LYS B 272 18.94 -17.02 8.63
C LYS B 272 18.59 -15.57 8.31
N LYS B 273 17.69 -14.95 9.10
CA LYS B 273 17.29 -13.52 8.93
C LYS B 273 18.46 -12.59 9.20
N ASP B 274 19.19 -12.84 10.28
CA ASP B 274 20.40 -12.07 10.65
C ASP B 274 21.37 -11.96 9.45
N GLU B 275 21.31 -12.83 8.41
CA GLU B 275 22.26 -12.85 7.24
C GLU B 275 21.75 -12.02 6.05
N VAL B 276 20.62 -11.33 6.24
CA VAL B 276 19.93 -10.58 5.14
C VAL B 276 20.78 -9.39 4.75
N PRO B 277 21.30 -8.58 5.68
CA PRO B 277 22.06 -7.42 5.25
C PRO B 277 23.28 -7.83 4.38
N GLN B 278 23.96 -8.95 4.66
CA GLN B 278 25.10 -9.38 3.81
C GLN B 278 24.55 -9.83 2.44
N GLY B 279 23.45 -10.60 2.39
CA GLY B 279 22.75 -11.00 1.14
C GLY B 279 22.24 -9.79 0.32
N GLN B 280 21.71 -8.74 0.95
CA GLN B 280 21.32 -7.50 0.23
C GLN B 280 22.56 -6.89 -0.42
N LEU B 281 23.65 -6.74 0.33
CA LEU B 281 24.95 -6.20 -0.15
C LEU B 281 25.44 -7.04 -1.33
N GLY B 282 25.53 -8.35 -1.15
CA GLY B 282 25.85 -9.30 -2.22
C GLY B 282 25.02 -9.03 -3.46
N PHE B 283 23.73 -8.78 -3.30
CA PHE B 283 22.75 -8.58 -4.40
C PHE B 283 23.08 -7.34 -5.20
N TYR B 284 23.25 -6.21 -4.47
CA TYR B 284 23.51 -4.84 -5.00
C TYR B 284 24.83 -4.79 -5.76
N ASN B 285 25.87 -5.47 -5.24
CA ASN B 285 27.22 -5.54 -5.86
C ASN B 285 27.19 -6.44 -7.10
N ALA B 286 26.43 -7.55 -7.04
CA ALA B 286 26.41 -8.62 -8.06
C ALA B 286 25.38 -8.36 -9.15
N VAL B 287 24.33 -7.57 -8.88
CA VAL B 287 23.17 -7.50 -9.82
C VAL B 287 22.70 -6.05 -10.03
N ALA B 288 22.29 -5.37 -8.97
CA ALA B 288 21.68 -4.02 -9.04
C ALA B 288 22.67 -3.00 -9.62
N ILE B 289 23.78 -2.70 -8.95
CA ILE B 289 24.68 -1.61 -9.40
C ILE B 289 25.16 -1.88 -10.84
N PRO B 290 25.55 -3.12 -11.18
CA PRO B 290 25.93 -3.43 -12.56
C PRO B 290 24.85 -3.06 -13.56
N CYS B 291 23.64 -3.51 -13.24
CA CYS B 291 22.42 -3.37 -14.09
C CYS B 291 22.21 -1.88 -14.34
N TYR B 292 22.28 -1.05 -13.29
CA TYR B 292 21.99 0.41 -13.38
C TYR B 292 23.23 1.15 -13.92
N THR B 293 24.43 0.61 -13.70
CA THR B 293 25.63 1.19 -14.35
C THR B 293 25.42 1.07 -15.86
N THR B 294 25.41 -0.15 -16.40
CA THR B 294 25.30 -0.38 -17.86
C THR B 294 24.14 0.41 -18.44
N LEU B 295 23.01 0.48 -17.75
CA LEU B 295 21.81 1.20 -18.24
C LEU B 295 22.11 2.70 -18.40
N THR B 296 22.79 3.31 -17.42
CA THR B 296 23.19 4.74 -17.44
C THR B 296 24.16 4.98 -18.61
N GLN B 297 25.14 4.12 -18.77
CA GLN B 297 26.11 4.21 -19.90
C GLN B 297 25.32 4.28 -21.21
N ILE B 298 24.36 3.39 -21.41
CA ILE B 298 23.63 3.28 -22.71
C ILE B 298 22.58 4.41 -22.79
N LEU B 299 21.90 4.70 -21.69
CA LEU B 299 20.77 5.67 -21.60
C LEU B 299 21.09 6.61 -20.46
N PRO B 300 22.05 7.55 -20.64
CA PRO B 300 22.49 8.42 -19.55
C PRO B 300 21.45 9.14 -18.70
N PRO B 301 20.22 9.45 -19.20
CA PRO B 301 19.19 10.09 -18.38
C PRO B 301 18.49 9.17 -17.34
N THR B 302 18.80 7.88 -17.34
CA THR B 302 18.43 6.89 -16.28
C THR B 302 19.35 6.98 -15.06
N GLU B 303 20.39 7.80 -15.15
CA GLU B 303 21.34 8.10 -14.05
C GLU B 303 20.65 8.08 -12.68
N PRO B 304 19.49 8.73 -12.46
CA PRO B 304 18.95 8.84 -11.10
C PRO B 304 18.61 7.48 -10.47
N LEU B 305 18.38 6.44 -11.30
CA LEU B 305 18.23 5.03 -10.81
C LEU B 305 19.55 4.60 -10.18
N LEU B 306 20.64 4.62 -10.95
CA LEU B 306 21.94 4.16 -10.41
C LEU B 306 22.27 5.03 -9.19
N LYS B 307 21.92 6.30 -9.21
CA LYS B 307 22.28 7.23 -8.12
C LYS B 307 21.63 6.69 -6.84
N ALA B 308 20.34 6.37 -6.93
CA ALA B 308 19.48 5.90 -5.82
C ALA B 308 19.88 4.49 -5.38
N CYS B 309 20.25 3.65 -6.37
CA CYS B 309 20.81 2.29 -6.14
C CYS B 309 22.06 2.42 -5.28
N ARG B 310 23.03 3.27 -5.68
CA ARG B 310 24.28 3.50 -4.90
C ARG B 310 23.86 3.94 -3.49
N ASP B 311 22.90 4.88 -3.34
CA ASP B 311 22.58 5.43 -1.99
C ASP B 311 22.12 4.25 -1.11
N ASN B 312 21.26 3.38 -1.64
CA ASN B 312 20.64 2.23 -0.93
C ASN B 312 21.69 1.17 -0.57
N LEU B 313 22.58 0.80 -1.49
CA LEU B 313 23.82 0.03 -1.15
C LEU B 313 24.45 0.65 0.10
N SER B 314 24.72 1.96 0.06
CA SER B 314 25.36 2.69 1.19
C SER B 314 24.51 2.64 2.48
N GLN B 315 23.19 2.48 2.43
CA GLN B 315 22.37 2.30 3.68
C GLN B 315 22.43 0.86 4.21
N TRP B 316 22.55 -0.12 3.33
CA TRP B 316 22.77 -1.53 3.75
C TRP B 316 24.13 -1.64 4.47
N GLU B 317 25.15 -0.94 3.97
CA GLU B 317 26.49 -0.96 4.61
C GLU B 317 26.24 -0.51 6.05
N LYS B 318 25.51 0.60 6.25
CA LYS B 318 25.21 1.21 7.59
C LYS B 318 24.63 0.16 8.50
N VAL B 319 23.72 -0.65 7.99
CA VAL B 319 23.01 -1.70 8.76
C VAL B 319 24.00 -2.82 9.12
N ILE B 320 24.89 -3.25 8.22
CA ILE B 320 25.86 -4.34 8.59
C ILE B 320 26.71 -3.85 9.76
N ARG B 321 27.29 -2.66 9.62
CA ARG B 321 28.05 -1.91 10.67
C ARG B 321 27.14 -1.65 11.90
N GLY B 322 25.82 -1.64 11.75
CA GLY B 322 24.91 -1.42 12.90
C GLY B 322 24.71 0.05 13.25
N GLU B 323 25.25 1.00 12.48
CA GLU B 323 24.98 2.46 12.64
C GLU B 323 23.51 2.80 12.31
N GLU B 324 22.74 1.92 11.61
CA GLU B 324 21.26 2.06 11.38
C GLU B 324 20.49 0.76 11.76
N THR B 325 19.21 0.94 12.19
CA THR B 325 18.15 -0.10 12.37
C THR B 325 17.61 -0.54 11.00
N GLY C 12 -42.85 -6.31 11.83
CA GLY C 12 -42.10 -6.91 12.97
C GLY C 12 -42.95 -7.89 13.76
N LEU C 13 -43.40 -8.99 13.13
CA LEU C 13 -43.98 -10.21 13.77
C LEU C 13 -42.86 -11.17 14.22
N MET C 14 -41.81 -11.32 13.39
CA MET C 14 -40.49 -11.88 13.78
C MET C 14 -39.79 -10.88 14.70
N GLN C 15 -39.31 -11.32 15.87
CA GLN C 15 -38.28 -10.62 16.67
C GLN C 15 -36.96 -11.36 16.47
N PHE C 16 -35.91 -10.92 17.15
CA PHE C 16 -34.63 -11.67 17.21
C PHE C 16 -34.41 -12.08 18.65
N THR C 17 -33.82 -13.24 18.88
CA THR C 17 -33.29 -13.52 20.22
C THR C 17 -31.81 -13.81 20.09
N LEU C 18 -31.17 -13.86 21.23
CA LEU C 18 -29.75 -14.11 21.42
C LEU C 18 -29.66 -15.21 22.47
N PRO C 19 -28.73 -16.16 22.30
CA PRO C 19 -28.39 -17.05 23.39
C PRO C 19 -28.48 -16.26 24.70
N VAL C 20 -28.78 -16.95 25.79
CA VAL C 20 -28.91 -16.35 27.15
C VAL C 20 -27.72 -15.42 27.41
N ARG C 21 -26.47 -15.89 27.36
CA ARG C 21 -25.31 -15.06 27.82
C ARG C 21 -25.30 -13.71 27.09
N LEU C 22 -25.64 -13.67 25.80
CA LEU C 22 -25.53 -12.44 24.97
C LEU C 22 -26.62 -11.47 25.39
N CYS C 23 -27.87 -11.94 25.33
CA CYS C 23 -29.09 -11.32 25.90
C CYS C 23 -28.79 -10.60 27.24
N LYS C 24 -28.22 -11.29 28.23
CA LYS C 24 -27.89 -10.67 29.55
C LYS C 24 -26.72 -9.68 29.34
N GLU C 25 -25.62 -10.13 28.76
CA GLU C 25 -24.33 -9.40 28.71
C GLU C 25 -24.48 -8.17 27.78
N ILE C 26 -25.34 -8.24 26.74
CA ILE C 26 -25.45 -7.17 25.70
C ILE C 26 -25.95 -5.83 26.31
N GLU C 27 -26.68 -5.90 27.41
CA GLU C 27 -27.23 -4.68 28.05
C GLU C 27 -26.09 -3.92 28.74
N LEU C 28 -24.92 -4.56 28.93
CA LEU C 28 -23.75 -4.01 29.67
C LEU C 28 -22.92 -3.13 28.73
N PHE C 29 -22.38 -2.04 29.24
CA PHE C 29 -21.52 -1.14 28.43
C PHE C 29 -20.28 -1.88 27.89
N HIS C 30 -19.76 -2.90 28.61
CA HIS C 30 -18.41 -3.49 28.39
C HIS C 30 -18.54 -4.76 27.54
N PHE C 31 -19.75 -5.03 27.07
CA PHE C 31 -20.00 -6.17 26.16
C PHE C 31 -19.04 -6.07 24.98
N ASP C 32 -18.38 -7.20 24.70
CA ASP C 32 -17.63 -7.49 23.46
C ASP C 32 -18.54 -8.31 22.54
N ILE C 33 -18.55 -8.06 21.24
CA ILE C 33 -19.57 -8.70 20.36
C ILE C 33 -19.11 -10.05 19.82
N GLY C 34 -17.96 -10.55 20.25
CA GLY C 34 -17.51 -11.91 19.90
C GLY C 34 -16.89 -11.99 18.51
N PRO C 35 -16.18 -13.12 18.23
CA PRO C 35 -15.37 -13.29 17.02
C PRO C 35 -16.15 -13.80 15.79
N PHE C 36 -17.43 -14.11 15.95
CA PHE C 36 -18.33 -14.63 14.90
C PHE C 36 -18.99 -13.52 14.07
N GLU C 37 -18.42 -13.16 12.92
CA GLU C 37 -18.95 -12.17 11.95
C GLU C 37 -20.46 -12.41 11.74
N ASN C 38 -20.84 -13.66 11.56
CA ASN C 38 -22.18 -13.96 11.01
C ASN C 38 -23.21 -13.64 12.05
N MET C 39 -22.81 -13.44 13.30
CA MET C 39 -23.78 -13.10 14.39
C MET C 39 -23.99 -11.59 14.57
N TRP C 40 -23.12 -10.76 14.00
CA TRP C 40 -23.18 -9.30 14.19
C TRP C 40 -24.48 -8.73 13.63
N PRO C 41 -24.92 -9.07 12.40
CA PRO C 41 -26.14 -8.49 11.83
C PRO C 41 -27.35 -8.73 12.75
N GLY C 42 -27.56 -10.00 13.13
CA GLY C 42 -28.55 -10.39 14.13
C GLY C 42 -28.55 -9.46 15.34
N ILE C 43 -27.36 -9.25 15.91
CA ILE C 43 -27.13 -8.45 17.14
C ILE C 43 -27.52 -7.00 16.88
N PHE C 44 -27.19 -6.45 15.71
CA PHE C 44 -27.53 -5.05 15.37
C PHE C 44 -29.04 -4.90 15.28
N VAL C 45 -29.66 -5.83 14.56
CA VAL C 45 -31.14 -5.85 14.42
C VAL C 45 -31.75 -5.93 15.83
N TYR C 46 -31.32 -6.91 16.62
CA TYR C 46 -31.82 -7.08 18.00
C TYR C 46 -31.80 -5.71 18.68
N MET C 47 -30.67 -5.00 18.57
CA MET C 47 -30.47 -3.71 19.26
C MET C 47 -31.42 -2.68 18.62
N VAL C 48 -31.61 -2.70 17.30
CA VAL C 48 -32.60 -1.80 16.64
C VAL C 48 -34.03 -2.15 17.08
N HIS C 49 -34.42 -3.39 17.37
CA HIS C 49 -35.83 -3.69 17.80
C HIS C 49 -36.07 -3.27 19.26
N ARG C 50 -35.13 -3.55 20.15
CA ARG C 50 -35.21 -3.18 21.57
C ARG C 50 -35.16 -1.65 21.76
N SER C 51 -34.24 -0.93 21.08
CA SER C 51 -33.95 0.49 21.41
C SER C 51 -34.99 1.39 20.74
N CYS C 52 -35.43 0.99 19.55
CA CYS C 52 -36.17 1.81 18.55
C CYS C 52 -37.65 1.40 18.53
N GLY C 53 -37.94 0.13 18.23
CA GLY C 53 -39.29 -0.49 18.11
C GLY C 53 -39.31 -1.52 16.98
N THR C 54 -40.10 -2.60 17.08
CA THR C 54 -40.17 -3.73 16.07
C THR C 54 -40.74 -3.23 14.73
N SER C 55 -41.44 -2.08 14.78
CA SER C 55 -41.98 -1.27 13.66
C SER C 55 -40.90 -0.46 12.94
N CYS C 56 -40.15 0.38 13.70
CA CYS C 56 -39.12 1.39 13.26
C CYS C 56 -38.61 1.17 11.82
N PHE C 57 -38.32 -0.08 11.43
CA PHE C 57 -37.83 -0.44 10.06
C PHE C 57 -38.53 -1.72 9.57
N GLU C 58 -38.63 -1.86 8.25
CA GLU C 58 -39.08 -3.08 7.53
C GLU C 58 -37.88 -4.04 7.44
N LEU C 59 -38.04 -5.25 7.96
CA LEU C 59 -36.93 -6.20 8.19
C LEU C 59 -36.22 -6.54 6.88
N GLU C 60 -36.94 -6.74 5.78
CA GLU C 60 -36.29 -7.13 4.50
C GLU C 60 -35.22 -6.08 4.18
N LYS C 61 -35.64 -4.80 4.26
CA LYS C 61 -34.87 -3.63 3.78
C LYS C 61 -33.71 -3.39 4.73
N LEU C 62 -33.97 -3.61 6.03
CA LEU C 62 -32.92 -3.49 7.07
C LEU C 62 -31.84 -4.52 6.77
N CME C 63 -32.24 -5.77 6.52
CA CME C 63 -31.29 -6.89 6.29
CB CME C 63 -31.95 -8.26 6.31
SG CME C 63 -32.16 -8.95 7.98
SD CME C 63 -30.26 -8.98 8.70
CE CME C 63 -30.20 -10.61 9.48
CZ CME C 63 -29.58 -11.62 8.56
OH CME C 63 -29.30 -12.77 9.31
C CME C 63 -30.48 -6.60 5.03
O CME C 63 -29.28 -6.95 5.01
N ARG C 64 -31.04 -5.92 4.03
CA ARG C 64 -30.23 -5.70 2.82
C ARG C 64 -29.53 -4.33 2.91
N PHE C 65 -29.92 -3.44 3.83
CA PHE C 65 -29.13 -2.23 4.19
C PHE C 65 -27.87 -2.67 4.92
N ILE C 66 -28.06 -3.56 5.89
CA ILE C 66 -26.94 -4.09 6.72
C ILE C 66 -25.97 -4.73 5.74
N MET C 67 -26.44 -5.59 4.85
CA MET C 67 -25.46 -6.44 4.16
C MET C 67 -24.73 -5.61 3.11
N SER C 68 -25.32 -4.51 2.64
CA SER C 68 -24.68 -3.52 1.74
C SER C 68 -23.56 -2.76 2.47
N VAL C 69 -23.86 -2.27 3.67
CA VAL C 69 -22.87 -1.57 4.52
C VAL C 69 -21.67 -2.48 4.80
N LYS C 70 -21.86 -3.68 5.40
CA LYS C 70 -20.77 -4.68 5.68
C LYS C 70 -19.93 -4.87 4.42
N LYS C 71 -20.59 -5.04 3.27
CA LYS C 71 -20.01 -5.13 1.90
C LYS C 71 -19.03 -3.97 1.69
N ASN C 72 -19.31 -2.76 2.19
CA ASN C 72 -18.45 -1.57 1.92
C ASN C 72 -17.55 -1.19 3.09
N TYR C 73 -17.39 -2.02 4.13
CA TYR C 73 -16.29 -1.94 5.14
C TYR C 73 -15.11 -2.77 4.60
N ARG C 74 -13.87 -2.40 4.89
CA ARG C 74 -12.69 -3.08 4.28
C ARG C 74 -11.98 -3.98 5.30
N ARG C 75 -11.18 -4.92 4.81
CA ARG C 75 -10.47 -5.86 5.70
C ARG C 75 -9.23 -5.12 6.15
N VAL C 76 -9.46 -4.26 7.13
CA VAL C 76 -8.40 -3.48 7.80
C VAL C 76 -8.34 -4.05 9.21
N PRO C 77 -7.22 -3.79 9.91
CA PRO C 77 -7.09 -4.31 11.26
C PRO C 77 -8.17 -3.79 12.22
N TYR C 78 -8.56 -2.52 12.17
CA TYR C 78 -9.36 -1.90 13.27
C TYR C 78 -10.62 -1.22 12.74
N HIS C 79 -10.49 -0.29 11.79
CA HIS C 79 -11.63 0.44 11.14
C HIS C 79 -12.45 -0.47 10.22
N ASN C 80 -12.90 -1.59 10.77
CA ASN C 80 -13.56 -2.67 10.01
C ASN C 80 -15.06 -2.75 10.38
N TRP C 81 -15.70 -3.80 9.90
CA TRP C 81 -17.11 -4.12 10.21
C TRP C 81 -17.34 -4.38 11.70
N LYS C 82 -16.42 -5.04 12.40
CA LYS C 82 -16.57 -5.28 13.86
C LYS C 82 -16.55 -3.93 14.59
N HIS C 83 -15.66 -3.02 14.23
CA HIS C 83 -15.59 -1.66 14.84
C HIS C 83 -16.98 -1.04 14.73
N ALA C 84 -17.56 -1.11 13.53
CA ALA C 84 -18.89 -0.53 13.19
C ALA C 84 -19.97 -1.04 14.15
N VAL C 85 -20.20 -2.35 14.21
CA VAL C 85 -21.25 -2.95 15.06
C VAL C 85 -20.91 -2.70 16.55
N THR C 86 -19.65 -2.73 16.94
CA THR C 86 -19.18 -2.40 18.32
C THR C 86 -19.57 -0.96 18.69
N VAL C 87 -19.41 -0.01 17.78
CA VAL C 87 -19.74 1.42 18.07
C VAL C 87 -21.26 1.54 18.22
N ALA C 88 -22.05 0.91 17.34
CA ALA C 88 -23.52 0.89 17.39
C ALA C 88 -23.97 0.43 18.75
N HIS C 89 -23.38 -0.67 19.25
CA HIS C 89 -23.74 -1.30 20.54
C HIS C 89 -23.53 -0.33 21.70
N CYS C 90 -22.41 0.39 21.73
CA CYS C 90 -22.15 1.37 22.81
C CYS C 90 -23.27 2.41 22.75
N MET C 91 -23.62 2.87 21.54
CA MET C 91 -24.76 3.80 21.41
C MET C 91 -26.00 3.08 21.94
N TYR C 92 -26.18 1.79 21.62
CA TYR C 92 -27.35 0.99 22.10
C TYR C 92 -27.40 1.09 23.64
N ALA C 93 -26.26 0.84 24.28
CA ALA C 93 -26.10 0.98 25.74
C ALA C 93 -26.55 2.40 26.11
N ILE C 94 -25.97 3.43 25.51
CA ILE C 94 -26.24 4.82 25.96
C ILE C 94 -27.74 5.05 25.87
N LEU C 95 -28.36 4.67 24.77
CA LEU C 95 -29.81 4.93 24.57
C LEU C 95 -30.62 4.17 25.63
N GLN C 96 -30.44 2.86 25.82
CA GLN C 96 -31.24 2.08 26.80
C GLN C 96 -31.14 2.67 28.23
N ASN C 97 -30.00 3.17 28.69
CA ASN C 97 -29.85 3.69 30.09
C ASN C 97 -30.22 5.17 30.19
N ASN C 98 -30.77 5.77 29.12
CA ASN C 98 -31.17 7.19 29.01
C ASN C 98 -32.36 7.31 28.06
N HIS C 99 -33.36 6.43 28.16
CA HIS C 99 -34.32 6.18 27.04
C HIS C 99 -35.33 7.32 26.94
N THR C 100 -35.49 8.05 28.02
CA THR C 100 -36.51 9.11 28.16
C THR C 100 -36.06 10.35 27.41
N LEU C 101 -34.77 10.52 27.08
CA LEU C 101 -34.16 11.81 26.61
C LEU C 101 -34.18 11.95 25.09
N PHE C 102 -34.38 10.89 24.31
CA PHE C 102 -34.18 10.96 22.84
C PHE C 102 -35.44 10.55 22.09
N THR C 103 -35.70 11.33 21.04
CA THR C 103 -36.90 11.19 20.18
C THR C 103 -36.80 9.87 19.42
N ASP C 104 -37.83 9.57 18.63
CA ASP C 104 -38.00 8.27 17.94
C ASP C 104 -36.99 8.22 16.76
N LEU C 105 -36.96 9.31 16.00
CA LEU C 105 -36.06 9.57 14.86
C LEU C 105 -34.61 9.44 15.31
N GLU C 106 -34.27 10.00 16.46
CA GLU C 106 -32.88 10.00 16.98
C GLU C 106 -32.47 8.58 17.36
N ARG C 107 -33.39 7.76 17.90
CA ARG C 107 -33.07 6.34 18.22
C ARG C 107 -32.79 5.61 16.90
N LYS C 108 -33.66 5.78 15.90
CA LYS C 108 -33.45 5.25 14.52
C LYS C 108 -32.09 5.72 13.96
N GLY C 109 -31.93 7.01 13.72
CA GLY C 109 -30.76 7.59 13.02
C GLY C 109 -29.43 7.27 13.69
N LEU C 110 -29.30 7.41 15.01
CA LEU C 110 -28.01 7.28 15.74
C LEU C 110 -27.50 5.86 15.56
N LEU C 111 -28.33 4.84 15.76
CA LEU C 111 -27.86 3.43 15.63
C LEU C 111 -27.34 3.22 14.22
N ILE C 112 -28.08 3.66 13.19
CA ILE C 112 -27.67 3.65 11.76
C ILE C 112 -26.37 4.45 11.56
N ALA C 113 -26.34 5.70 12.02
CA ALA C 113 -25.14 6.56 11.89
C ALA C 113 -23.93 5.86 12.50
N CYS C 114 -24.09 5.14 13.58
CA CYS C 114 -22.98 4.39 14.20
C CYS C 114 -22.58 3.24 13.28
N LEU C 115 -23.54 2.49 12.77
CA LEU C 115 -23.26 1.37 11.82
C LEU C 115 -22.43 1.91 10.68
N CYS C 116 -22.72 3.12 10.21
CA CYS C 116 -22.14 3.66 8.95
C CYS C 116 -20.98 4.63 9.17
N HIS C 117 -20.64 5.06 10.39
CA HIS C 117 -19.72 6.19 10.67
C HIS C 117 -18.33 5.96 10.07
N ASP C 118 -17.94 4.71 9.78
CA ASP C 118 -16.59 4.45 9.22
C ASP C 118 -16.67 3.68 7.90
N LEU C 119 -17.80 3.71 7.18
CA LEU C 119 -17.95 3.13 5.82
C LEU C 119 -16.74 3.53 4.98
N ASP C 120 -16.11 2.52 4.36
CA ASP C 120 -15.11 2.58 3.27
C ASP C 120 -13.79 3.16 3.76
N HIS C 121 -13.49 2.97 5.05
CA HIS C 121 -12.22 3.41 5.70
C HIS C 121 -11.07 2.55 5.20
N ARG C 122 -9.91 3.16 4.97
CA ARG C 122 -8.79 2.50 4.28
C ARG C 122 -7.67 2.27 5.30
N GLY C 123 -7.87 2.65 6.54
CA GLY C 123 -6.88 2.48 7.62
C GLY C 123 -5.98 3.69 7.81
N PHE C 124 -6.27 4.82 7.15
CA PHE C 124 -5.42 6.03 7.16
C PHE C 124 -6.23 7.21 7.67
N SER C 125 -5.58 8.05 8.44
CA SER C 125 -6.15 9.25 9.08
C SER C 125 -6.38 10.35 8.04
N ASN C 126 -7.01 11.45 8.44
CA ASN C 126 -7.24 12.63 7.57
C ASN C 126 -5.90 13.30 7.30
N SER C 127 -4.93 13.27 8.23
CA SER C 127 -3.51 13.66 7.99
C SER C 127 -3.04 12.97 6.70
N TYR C 128 -2.96 11.64 6.71
CA TYR C 128 -2.29 10.89 5.62
C TYR C 128 -2.95 11.27 4.31
N LEU C 129 -4.28 11.43 4.26
CA LEU C 129 -4.95 11.72 2.95
C LEU C 129 -4.59 13.14 2.54
N GLN C 130 -4.52 14.08 3.49
CA GLN C 130 -4.14 15.50 3.19
C GLN C 130 -2.72 15.46 2.64
N LYS C 131 -1.82 14.77 3.35
CA LYS C 131 -0.38 14.72 2.97
C LYS C 131 -0.24 13.92 1.67
N PHE C 132 -0.95 12.82 1.51
CA PHE C 132 -0.85 12.04 0.26
C PHE C 132 -1.33 12.88 -0.91
N ASP C 133 -2.18 13.88 -0.64
CA ASP C 133 -2.96 14.59 -1.69
C ASP C 133 -3.97 13.61 -2.28
N HIS C 134 -4.67 12.83 -1.46
CA HIS C 134 -5.76 11.96 -1.95
C HIS C 134 -6.80 12.85 -2.62
N PRO C 135 -7.48 12.39 -3.68
CA PRO C 135 -8.59 13.15 -4.26
C PRO C 135 -9.66 13.61 -3.25
N LEU C 136 -9.94 12.77 -2.24
CA LEU C 136 -10.95 13.05 -1.19
C LEU C 136 -10.55 14.30 -0.39
N ALA C 137 -9.26 14.59 -0.25
CA ALA C 137 -8.78 15.80 0.43
C ALA C 137 -9.11 17.07 -0.37
N ALA C 138 -9.30 16.96 -1.70
CA ALA C 138 -9.70 18.07 -2.59
C ALA C 138 -11.20 18.32 -2.41
N LEU C 139 -11.95 17.24 -2.30
CA LEU C 139 -13.44 17.20 -2.39
C LEU C 139 -14.07 17.54 -1.04
N TYR C 140 -13.31 17.36 0.04
CA TYR C 140 -13.73 17.56 1.44
C TYR C 140 -12.52 18.10 2.21
N SER C 141 -12.33 19.41 2.15
CA SER C 141 -11.08 20.03 2.65
C SER C 141 -10.95 19.89 4.18
N THR C 142 -12.00 19.54 4.95
CA THR C 142 -11.87 19.19 6.40
C THR C 142 -12.75 17.98 6.74
N SER C 143 -12.55 17.33 7.87
CA SER C 143 -13.19 16.04 8.20
C SER C 143 -13.31 15.16 6.92
N THR C 144 -12.22 14.96 6.19
CA THR C 144 -12.24 14.34 4.82
C THR C 144 -12.99 12.99 4.81
N MET C 145 -12.48 12.06 5.62
CA MET C 145 -13.01 10.69 5.69
C MET C 145 -14.46 10.75 6.14
N GLU C 146 -14.76 11.64 7.09
CA GLU C 146 -16.06 11.57 7.79
C GLU C 146 -17.10 12.04 6.79
N GLN C 147 -16.75 13.05 6.00
CA GLN C 147 -17.63 13.47 4.90
C GLN C 147 -17.72 12.32 3.88
N HIS C 148 -16.63 11.58 3.62
CA HIS C 148 -16.71 10.41 2.70
C HIS C 148 -17.72 9.40 3.28
N HIS C 149 -17.68 9.16 4.60
CA HIS C 149 -18.48 8.08 5.22
C HIS C 149 -19.94 8.46 5.03
N PHE C 150 -20.31 9.67 5.43
CA PHE C 150 -21.70 10.14 5.32
C PHE C 150 -22.15 9.95 3.87
N SER C 151 -21.33 10.47 2.95
CA SER C 151 -21.55 10.31 1.49
C SER C 151 -21.84 8.83 1.15
N GLN C 152 -20.90 7.93 1.43
CA GLN C 152 -21.05 6.47 1.18
C GLN C 152 -22.39 5.96 1.72
N THR C 153 -22.78 6.46 2.90
CA THR C 153 -24.04 6.08 3.60
C THR C 153 -25.26 6.38 2.72
N VAL C 154 -25.36 7.63 2.26
CA VAL C 154 -26.44 8.10 1.33
C VAL C 154 -26.47 7.25 0.06
N SER C 155 -25.32 6.91 -0.55
CA SER C 155 -25.21 6.02 -1.73
C SER C 155 -25.99 4.73 -1.50
N ILE C 156 -25.74 4.10 -0.35
CA ILE C 156 -26.37 2.80 0.01
C ILE C 156 -27.87 3.00 0.23
N LEU C 157 -28.31 4.11 0.84
CA LEU C 157 -29.75 4.37 1.08
C LEU C 157 -30.49 4.53 -0.26
N GLN C 158 -29.75 4.87 -1.34
CA GLN C 158 -30.30 5.15 -2.70
C GLN C 158 -30.07 3.93 -3.61
N LEU C 159 -29.56 2.83 -3.08
CA LEU C 159 -29.55 1.53 -3.79
C LEU C 159 -30.99 1.03 -3.78
N GLU C 160 -31.43 0.43 -4.91
CA GLU C 160 -32.81 -0.11 -5.03
C GLU C 160 -32.96 -1.15 -3.92
N GLY C 161 -34.01 -0.98 -3.11
CA GLY C 161 -34.41 -1.90 -2.02
C GLY C 161 -33.83 -1.48 -0.68
N HIS C 162 -33.07 -0.39 -0.60
CA HIS C 162 -32.26 -0.06 0.59
C HIS C 162 -32.75 1.18 1.32
N ASN C 163 -33.93 1.71 1.05
CA ASN C 163 -34.36 2.93 1.79
C ASN C 163 -35.21 2.47 2.96
N ILE C 164 -34.53 2.12 4.05
CA ILE C 164 -35.07 1.79 5.40
C ILE C 164 -35.88 2.95 6.00
N PHE C 165 -35.76 4.17 5.48
CA PHE C 165 -36.58 5.33 5.92
C PHE C 165 -37.64 5.71 4.88
N SER C 166 -38.15 4.77 4.08
CA SER C 166 -39.17 5.03 3.03
C SER C 166 -40.50 5.41 3.67
N THR C 167 -40.82 4.89 4.86
CA THR C 167 -42.11 5.15 5.56
C THR C 167 -42.14 6.57 6.15
N LEU C 168 -41.03 7.34 6.11
CA LEU C 168 -40.94 8.64 6.84
C LEU C 168 -41.52 9.72 5.92
N SER C 169 -42.20 10.73 6.49
CA SER C 169 -42.54 11.99 5.76
C SER C 169 -41.24 12.58 5.21
N SER C 170 -41.31 13.42 4.19
CA SER C 170 -40.13 14.11 3.61
C SER C 170 -39.41 14.87 4.72
N SER C 171 -40.17 15.42 5.68
CA SER C 171 -39.65 16.24 6.80
C SER C 171 -38.81 15.34 7.70
N GLU C 172 -39.44 14.25 8.15
CA GLU C 172 -38.84 13.26 9.06
C GLU C 172 -37.62 12.68 8.36
N TYR C 173 -37.74 12.40 7.06
CA TYR C 173 -36.61 11.97 6.19
C TYR C 173 -35.48 13.01 6.20
N GLU C 174 -35.78 14.26 5.87
CA GLU C 174 -34.79 15.37 5.81
C GLU C 174 -34.09 15.48 7.17
N GLN C 175 -34.77 15.17 8.27
CA GLN C 175 -34.20 15.31 9.63
C GLN C 175 -33.41 14.07 10.03
N VAL C 176 -33.83 12.87 9.63
CA VAL C 176 -33.10 11.66 10.11
C VAL C 176 -31.75 11.64 9.42
N LEU C 177 -31.62 12.24 8.23
CA LEU C 177 -30.34 12.27 7.46
C LEU C 177 -29.43 13.32 8.08
N GLU C 178 -29.99 14.47 8.38
CA GLU C 178 -29.34 15.60 9.09
C GLU C 178 -28.83 15.17 10.49
N ILE C 179 -29.51 14.24 11.19
CA ILE C 179 -29.06 13.59 12.45
C ILE C 179 -27.84 12.73 12.11
N ILE C 180 -27.94 11.93 11.06
CA ILE C 180 -26.89 10.97 10.64
C ILE C 180 -25.66 11.74 10.15
N ARG C 181 -25.84 12.81 9.38
CA ARG C 181 -24.70 13.62 8.85
C ARG C 181 -23.90 14.13 10.03
N LYS C 182 -24.56 14.83 10.93
CA LYS C 182 -23.83 15.54 12.02
C LYS C 182 -23.17 14.48 12.88
N ALA C 183 -23.91 13.39 13.13
CA ALA C 183 -23.45 12.31 14.01
C ALA C 183 -22.11 11.77 13.45
N ILE C 184 -22.05 11.48 12.16
CA ILE C 184 -20.83 10.93 11.50
C ILE C 184 -19.74 11.99 11.43
N ILE C 185 -20.08 13.25 11.18
CA ILE C 185 -19.09 14.37 11.17
C ILE C 185 -18.44 14.44 12.56
N ALA C 186 -19.24 14.34 13.65
CA ALA C 186 -18.78 14.40 15.06
C ALA C 186 -17.68 13.38 15.38
N THR C 187 -17.67 12.23 14.68
CA THR C 187 -16.61 11.18 14.85
C THR C 187 -15.23 11.70 14.40
N ASP C 188 -15.14 12.83 13.70
CA ASP C 188 -13.81 13.46 13.45
C ASP C 188 -13.31 13.99 14.80
N LEU C 189 -12.23 13.42 15.29
CA LEU C 189 -11.67 13.74 16.62
C LEU C 189 -11.19 15.20 16.63
N ALA C 190 -10.73 15.73 15.51
CA ALA C 190 -10.35 17.16 15.40
C ALA C 190 -11.48 18.03 15.95
N LEU C 191 -12.72 17.56 15.82
CA LEU C 191 -13.93 18.33 16.21
C LEU C 191 -14.34 18.00 17.64
N TYR C 192 -13.95 16.84 18.16
CA TYR C 192 -14.18 16.41 19.56
C TYR C 192 -13.78 17.55 20.53
N PHE C 193 -12.58 18.12 20.39
CA PHE C 193 -11.96 18.96 21.45
C PHE C 193 -12.83 20.21 21.74
N GLY C 194 -13.07 20.99 20.67
CA GLY C 194 -13.98 22.16 20.60
C GLY C 194 -15.38 21.84 21.08
N ASN C 195 -15.92 20.69 20.69
CA ASN C 195 -17.29 20.25 21.08
C ASN C 195 -17.37 20.03 22.59
N ARG C 196 -16.44 19.26 23.16
CA ARG C 196 -16.46 18.89 24.59
C ARG C 196 -16.16 20.12 25.44
N LYS C 197 -15.26 21.02 25.00
CA LYS C 197 -15.01 22.32 25.68
C LYS C 197 -16.31 23.14 25.68
N GLN C 198 -16.94 23.34 24.52
CA GLN C 198 -18.25 24.04 24.47
C GLN C 198 -19.23 23.39 25.44
N LEU C 199 -19.52 22.11 25.29
CA LEU C 199 -20.51 21.37 26.14
C LEU C 199 -20.18 21.55 27.62
N GLU C 200 -18.91 21.42 27.98
CA GLU C 200 -18.40 21.63 29.36
C GLU C 200 -18.86 23.00 29.88
N GLU C 201 -18.57 24.09 29.16
CA GLU C 201 -19.02 25.47 29.54
C GLU C 201 -20.54 25.50 29.71
N MET C 202 -21.29 24.69 28.96
CA MET C 202 -22.76 24.80 28.98
C MET C 202 -23.27 24.12 30.23
N TYR C 203 -22.75 22.95 30.54
CA TYR C 203 -23.15 22.18 31.74
C TYR C 203 -22.82 22.96 33.03
N GLN C 204 -21.62 23.51 33.10
CA GLN C 204 -21.09 24.16 34.32
C GLN C 204 -21.83 25.48 34.54
N THR C 205 -22.09 26.25 33.47
CA THR C 205 -22.86 27.51 33.59
C THR C 205 -24.33 27.18 33.71
N GLY C 206 -24.73 25.94 33.41
CA GLY C 206 -26.11 25.49 33.60
C GLY C 206 -27.00 25.91 32.44
N SER C 207 -26.47 26.66 31.46
CA SER C 207 -27.17 27.07 30.19
C SER C 207 -27.51 25.88 29.30
N LEU C 208 -26.89 24.71 29.50
CA LEU C 208 -27.09 23.53 28.62
C LEU C 208 -28.57 23.19 28.69
N ASN C 209 -29.22 23.04 27.55
CA ASN C 209 -30.70 22.85 27.50
C ASN C 209 -31.04 21.91 26.33
N LEU C 210 -31.38 20.64 26.60
CA LEU C 210 -31.65 19.61 25.54
C LEU C 210 -32.82 19.99 24.64
N ASN C 211 -33.67 20.95 25.00
CA ASN C 211 -34.72 21.46 24.09
C ASN C 211 -34.09 22.37 23.03
N ASN C 212 -32.91 22.94 23.26
CA ASN C 212 -32.21 23.74 22.22
C ASN C 212 -31.55 22.75 21.27
N GLN C 213 -31.83 22.82 19.96
CA GLN C 213 -31.41 21.80 18.97
C GLN C 213 -29.89 21.84 18.78
N SER C 214 -29.29 23.05 18.74
CA SER C 214 -27.81 23.20 18.64
C SER C 214 -27.15 22.56 19.88
N HIS C 215 -27.80 22.57 21.04
CA HIS C 215 -27.26 21.93 22.26
C HIS C 215 -27.41 20.43 22.07
N ARG C 216 -28.54 19.98 21.56
CA ARG C 216 -28.78 18.53 21.29
C ARG C 216 -27.69 17.97 20.40
N ASP C 217 -27.39 18.72 19.34
CA ASP C 217 -26.43 18.38 18.27
C ASP C 217 -25.07 18.17 18.90
N ARG C 218 -24.70 19.04 19.85
CA ARG C 218 -23.40 19.00 20.57
C ARG C 218 -23.36 17.73 21.42
N VAL C 219 -24.42 17.44 22.19
CA VAL C 219 -24.50 16.26 23.11
C VAL C 219 -24.36 14.99 22.29
N ILE C 220 -24.97 14.96 21.09
CA ILE C 220 -24.97 13.75 20.22
C ILE C 220 -23.56 13.64 19.64
N GLY C 221 -22.97 14.77 19.29
CA GLY C 221 -21.53 14.79 18.94
C GLY C 221 -20.66 14.01 19.90
N LEU C 222 -20.87 14.21 21.19
CA LEU C 222 -20.03 13.68 22.29
C LEU C 222 -20.33 12.20 22.48
N MET C 223 -21.62 11.83 22.48
CA MET C 223 -22.08 10.42 22.46
C MET C 223 -21.35 9.66 21.33
N MET C 224 -21.32 10.26 20.15
CA MET C 224 -20.71 9.66 18.95
C MET C 224 -19.20 9.50 19.22
N THR C 225 -18.59 10.49 19.86
CA THR C 225 -17.15 10.39 20.21
C THR C 225 -17.00 9.24 21.22
N ALA C 226 -17.80 9.25 22.27
CA ALA C 226 -17.80 8.25 23.33
C ALA C 226 -17.90 6.89 22.69
N CYS C 227 -18.86 6.73 21.80
CA CYS C 227 -19.16 5.44 21.14
C CYS C 227 -18.03 5.01 20.23
N ASP C 228 -17.45 5.96 19.51
CA ASP C 228 -16.31 5.69 18.61
C ASP C 228 -15.08 5.22 19.43
N LEU C 229 -14.86 5.71 20.66
CA LEU C 229 -13.64 5.37 21.47
C LEU C 229 -13.89 4.18 22.41
N CYS C 230 -15.00 3.45 22.27
CA CYS C 230 -15.55 2.63 23.38
C CYS C 230 -14.66 1.42 23.65
N SER C 231 -13.79 1.05 22.72
CA SER C 231 -12.73 0.02 22.85
C SER C 231 -11.96 0.21 24.16
N VAL C 232 -11.79 1.48 24.61
CA VAL C 232 -11.00 1.86 25.82
C VAL C 232 -11.86 1.75 27.08
N THR C 233 -13.13 1.40 26.92
CA THR C 233 -14.08 1.16 28.04
C THR C 233 -14.40 -0.32 28.20
N LYS C 234 -13.73 -1.19 27.42
CA LYS C 234 -13.87 -2.66 27.59
C LYS C 234 -13.07 -3.12 28.83
N LEU C 235 -13.29 -4.36 29.27
CA LEU C 235 -12.45 -5.01 30.29
C LEU C 235 -11.02 -5.15 29.73
N TRP C 236 -10.01 -5.16 30.59
CA TRP C 236 -8.59 -4.98 30.16
C TRP C 236 -8.28 -5.95 29.01
N PRO C 237 -8.65 -7.25 29.08
CA PRO C 237 -8.26 -8.18 28.03
C PRO C 237 -8.77 -7.71 26.66
N VAL C 238 -9.97 -7.15 26.58
CA VAL C 238 -10.47 -6.63 25.27
C VAL C 238 -9.73 -5.33 24.88
N THR C 239 -9.53 -4.40 25.78
CA THR C 239 -8.84 -3.12 25.44
C THR C 239 -7.38 -3.38 25.02
N LYS C 240 -6.72 -4.28 25.74
CA LYS C 240 -5.33 -4.76 25.48
C LYS C 240 -5.25 -5.38 24.08
N LEU C 241 -6.15 -6.30 23.74
CA LEU C 241 -6.11 -6.92 22.38
C LEU C 241 -6.49 -5.90 21.29
N THR C 242 -7.50 -5.08 21.51
CA THR C 242 -7.96 -4.11 20.47
C THR C 242 -6.86 -3.06 20.24
N ALA C 243 -6.10 -2.71 21.26
CA ALA C 243 -4.96 -1.78 21.13
C ALA C 243 -4.04 -2.24 19.99
N ASN C 244 -3.66 -3.53 19.96
CA ASN C 244 -2.85 -4.12 18.86
C ASN C 244 -3.44 -3.76 17.50
N ASP C 245 -4.78 -3.91 17.35
CA ASP C 245 -5.49 -3.67 16.07
C ASP C 245 -5.38 -2.19 15.70
N ILE C 246 -5.61 -1.26 16.63
CA ILE C 246 -5.46 0.20 16.33
C ILE C 246 -4.03 0.45 15.83
N TYR C 247 -3.03 -0.15 16.47
CA TYR C 247 -1.61 0.17 16.21
C TYR C 247 -1.18 -0.42 14.85
N ALA C 248 -1.63 -1.62 14.46
CA ALA C 248 -1.38 -2.16 13.10
C ALA C 248 -1.64 -1.05 12.07
N GLU C 249 -2.77 -0.36 12.21
CA GLU C 249 -3.18 0.73 11.29
C GLU C 249 -2.29 1.94 11.50
N PHE C 250 -2.03 2.35 12.75
CA PHE C 250 -1.08 3.46 13.00
C PHE C 250 0.30 3.14 12.41
N TRP C 251 0.79 1.90 12.53
CA TRP C 251 2.16 1.55 12.12
C TRP C 251 2.20 1.50 10.61
N ALA C 252 1.15 1.01 9.97
CA ALA C 252 1.04 1.00 8.49
C ALA C 252 1.03 2.45 8.01
N GLU C 253 0.27 3.33 8.65
CA GLU C 253 0.14 4.75 8.23
C GLU C 253 1.51 5.41 8.37
N GLY C 254 2.22 5.14 9.46
CA GLY C 254 3.59 5.64 9.68
C GLY C 254 4.47 5.25 8.52
N ASP C 255 4.56 3.96 8.25
CA ASP C 255 5.29 3.37 7.11
C ASP C 255 4.97 4.20 5.86
N GLU C 256 3.71 4.43 5.54
CA GLU C 256 3.33 5.24 4.36
C GLU C 256 3.86 6.66 4.56
N MET C 257 3.71 7.27 5.73
CA MET C 257 4.29 8.61 5.98
C MET C 257 5.76 8.61 5.50
N LYS C 258 6.50 7.60 5.93
CA LYS C 258 7.96 7.43 5.68
C LYS C 258 8.16 7.40 4.17
N LYS C 259 7.22 6.78 3.47
CA LYS C 259 7.32 6.58 2.01
C LYS C 259 7.07 7.92 1.30
N LEU C 260 6.33 8.83 1.95
CA LEU C 260 6.14 10.22 1.47
C LEU C 260 7.37 11.04 1.85
N GLY C 261 8.41 10.46 2.44
CA GLY C 261 9.54 11.25 2.97
C GLY C 261 9.16 12.17 4.14
N ILE C 262 8.09 11.86 4.87
CA ILE C 262 7.66 12.64 6.09
C ILE C 262 7.83 11.75 7.32
N GLN C 263 8.67 12.13 8.27
CA GLN C 263 8.86 11.29 9.48
C GLN C 263 7.54 11.34 10.26
N PRO C 264 6.97 10.18 10.68
CA PRO C 264 5.69 10.16 11.39
C PRO C 264 5.81 10.65 12.83
N ILE C 265 4.69 10.97 13.45
CA ILE C 265 4.59 11.24 14.92
C ILE C 265 4.92 9.92 15.63
N PRO C 266 5.56 9.95 16.82
CA PRO C 266 5.88 8.71 17.54
C PRO C 266 4.84 7.57 17.56
N MET C 267 3.60 7.91 17.94
CA MET C 267 2.46 6.97 18.05
C MET C 267 2.46 6.02 16.86
N MET C 268 2.73 6.52 15.64
CA MET C 268 2.59 5.79 14.35
C MET C 268 3.93 5.28 13.78
N ASP C 269 5.04 5.37 14.53
CA ASP C 269 6.38 4.81 14.14
C ASP C 269 6.58 3.39 14.69
N ARG C 270 6.74 2.36 13.85
CA ARG C 270 6.81 0.95 14.37
C ARG C 270 8.14 0.72 15.10
N ASP C 271 9.18 1.48 14.77
CA ASP C 271 10.48 1.42 15.48
C ASP C 271 10.33 1.87 16.94
N LYS C 272 9.33 2.70 17.25
CA LYS C 272 9.12 3.31 18.61
C LYS C 272 7.94 2.66 19.38
N LYS C 273 7.83 1.33 19.41
CA LYS C 273 6.81 0.60 20.23
C LYS C 273 7.16 0.57 21.72
N ASP C 274 8.40 0.85 22.09
CA ASP C 274 8.83 1.15 23.50
C ASP C 274 7.96 2.29 24.09
N GLU C 275 7.53 3.28 23.28
CA GLU C 275 6.87 4.53 23.75
C GLU C 275 5.34 4.41 23.74
N VAL C 276 4.77 3.22 23.50
CA VAL C 276 3.29 3.03 23.34
C VAL C 276 2.60 3.17 24.71
N PRO C 277 3.02 2.48 25.79
CA PRO C 277 2.34 2.66 27.08
C PRO C 277 2.33 4.14 27.46
N GLN C 278 3.48 4.82 27.38
CA GLN C 278 3.57 6.26 27.72
C GLN C 278 2.54 7.01 26.87
N GLY C 279 2.37 6.53 25.63
CA GLY C 279 1.52 7.06 24.53
C GLY C 279 0.04 6.90 24.82
N GLN C 280 -0.37 5.77 25.39
CA GLN C 280 -1.78 5.53 25.82
C GLN C 280 -2.10 6.42 27.04
N LEU C 281 -1.24 6.48 28.08
CA LEU C 281 -1.41 7.47 29.17
C LEU C 281 -1.84 8.79 28.51
N GLY C 282 -0.95 9.30 27.68
CA GLY C 282 -1.19 10.61 27.05
C GLY C 282 -2.59 10.64 26.48
N PHE C 283 -2.97 9.57 25.78
CA PHE C 283 -4.27 9.46 25.09
C PHE C 283 -5.41 9.58 26.10
N TYR C 284 -5.44 8.71 27.13
CA TYR C 284 -6.52 8.59 28.16
C TYR C 284 -6.70 9.90 28.94
N ASN C 285 -5.60 10.50 29.37
CA ASN C 285 -5.55 11.80 30.09
C ASN C 285 -6.11 12.90 29.18
N ALA C 286 -5.58 13.05 27.98
CA ALA C 286 -5.93 14.15 27.06
C ALA C 286 -7.34 13.98 26.48
N VAL C 287 -7.84 12.75 26.29
CA VAL C 287 -8.96 12.53 25.33
C VAL C 287 -10.09 11.68 25.96
N ALA C 288 -9.85 10.41 26.24
CA ALA C 288 -10.91 9.47 26.66
C ALA C 288 -11.46 9.98 28.00
N ILE C 289 -10.66 10.08 29.06
CA ILE C 289 -11.18 10.48 30.41
C ILE C 289 -12.01 11.76 30.25
N PRO C 290 -11.50 12.87 29.70
CA PRO C 290 -12.34 14.05 29.50
C PRO C 290 -13.67 13.79 28.75
N CYS C 291 -13.62 12.86 27.81
CA CYS C 291 -14.79 12.52 26.99
C CYS C 291 -15.81 11.84 27.88
N TYR C 292 -15.40 10.79 28.57
CA TYR C 292 -16.33 10.00 29.41
C TYR C 292 -16.74 10.81 30.66
N THR C 293 -15.90 11.74 31.12
CA THR C 293 -16.11 12.58 32.33
C THR C 293 -17.28 13.50 32.01
N THR C 294 -17.10 14.32 30.97
CA THR C 294 -18.14 15.23 30.42
C THR C 294 -19.43 14.46 30.07
N LEU C 295 -19.37 13.27 29.48
CA LEU C 295 -20.61 12.51 29.13
C LEU C 295 -21.28 11.96 30.40
N THR C 296 -20.56 11.79 31.50
CA THR C 296 -21.19 11.31 32.74
C THR C 296 -21.87 12.50 33.40
N GLN C 297 -21.24 13.68 33.37
CA GLN C 297 -21.84 14.93 33.89
C GLN C 297 -23.20 15.15 33.21
N ILE C 298 -23.24 15.08 31.89
CA ILE C 298 -24.48 15.37 31.12
C ILE C 298 -25.43 14.19 31.21
N LEU C 299 -24.95 12.92 31.23
CA LEU C 299 -25.79 11.68 31.30
C LEU C 299 -25.22 10.71 32.32
N PRO C 300 -25.61 10.83 33.62
CA PRO C 300 -24.96 10.06 34.69
C PRO C 300 -25.05 8.54 34.57
N PRO C 301 -26.07 7.98 33.86
CA PRO C 301 -26.13 6.53 33.59
C PRO C 301 -25.05 5.96 32.64
N THR C 302 -24.20 6.80 32.03
CA THR C 302 -23.03 6.40 31.20
C THR C 302 -21.79 6.24 32.06
N GLU C 303 -21.95 6.35 33.37
CA GLU C 303 -20.86 6.27 34.37
C GLU C 303 -20.01 5.03 34.10
N PRO C 304 -20.59 3.84 33.86
CA PRO C 304 -19.79 2.64 33.62
C PRO C 304 -18.66 2.86 32.61
N LEU C 305 -18.92 3.64 31.56
CA LEU C 305 -17.88 3.90 30.53
C LEU C 305 -16.70 4.61 31.20
N LEU C 306 -16.98 5.67 31.95
CA LEU C 306 -15.93 6.38 32.71
C LEU C 306 -15.20 5.43 33.66
N LYS C 307 -15.93 4.59 34.38
CA LYS C 307 -15.32 3.67 35.38
C LYS C 307 -14.38 2.75 34.61
N ALA C 308 -14.83 2.17 33.50
CA ALA C 308 -14.06 1.17 32.74
C ALA C 308 -12.86 1.90 32.14
N CYS C 309 -13.07 3.14 31.68
CA CYS C 309 -11.99 3.96 31.07
C CYS C 309 -10.84 4.08 32.08
N ARG C 310 -11.16 4.54 33.31
CA ARG C 310 -10.22 4.73 34.44
C ARG C 310 -9.50 3.40 34.80
N ASP C 311 -10.25 2.30 34.85
CA ASP C 311 -9.60 0.99 35.12
C ASP C 311 -8.48 0.75 34.10
N ASN C 312 -8.72 0.91 32.80
CA ASN C 312 -7.68 0.70 31.74
C ASN C 312 -6.55 1.75 31.90
N LEU C 313 -6.82 2.98 32.36
CA LEU C 313 -5.76 3.99 32.64
C LEU C 313 -4.81 3.43 33.71
N SER C 314 -5.40 2.88 34.77
CA SER C 314 -4.70 2.22 35.90
C SER C 314 -3.87 1.03 35.37
N GLN C 315 -4.37 0.29 34.38
CA GLN C 315 -3.66 -0.87 33.78
C GLN C 315 -2.46 -0.40 32.96
N TRP C 316 -2.62 0.61 32.11
CA TRP C 316 -1.49 1.15 31.33
C TRP C 316 -0.41 1.62 32.28
N GLU C 317 -0.77 2.17 33.43
CA GLU C 317 0.23 2.64 34.42
C GLU C 317 0.99 1.42 34.94
N LYS C 318 0.32 0.31 35.29
CA LYS C 318 1.01 -0.94 35.70
C LYS C 318 2.03 -1.31 34.62
N VAL C 319 1.58 -1.50 33.37
CA VAL C 319 2.48 -1.83 32.22
C VAL C 319 3.65 -0.82 32.18
N ILE C 320 3.44 0.49 32.26
CA ILE C 320 4.52 1.53 32.33
C ILE C 320 5.57 1.16 33.41
N ARG C 321 5.12 0.64 34.56
CA ARG C 321 5.95 0.38 35.77
C ARG C 321 6.54 -1.05 35.75
N GLY C 322 6.58 -1.72 34.59
CA GLY C 322 7.08 -3.09 34.43
C GLY C 322 6.32 -4.14 35.25
N GLU C 323 5.03 -3.90 35.61
CA GLU C 323 4.16 -4.85 36.39
C GLU C 323 3.26 -5.65 35.44
N GLU C 324 3.22 -5.24 34.15
CA GLU C 324 2.75 -6.07 33.00
C GLU C 324 3.25 -5.46 31.68
N LEU D 13 -3.32 56.27 -4.66
CA LEU D 13 -4.49 55.68 -5.41
C LEU D 13 -4.09 55.31 -6.84
N MET D 14 -2.79 55.39 -7.15
CA MET D 14 -2.24 55.59 -8.50
C MET D 14 -1.59 54.29 -9.00
N GLN D 15 -2.42 53.27 -9.25
CA GLN D 15 -1.97 51.91 -9.68
C GLN D 15 -1.52 51.91 -11.14
N PHE D 16 -0.94 50.79 -11.59
CA PHE D 16 -0.50 50.57 -12.99
C PHE D 16 -1.37 49.47 -13.59
N THR D 17 -1.72 49.66 -14.86
CA THR D 17 -2.52 48.68 -15.62
C THR D 17 -1.81 48.42 -16.94
N LEU D 18 -1.75 47.15 -17.32
CA LEU D 18 -1.20 46.73 -18.62
C LEU D 18 -2.36 46.54 -19.57
N PRO D 19 -2.13 46.50 -20.89
CA PRO D 19 -3.20 46.14 -21.80
C PRO D 19 -3.55 44.66 -21.55
N VAL D 20 -4.80 44.30 -21.84
CA VAL D 20 -5.37 42.94 -21.56
C VAL D 20 -4.26 41.90 -21.81
N ARG D 21 -3.76 41.71 -23.04
CA ARG D 21 -2.90 40.53 -23.32
C ARG D 21 -1.82 40.41 -22.23
N LEU D 22 -1.18 41.51 -21.84
CA LEU D 22 -0.02 41.47 -20.90
C LEU D 22 -0.53 41.16 -19.51
N CYS D 23 -1.52 41.94 -19.06
CA CYS D 23 -2.23 41.78 -17.75
C CYS D 23 -2.68 40.32 -17.56
N LYS D 24 -3.15 39.66 -18.61
CA LYS D 24 -3.56 38.24 -18.57
C LYS D 24 -2.30 37.37 -18.60
N GLU D 25 -1.38 37.61 -19.54
CA GLU D 25 -0.26 36.68 -19.86
C GLU D 25 0.89 36.85 -18.85
N ILE D 26 0.90 37.95 -18.09
CA ILE D 26 2.05 38.28 -17.19
C ILE D 26 2.10 37.26 -16.04
N GLU D 27 0.96 36.66 -15.71
CA GLU D 27 0.83 35.67 -14.61
C GLU D 27 1.39 34.33 -15.06
N LEU D 28 1.62 34.14 -16.36
CA LEU D 28 2.20 32.88 -16.87
C LEU D 28 3.71 32.89 -16.67
N PHE D 29 4.27 31.79 -16.19
CA PHE D 29 5.73 31.61 -16.03
C PHE D 29 6.43 31.95 -17.34
N HIS D 30 5.90 31.59 -18.50
CA HIS D 30 6.65 31.63 -19.79
C HIS D 30 6.50 33.01 -20.47
N PHE D 31 5.81 33.94 -19.81
CA PHE D 31 5.57 35.32 -20.32
C PHE D 31 6.89 35.89 -20.84
N ASP D 32 6.83 36.60 -21.97
CA ASP D 32 7.96 37.42 -22.48
C ASP D 32 7.54 38.88 -22.33
N ILE D 33 8.41 39.71 -21.73
CA ILE D 33 8.14 41.13 -21.34
C ILE D 33 8.00 42.02 -22.59
N GLY D 34 8.47 41.55 -23.77
CA GLY D 34 8.34 42.21 -25.08
C GLY D 34 9.62 42.92 -25.49
N PRO D 35 9.66 43.58 -26.66
CA PRO D 35 10.80 44.39 -27.08
C PRO D 35 10.64 45.91 -26.92
N PHE D 36 9.59 46.40 -26.23
CA PHE D 36 9.38 47.85 -25.94
C PHE D 36 10.02 48.20 -24.58
N GLU D 37 11.23 48.76 -24.61
CA GLU D 37 12.02 49.13 -23.40
C GLU D 37 11.17 49.95 -22.44
N ASN D 38 10.40 50.91 -22.96
CA ASN D 38 9.74 51.99 -22.17
C ASN D 38 8.65 51.41 -21.28
N MET D 39 8.19 50.19 -21.58
CA MET D 39 7.08 49.50 -20.85
C MET D 39 7.61 48.60 -19.72
N TRP D 40 8.88 48.17 -19.77
CA TRP D 40 9.50 47.29 -18.74
C TRP D 40 9.40 47.90 -17.35
N PRO D 41 9.67 49.22 -17.12
CA PRO D 41 9.47 49.84 -15.81
C PRO D 41 8.03 49.71 -15.29
N GLY D 42 7.05 50.09 -16.11
CA GLY D 42 5.62 49.87 -15.79
C GLY D 42 5.31 48.42 -15.40
N ILE D 43 5.67 47.46 -16.27
CA ILE D 43 5.61 45.98 -16.02
C ILE D 43 6.24 45.70 -14.65
N PHE D 44 7.36 46.31 -14.32
CA PHE D 44 8.05 45.99 -13.04
C PHE D 44 7.15 46.45 -11.90
N VAL D 45 6.86 47.75 -11.82
CA VAL D 45 6.06 48.37 -10.72
C VAL D 45 4.75 47.60 -10.61
N TYR D 46 4.15 47.23 -11.73
CA TYR D 46 2.89 46.44 -11.75
C TYR D 46 3.04 45.20 -10.86
N MET D 47 3.98 44.30 -11.20
CA MET D 47 4.35 43.06 -10.47
C MET D 47 4.62 43.41 -8.99
N VAL D 48 5.31 44.52 -8.71
CA VAL D 48 5.70 44.92 -7.32
C VAL D 48 4.45 45.31 -6.54
N HIS D 49 3.45 45.91 -7.18
CA HIS D 49 2.16 46.27 -6.53
C HIS D 49 1.38 45.00 -6.17
N ARG D 50 1.17 44.13 -7.17
CA ARG D 50 0.34 42.91 -7.02
C ARG D 50 1.12 41.90 -6.18
N SER D 51 2.44 41.86 -6.37
CA SER D 51 3.40 40.95 -5.69
C SER D 51 3.38 41.18 -4.17
N CYS D 52 3.43 42.44 -3.74
CA CYS D 52 3.82 42.91 -2.39
C CYS D 52 2.63 43.63 -1.73
N GLY D 53 2.08 44.64 -2.41
CA GLY D 53 1.04 45.58 -1.94
C GLY D 53 1.20 46.94 -2.61
N THR D 54 0.15 47.75 -2.71
CA THR D 54 0.15 49.02 -3.51
C THR D 54 1.19 50.01 -2.91
N SER D 55 1.53 49.84 -1.62
CA SER D 55 2.11 50.87 -0.72
C SER D 55 3.38 50.37 -0.01
N CYS D 56 4.00 49.30 -0.51
CA CYS D 56 5.31 48.78 -0.04
C CYS D 56 6.43 49.81 -0.20
N PHE D 57 6.27 50.71 -1.18
CA PHE D 57 7.28 51.72 -1.60
C PHE D 57 6.52 53.01 -1.95
N GLU D 58 7.05 54.20 -1.62
CA GLU D 58 6.61 55.48 -2.22
C GLU D 58 6.90 55.39 -3.74
N LEU D 59 5.98 55.84 -4.59
CA LEU D 59 6.09 55.73 -6.08
C LEU D 59 7.21 56.63 -6.64
N GLU D 60 7.41 57.84 -6.11
CA GLU D 60 8.51 58.76 -6.53
C GLU D 60 9.87 58.02 -6.40
N LYS D 61 10.13 57.39 -5.25
CA LYS D 61 11.45 56.77 -4.90
C LYS D 61 11.69 55.55 -5.80
N LEU D 62 10.68 54.72 -5.93
CA LEU D 62 10.68 53.49 -6.75
C LEU D 62 11.03 53.83 -8.20
N CME D 63 10.28 54.75 -8.82
CA CME D 63 10.42 55.06 -10.26
CB CME D 63 9.28 55.94 -10.79
SG CME D 63 7.77 55.06 -11.31
SD CME D 63 8.32 53.95 -12.95
CE CME D 63 8.60 55.20 -14.24
CZ CME D 63 7.40 55.35 -15.14
OH CME D 63 7.61 56.27 -16.21
C CME D 63 11.82 55.62 -10.53
O CME D 63 12.40 55.27 -11.56
N ARG D 64 12.39 56.41 -9.62
CA ARG D 64 13.73 57.01 -9.86
C ARG D 64 14.80 55.98 -9.48
N PHE D 65 14.50 55.08 -8.52
CA PHE D 65 15.38 53.95 -8.16
C PHE D 65 15.52 52.97 -9.35
N ILE D 66 14.42 52.66 -10.00
CA ILE D 66 14.36 51.77 -11.20
C ILE D 66 15.10 52.43 -12.37
N MET D 67 14.96 53.75 -12.57
CA MET D 67 15.57 54.46 -13.73
C MET D 67 17.08 54.60 -13.47
N SER D 68 17.51 54.46 -12.20
CA SER D 68 18.94 54.42 -11.76
C SER D 68 19.53 53.02 -11.99
N VAL D 69 18.80 51.98 -11.62
CA VAL D 69 19.14 50.58 -11.99
C VAL D 69 19.26 50.45 -13.52
N LYS D 70 18.22 50.78 -14.31
CA LYS D 70 18.28 50.79 -15.80
C LYS D 70 19.60 51.43 -16.24
N LYS D 71 19.86 52.64 -15.73
CA LYS D 71 21.02 53.51 -16.07
C LYS D 71 22.31 52.71 -15.87
N ASN D 72 22.40 51.87 -14.81
CA ASN D 72 23.63 51.15 -14.38
C ASN D 72 23.76 49.74 -14.98
N TYR D 73 22.78 49.30 -15.77
CA TYR D 73 22.90 48.12 -16.67
C TYR D 73 23.57 48.58 -17.95
N ARG D 74 24.29 47.70 -18.63
CA ARG D 74 25.10 48.12 -19.81
C ARG D 74 24.44 47.62 -21.08
N ARG D 75 24.81 48.21 -22.23
CA ARG D 75 24.30 47.76 -23.56
C ARG D 75 25.14 46.54 -23.96
N VAL D 76 24.88 45.39 -23.35
CA VAL D 76 25.55 44.09 -23.63
C VAL D 76 24.49 43.15 -24.19
N PRO D 77 24.91 42.11 -24.94
CA PRO D 77 23.95 41.20 -25.59
C PRO D 77 22.88 40.54 -24.72
N TYR D 78 23.15 40.27 -23.43
CA TYR D 78 22.31 39.32 -22.64
C TYR D 78 22.17 39.71 -21.15
N HIS D 79 23.27 40.10 -20.50
CA HIS D 79 23.29 40.48 -19.05
C HIS D 79 22.89 41.95 -18.91
N ASN D 80 21.76 42.29 -19.51
CA ASN D 80 21.33 43.69 -19.80
C ASN D 80 20.03 43.94 -19.05
N TRP D 81 19.49 45.14 -19.16
CA TRP D 81 18.23 45.57 -18.48
C TRP D 81 17.08 44.58 -18.69
N LYS D 82 16.95 44.07 -19.92
CA LYS D 82 15.84 43.18 -20.33
C LYS D 82 15.87 41.92 -19.50
N HIS D 83 17.08 41.44 -19.21
CA HIS D 83 17.33 40.17 -18.50
C HIS D 83 17.14 40.41 -17.00
N ALA D 84 17.38 41.65 -16.54
CA ALA D 84 17.15 42.10 -15.15
C ALA D 84 15.66 41.99 -14.83
N VAL D 85 14.79 42.52 -15.72
CA VAL D 85 13.32 42.59 -15.53
C VAL D 85 12.74 41.22 -15.84
N THR D 86 13.30 40.50 -16.80
CA THR D 86 12.82 39.14 -17.14
C THR D 86 12.99 38.28 -15.90
N VAL D 87 14.14 38.34 -15.25
CA VAL D 87 14.41 37.52 -14.03
C VAL D 87 13.44 37.95 -12.92
N ALA D 88 13.25 39.25 -12.75
CA ALA D 88 12.29 39.80 -11.75
C ALA D 88 10.92 39.16 -12.01
N HIS D 89 10.44 39.21 -13.26
CA HIS D 89 9.13 38.62 -13.65
C HIS D 89 9.01 37.15 -13.15
N CYS D 90 10.01 36.32 -13.45
CA CYS D 90 10.02 34.88 -13.09
C CYS D 90 9.78 34.80 -11.59
N MET D 91 10.56 35.52 -10.81
CA MET D 91 10.34 35.64 -9.34
C MET D 91 8.88 36.03 -9.04
N TYR D 92 8.32 37.06 -9.68
CA TYR D 92 6.89 37.46 -9.50
C TYR D 92 5.98 36.23 -9.65
N ALA D 93 5.89 35.66 -10.86
CA ALA D 93 5.20 34.37 -11.11
C ALA D 93 5.39 33.48 -9.88
N ILE D 94 6.62 33.14 -9.48
CA ILE D 94 6.92 32.20 -8.36
C ILE D 94 6.20 32.65 -7.09
N LEU D 95 6.40 33.90 -6.68
CA LEU D 95 5.83 34.51 -5.44
C LEU D 95 4.29 34.55 -5.54
N GLN D 96 3.71 34.91 -6.69
CA GLN D 96 2.23 34.98 -6.80
C GLN D 96 1.66 33.57 -6.52
N ASN D 97 2.24 32.55 -7.15
CA ASN D 97 1.77 31.13 -7.13
C ASN D 97 2.28 30.35 -5.91
N ASN D 98 2.89 31.02 -4.92
CA ASN D 98 3.23 30.42 -3.60
C ASN D 98 3.11 31.48 -2.53
N HIS D 99 2.01 32.25 -2.54
CA HIS D 99 1.98 33.58 -1.87
C HIS D 99 1.92 33.38 -0.35
N THR D 100 1.42 32.24 0.13
CA THR D 100 1.25 31.96 1.59
C THR D 100 2.59 31.56 2.25
N LEU D 101 3.67 31.38 1.48
CA LEU D 101 4.97 30.82 1.98
C LEU D 101 5.99 31.91 2.38
N PHE D 102 5.86 33.18 1.93
CA PHE D 102 6.92 34.23 2.08
C PHE D 102 6.43 35.50 2.80
N THR D 103 7.33 36.08 3.60
CA THR D 103 7.11 37.26 4.48
C THR D 103 6.86 38.47 3.58
N ASP D 104 6.47 39.61 4.16
CA ASP D 104 6.29 40.90 3.43
C ASP D 104 7.65 41.40 2.95
N LEU D 105 8.69 41.24 3.80
CA LEU D 105 10.13 41.57 3.55
C LEU D 105 10.66 40.83 2.33
N GLU D 106 10.50 39.51 2.32
CA GLU D 106 11.04 38.63 1.26
C GLU D 106 10.43 39.08 -0.07
N ARG D 107 9.09 39.23 -0.08
CA ARG D 107 8.31 39.71 -1.25
C ARG D 107 8.97 41.00 -1.75
N LYS D 108 9.09 42.01 -0.88
CA LYS D 108 9.75 43.32 -1.19
C LYS D 108 11.14 43.04 -1.77
N GLY D 109 11.98 42.37 -0.97
CA GLY D 109 13.44 42.25 -1.15
C GLY D 109 13.84 41.44 -2.37
N LEU D 110 13.12 40.35 -2.66
CA LEU D 110 13.48 39.37 -3.75
C LEU D 110 13.23 39.96 -5.15
N LEU D 111 12.11 40.68 -5.31
CA LEU D 111 11.84 41.43 -6.56
C LEU D 111 12.99 42.43 -6.78
N ILE D 112 13.34 43.23 -5.76
CA ILE D 112 14.50 44.17 -5.83
C ILE D 112 15.75 43.36 -6.19
N ALA D 113 16.09 42.36 -5.38
CA ALA D 113 17.28 41.53 -5.59
C ALA D 113 17.33 41.14 -7.07
N CYS D 114 16.21 40.79 -7.69
CA CYS D 114 16.17 40.25 -9.09
C CYS D 114 16.46 41.36 -10.11
N LEU D 115 15.90 42.56 -9.92
CA LEU D 115 16.12 43.74 -10.79
C LEU D 115 17.58 44.19 -10.67
N CYS D 116 18.20 43.96 -9.51
CA CYS D 116 19.58 44.42 -9.17
C CYS D 116 20.62 43.29 -9.33
N HIS D 117 20.25 42.07 -9.71
CA HIS D 117 21.15 40.90 -9.53
C HIS D 117 22.30 40.86 -10.53
N ASP D 118 22.32 41.68 -11.60
CA ASP D 118 23.46 41.71 -12.57
C ASP D 118 23.98 43.15 -12.81
N LEU D 119 23.79 44.05 -11.84
CA LEU D 119 24.08 45.51 -11.98
C LEU D 119 25.54 45.73 -12.42
N ASP D 120 25.70 46.42 -13.54
CA ASP D 120 27.03 46.85 -14.05
C ASP D 120 27.81 45.61 -14.52
N HIS D 121 27.13 44.69 -15.21
CA HIS D 121 27.70 43.46 -15.83
C HIS D 121 28.38 43.83 -17.16
N ARG D 122 29.60 43.35 -17.39
CA ARG D 122 30.46 43.72 -18.55
C ARG D 122 30.23 42.76 -19.73
N GLY D 123 29.70 41.57 -19.43
CA GLY D 123 29.46 40.47 -20.36
C GLY D 123 30.48 39.37 -20.14
N PHE D 124 31.24 39.50 -19.04
CA PHE D 124 32.45 38.67 -18.78
C PHE D 124 32.20 37.95 -17.46
N SER D 125 32.56 36.66 -17.43
CA SER D 125 32.42 35.69 -16.32
C SER D 125 33.49 35.96 -15.26
N ASN D 126 33.21 35.60 -14.01
CA ASN D 126 34.14 35.61 -12.86
C ASN D 126 35.49 34.99 -13.26
N SER D 127 35.51 33.89 -14.03
CA SER D 127 36.74 33.24 -14.60
C SER D 127 37.59 34.27 -15.34
N TYR D 128 36.96 34.94 -16.33
CA TYR D 128 37.66 35.88 -17.22
C TYR D 128 38.28 36.98 -16.35
N LEU D 129 37.49 37.64 -15.48
CA LEU D 129 37.96 38.75 -14.59
C LEU D 129 39.24 38.32 -13.86
N GLN D 130 39.30 37.04 -13.51
CA GLN D 130 40.42 36.47 -12.72
C GLN D 130 41.64 36.22 -13.61
N LYS D 131 41.45 35.66 -14.80
CA LYS D 131 42.56 35.38 -15.76
C LYS D 131 43.06 36.68 -16.37
N PHE D 132 42.14 37.64 -16.55
CA PHE D 132 42.45 39.05 -16.87
C PHE D 132 43.19 39.68 -15.72
N ASP D 133 42.78 39.39 -14.49
CA ASP D 133 43.39 39.98 -13.28
C ASP D 133 42.66 41.30 -13.06
N HIS D 134 41.32 41.30 -13.17
CA HIS D 134 40.51 42.52 -12.96
C HIS D 134 40.74 42.99 -11.54
N PRO D 135 40.79 44.32 -11.28
CA PRO D 135 40.80 44.87 -9.93
C PRO D 135 39.66 44.35 -9.04
N LEU D 136 38.55 43.96 -9.65
CA LEU D 136 37.36 43.37 -8.97
C LEU D 136 37.71 41.99 -8.36
N ALA D 137 38.57 41.19 -9.00
CA ALA D 137 38.98 39.85 -8.51
C ALA D 137 40.05 39.97 -7.42
N ALA D 138 40.71 41.12 -7.33
CA ALA D 138 41.61 41.48 -6.21
C ALA D 138 40.74 41.85 -5.00
N LEU D 139 39.62 42.54 -5.23
CA LEU D 139 38.77 43.13 -4.15
C LEU D 139 37.78 42.09 -3.63
N TYR D 140 37.22 41.29 -4.56
CA TYR D 140 36.22 40.21 -4.33
C TYR D 140 36.78 38.91 -4.92
N SER D 141 37.36 38.06 -4.07
CA SER D 141 38.22 36.91 -4.49
C SER D 141 37.36 35.73 -4.96
N THR D 142 36.09 35.65 -4.56
CA THR D 142 35.10 34.65 -5.07
C THR D 142 33.69 35.27 -5.18
N SER D 143 32.90 34.77 -6.13
CA SER D 143 31.59 35.35 -6.53
C SER D 143 31.86 36.82 -6.90
N THR D 144 32.80 37.03 -7.82
CA THR D 144 33.43 38.34 -8.09
C THR D 144 32.30 39.32 -8.48
N MET D 145 31.76 39.15 -9.69
CA MET D 145 30.71 40.07 -10.21
C MET D 145 29.57 40.12 -9.19
N GLU D 146 29.27 38.97 -8.55
CA GLU D 146 28.08 38.78 -7.68
C GLU D 146 28.14 39.75 -6.49
N GLN D 147 29.35 40.00 -5.98
CA GLN D 147 29.57 40.95 -4.87
C GLN D 147 29.68 42.39 -5.41
N HIS D 148 30.14 42.57 -6.65
CA HIS D 148 30.01 43.88 -7.35
C HIS D 148 28.52 44.20 -7.50
N HIS D 149 27.72 43.27 -8.05
CA HIS D 149 26.27 43.47 -8.29
C HIS D 149 25.66 44.03 -7.01
N PHE D 150 26.04 43.48 -5.87
CA PHE D 150 25.43 43.80 -4.56
C PHE D 150 25.95 45.15 -4.04
N SER D 151 27.23 45.41 -4.25
CA SER D 151 27.88 46.71 -4.00
C SER D 151 27.01 47.79 -4.67
N GLN D 152 26.89 47.71 -6.00
CA GLN D 152 26.14 48.66 -6.88
C GLN D 152 24.73 48.83 -6.32
N THR D 153 24.11 47.75 -5.86
CA THR D 153 22.72 47.74 -5.32
C THR D 153 22.65 48.69 -4.14
N VAL D 154 23.60 48.60 -3.21
CA VAL D 154 23.70 49.47 -2.01
C VAL D 154 24.11 50.89 -2.44
N SER D 155 25.15 51.05 -3.26
CA SER D 155 25.46 52.36 -3.88
C SER D 155 24.14 53.08 -4.21
N ILE D 156 23.27 52.47 -5.03
CA ILE D 156 22.09 53.18 -5.60
C ILE D 156 21.14 53.50 -4.45
N LEU D 157 21.03 52.61 -3.47
CA LEU D 157 20.00 52.70 -2.39
C LEU D 157 20.25 53.92 -1.49
N GLN D 158 21.44 54.53 -1.57
CA GLN D 158 21.91 55.68 -0.76
C GLN D 158 22.01 56.94 -1.61
N LEU D 159 21.96 56.81 -2.94
CA LEU D 159 21.74 57.97 -3.84
C LEU D 159 20.54 58.76 -3.26
N GLU D 160 20.67 60.09 -3.10
CA GLU D 160 19.61 61.02 -2.55
C GLU D 160 18.26 60.74 -3.24
N GLY D 161 17.21 60.55 -2.45
CA GLY D 161 15.84 60.29 -2.93
C GLY D 161 15.55 58.84 -3.26
N HIS D 162 16.57 57.97 -3.43
CA HIS D 162 16.43 56.59 -4.00
C HIS D 162 16.17 55.50 -2.94
N ASN D 163 15.92 55.82 -1.67
CA ASN D 163 15.80 54.74 -0.64
C ASN D 163 14.34 54.29 -0.47
N ILE D 164 14.03 53.16 -1.12
CA ILE D 164 12.68 52.55 -1.22
C ILE D 164 12.32 51.80 0.07
N PHE D 165 13.28 51.61 0.98
CA PHE D 165 13.09 50.91 2.28
C PHE D 165 13.12 51.86 3.48
N SER D 166 12.83 53.14 3.27
CA SER D 166 13.02 54.21 4.28
C SER D 166 11.81 54.25 5.21
N THR D 167 10.66 53.65 4.83
CA THR D 167 9.53 53.41 5.78
C THR D 167 9.79 52.17 6.65
N LEU D 168 10.78 51.32 6.33
CA LEU D 168 11.11 50.15 7.17
C LEU D 168 11.83 50.62 8.44
N SER D 169 11.74 49.86 9.54
CA SER D 169 12.53 50.04 10.78
C SER D 169 14.03 49.86 10.48
N SER D 170 14.89 50.01 11.50
CA SER D 170 16.36 49.89 11.38
C SER D 170 16.74 48.40 11.38
N SER D 171 15.84 47.57 11.93
CA SER D 171 15.97 46.09 12.07
C SER D 171 15.54 45.43 10.76
N GLU D 172 14.38 45.84 10.26
CA GLU D 172 13.82 45.32 9.00
C GLU D 172 14.69 45.82 7.84
N TYR D 173 15.30 47.00 7.95
CA TYR D 173 16.18 47.51 6.88
C TYR D 173 17.35 46.55 6.77
N GLU D 174 18.00 46.20 7.89
CA GLU D 174 19.24 45.37 7.86
C GLU D 174 18.85 43.93 7.48
N GLN D 175 17.55 43.62 7.43
CA GLN D 175 17.05 42.25 7.15
C GLN D 175 16.74 42.10 5.66
N VAL D 176 15.91 42.99 5.12
CA VAL D 176 15.61 43.07 3.67
C VAL D 176 16.96 43.13 2.91
N LEU D 177 17.94 43.89 3.43
CA LEU D 177 19.27 44.07 2.77
C LEU D 177 20.04 42.74 2.79
N GLU D 178 19.89 41.97 3.87
CA GLU D 178 20.62 40.69 4.08
C GLU D 178 20.06 39.59 3.16
N ILE D 179 18.75 39.64 2.90
CA ILE D 179 17.99 38.78 1.93
C ILE D 179 18.55 39.07 0.54
N ILE D 180 18.66 40.36 0.23
CA ILE D 180 19.03 40.88 -1.12
C ILE D 180 20.46 40.42 -1.42
N ARG D 181 21.29 40.43 -0.39
CA ARG D 181 22.71 40.02 -0.45
C ARG D 181 22.79 38.50 -0.70
N LYS D 182 21.95 37.70 -0.06
CA LYS D 182 22.12 36.24 -0.16
C LYS D 182 21.64 35.80 -1.54
N ALA D 183 20.50 36.38 -1.93
CA ALA D 183 19.80 36.10 -3.19
C ALA D 183 20.80 36.39 -4.31
N ILE D 184 21.39 37.60 -4.31
CA ILE D 184 22.30 38.08 -5.41
C ILE D 184 23.53 37.19 -5.44
N ILE D 185 24.15 36.98 -4.29
CA ILE D 185 25.32 36.08 -4.18
C ILE D 185 24.95 34.73 -4.80
N ALA D 186 23.75 34.23 -4.54
CA ALA D 186 23.34 32.85 -4.92
C ALA D 186 23.14 32.73 -6.45
N THR D 187 23.05 33.86 -7.17
CA THR D 187 23.06 33.94 -8.65
C THR D 187 24.45 33.57 -9.21
N ASP D 188 25.46 33.37 -8.35
CA ASP D 188 26.76 32.77 -8.75
C ASP D 188 26.51 31.28 -9.00
N LEU D 189 26.60 30.84 -10.25
CA LEU D 189 26.27 29.45 -10.67
C LEU D 189 27.15 28.46 -9.91
N ALA D 190 28.44 28.76 -9.77
CA ALA D 190 29.39 27.93 -8.98
C ALA D 190 28.69 27.36 -7.75
N LEU D 191 27.97 28.17 -6.96
CA LEU D 191 27.39 27.81 -5.62
C LEU D 191 26.06 27.03 -5.74
N TYR D 192 25.35 27.12 -6.87
CA TYR D 192 24.02 26.48 -7.08
C TYR D 192 24.18 24.98 -6.84
N PHE D 193 25.15 24.35 -7.52
CA PHE D 193 25.40 22.88 -7.58
C PHE D 193 25.35 22.27 -6.18
N GLY D 194 26.23 22.78 -5.30
CA GLY D 194 26.35 22.49 -3.84
C GLY D 194 25.08 22.79 -3.06
N ASN D 195 24.37 23.87 -3.41
CA ASN D 195 23.07 24.28 -2.79
C ASN D 195 21.94 23.36 -3.24
N ARG D 196 21.91 22.94 -4.51
CA ARG D 196 20.87 22.00 -5.01
C ARG D 196 21.12 20.61 -4.42
N LYS D 197 22.37 20.12 -4.37
CA LYS D 197 22.72 18.81 -3.77
C LYS D 197 22.27 18.82 -2.30
N GLN D 198 22.51 19.90 -1.57
CA GLN D 198 22.16 20.04 -0.12
C GLN D 198 20.63 20.00 0.08
N LEU D 199 19.86 20.78 -0.69
CA LEU D 199 18.36 20.88 -0.62
C LEU D 199 17.69 19.60 -1.10
N GLU D 200 18.30 18.91 -2.08
CA GLU D 200 17.73 17.66 -2.65
C GLU D 200 17.70 16.66 -1.49
N GLU D 201 18.83 16.52 -0.78
CA GLU D 201 18.99 15.57 0.36
C GLU D 201 18.05 15.98 1.50
N MET D 202 18.02 17.27 1.87
CA MET D 202 17.15 17.80 2.96
C MET D 202 15.68 17.51 2.64
N TYR D 203 15.20 17.75 1.41
CA TYR D 203 13.78 17.56 1.02
C TYR D 203 13.45 16.05 1.03
N GLN D 204 14.22 15.24 0.28
CA GLN D 204 13.98 13.79 0.04
C GLN D 204 13.98 13.01 1.37
N THR D 205 14.91 13.32 2.29
CA THR D 205 14.98 12.69 3.66
C THR D 205 14.00 13.38 4.63
N GLY D 206 13.25 14.39 4.18
CA GLY D 206 12.12 15.01 4.92
C GLY D 206 12.52 16.02 5.99
N SER D 207 13.81 16.30 6.21
CA SER D 207 14.34 17.28 7.21
C SER D 207 14.24 18.73 6.71
N LEU D 208 13.75 19.00 5.49
CA LEU D 208 13.53 20.40 5.04
C LEU D 208 12.48 21.04 5.96
N ASN D 209 12.75 22.29 6.34
CA ASN D 209 11.99 23.04 7.35
C ASN D 209 12.07 24.54 7.01
N LEU D 210 10.97 25.13 6.56
CA LEU D 210 10.94 26.54 6.11
C LEU D 210 10.98 27.49 7.33
N ASN D 211 11.26 26.98 8.53
CA ASN D 211 11.30 27.76 9.79
C ASN D 211 12.75 27.88 10.29
N ASN D 212 13.64 26.99 9.82
CA ASN D 212 15.11 27.13 9.89
C ASN D 212 15.52 28.21 8.89
N GLN D 213 15.89 29.41 9.33
CA GLN D 213 16.23 30.56 8.43
C GLN D 213 17.31 30.14 7.41
N SER D 214 18.31 29.35 7.85
CA SER D 214 19.45 28.79 7.06
C SER D 214 18.94 27.88 5.91
N HIS D 215 17.78 27.24 6.09
CA HIS D 215 17.04 26.47 5.06
C HIS D 215 16.32 27.40 4.09
N ARG D 216 15.67 28.46 4.60
CA ARG D 216 14.99 29.49 3.77
C ARG D 216 16.00 30.15 2.81
N ASP D 217 17.18 30.45 3.32
CA ASP D 217 18.28 31.05 2.52
C ASP D 217 18.62 30.11 1.35
N ARG D 218 18.70 28.80 1.60
CA ARG D 218 18.99 27.76 0.56
C ARG D 218 17.86 27.70 -0.48
N VAL D 219 16.59 27.64 -0.05
CA VAL D 219 15.39 27.65 -0.96
C VAL D 219 15.34 28.95 -1.80
N ILE D 220 15.55 30.12 -1.17
CA ILE D 220 15.61 31.42 -1.91
C ILE D 220 16.81 31.38 -2.87
N GLY D 221 17.92 30.75 -2.44
CA GLY D 221 19.12 30.51 -3.27
C GLY D 221 18.78 29.75 -4.54
N LEU D 222 17.95 28.73 -4.46
CA LEU D 222 17.58 27.91 -5.64
C LEU D 222 16.62 28.73 -6.50
N MET D 223 15.61 29.31 -5.86
CA MET D 223 14.64 30.27 -6.45
C MET D 223 15.35 31.28 -7.35
N MET D 224 16.50 31.79 -6.88
CA MET D 224 17.28 32.83 -7.60
C MET D 224 17.93 32.18 -8.81
N THR D 225 18.58 31.03 -8.62
CA THR D 225 19.20 30.25 -9.72
C THR D 225 18.15 29.95 -10.79
N ALA D 226 16.94 29.54 -10.38
CA ALA D 226 15.79 29.21 -11.24
C ALA D 226 15.34 30.43 -12.04
N CYS D 227 15.10 31.55 -11.37
CA CYS D 227 14.71 32.83 -12.02
C CYS D 227 15.81 33.26 -13.02
N ASP D 228 17.07 33.02 -12.68
CA ASP D 228 18.26 33.54 -13.40
C ASP D 228 18.57 32.67 -14.63
N LEU D 229 18.08 31.42 -14.66
CA LEU D 229 18.18 30.53 -15.85
C LEU D 229 16.85 30.50 -16.62
N CYS D 230 15.88 31.35 -16.27
CA CYS D 230 14.49 31.27 -16.77
C CYS D 230 14.40 31.45 -18.29
N SER D 231 15.38 32.00 -19.00
CA SER D 231 15.30 32.07 -20.47
C SER D 231 15.10 30.65 -21.04
N VAL D 232 15.44 29.57 -20.31
CA VAL D 232 15.21 28.16 -20.77
C VAL D 232 13.83 27.65 -20.33
N THR D 233 12.98 28.45 -19.67
CA THR D 233 11.58 28.06 -19.34
C THR D 233 10.58 28.86 -20.18
N LYS D 234 11.04 29.41 -21.30
CA LYS D 234 10.19 30.18 -22.22
C LYS D 234 9.69 29.22 -23.29
N LEU D 235 8.78 29.70 -24.14
CA LEU D 235 8.39 28.93 -25.34
C LEU D 235 9.64 28.81 -26.21
N TRP D 236 9.74 27.74 -27.00
CA TRP D 236 10.91 27.42 -27.86
C TRP D 236 11.36 28.61 -28.71
N PRO D 237 10.48 29.39 -29.38
CA PRO D 237 10.95 30.50 -30.21
C PRO D 237 11.62 31.64 -29.43
N VAL D 238 11.30 31.83 -28.14
CA VAL D 238 11.97 32.84 -27.26
C VAL D 238 13.34 32.30 -26.83
N THR D 239 13.42 31.02 -26.45
CA THR D 239 14.61 30.31 -25.89
C THR D 239 15.69 30.13 -26.97
N LYS D 240 15.32 29.76 -28.20
CA LYS D 240 16.23 29.72 -29.39
C LYS D 240 16.83 31.10 -29.64
N LEU D 241 15.99 32.16 -29.62
CA LEU D 241 16.43 33.55 -29.92
C LEU D 241 17.20 34.16 -28.72
N THR D 242 16.97 33.70 -27.48
CA THR D 242 17.66 34.26 -26.30
C THR D 242 19.06 33.64 -26.25
N ALA D 243 19.15 32.35 -26.56
CA ALA D 243 20.40 31.58 -26.72
C ALA D 243 21.45 32.35 -27.55
N ASN D 244 21.11 33.00 -28.69
CA ASN D 244 22.14 33.70 -29.53
C ASN D 244 22.71 34.87 -28.72
N ASP D 245 21.82 35.62 -28.05
CA ASP D 245 22.17 36.76 -27.16
C ASP D 245 23.23 36.25 -26.19
N ILE D 246 22.90 35.26 -25.35
CA ILE D 246 23.81 34.60 -24.35
C ILE D 246 25.16 34.28 -25.01
N TYR D 247 25.14 33.64 -26.18
CA TYR D 247 26.33 33.01 -26.82
C TYR D 247 27.26 34.10 -27.38
N ALA D 248 26.65 35.18 -27.90
CA ALA D 248 27.37 36.40 -28.35
C ALA D 248 28.36 36.77 -27.26
N GLU D 249 27.93 36.75 -25.99
CA GLU D 249 28.77 37.01 -24.79
C GLU D 249 29.82 35.90 -24.61
N PHE D 250 29.42 34.63 -24.72
CA PHE D 250 30.33 33.46 -24.59
C PHE D 250 31.46 33.54 -25.61
N TRP D 251 31.12 33.92 -26.84
CA TRP D 251 32.11 34.07 -27.95
C TRP D 251 33.01 35.29 -27.69
N ALA D 252 32.45 36.48 -27.37
CA ALA D 252 33.19 37.73 -27.06
C ALA D 252 34.20 37.48 -25.94
N GLU D 253 33.83 36.66 -24.95
CA GLU D 253 34.71 36.21 -23.83
C GLU D 253 35.67 35.11 -24.31
N GLY D 254 35.19 34.19 -25.13
CA GLY D 254 36.08 33.20 -25.75
C GLY D 254 37.22 33.93 -26.41
N ASP D 255 36.91 34.89 -27.28
CA ASP D 255 37.87 35.72 -28.04
C ASP D 255 38.86 36.38 -27.08
N GLU D 256 38.37 36.96 -25.98
CA GLU D 256 39.21 37.76 -25.05
C GLU D 256 40.20 36.82 -24.35
N MET D 257 39.84 35.55 -24.22
CA MET D 257 40.72 34.49 -23.65
C MET D 257 41.82 34.17 -24.68
N LYS D 258 41.47 33.95 -25.95
CA LYS D 258 42.48 33.73 -27.02
C LYS D 258 43.44 34.93 -27.03
N LYS D 259 42.93 36.13 -26.76
CA LYS D 259 43.69 37.41 -26.65
C LYS D 259 44.67 37.36 -25.46
N LEU D 260 44.32 36.61 -24.40
CA LEU D 260 45.14 36.41 -23.16
C LEU D 260 46.14 35.23 -23.29
N GLY D 261 46.24 34.56 -24.44
CA GLY D 261 47.17 33.43 -24.68
C GLY D 261 46.48 32.08 -24.50
N ILE D 262 45.22 32.10 -24.05
CA ILE D 262 44.47 30.92 -23.52
C ILE D 262 43.50 30.37 -24.56
N GLN D 263 43.38 29.04 -24.65
CA GLN D 263 42.33 28.32 -25.42
C GLN D 263 41.09 28.22 -24.52
N PRO D 264 39.97 28.94 -24.81
CA PRO D 264 38.78 28.88 -23.95
C PRO D 264 38.04 27.55 -24.17
N ILE D 265 37.19 27.14 -23.22
CA ILE D 265 36.29 25.93 -23.29
C ILE D 265 35.40 26.00 -24.52
N PRO D 266 35.12 24.87 -25.21
CA PRO D 266 34.50 24.91 -26.54
C PRO D 266 33.18 25.71 -26.69
N MET D 267 32.36 25.72 -25.64
CA MET D 267 31.12 26.54 -25.48
C MET D 267 31.31 27.96 -26.04
N MET D 268 32.41 28.61 -25.61
CA MET D 268 32.80 30.04 -25.78
C MET D 268 33.72 30.24 -27.01
N ASP D 269 34.18 29.16 -27.66
CA ASP D 269 34.91 29.25 -28.96
C ASP D 269 33.88 29.49 -30.08
N ARG D 270 34.09 30.51 -30.93
CA ARG D 270 33.18 30.86 -32.05
C ARG D 270 33.55 30.03 -33.28
N ASP D 271 34.75 29.44 -33.28
CA ASP D 271 35.19 28.48 -34.32
C ASP D 271 34.49 27.14 -34.13
N LYS D 272 33.84 26.92 -32.98
CA LYS D 272 33.12 25.66 -32.65
C LYS D 272 31.61 25.88 -32.61
N LYS D 273 31.08 26.93 -33.27
CA LYS D 273 29.63 27.21 -33.33
C LYS D 273 28.85 25.89 -33.52
N ASP D 274 29.26 25.05 -34.48
CA ASP D 274 28.54 23.80 -34.88
C ASP D 274 28.29 22.91 -33.64
N GLU D 275 29.22 22.85 -32.65
CA GLU D 275 29.11 22.01 -31.42
C GLU D 275 28.15 22.64 -30.37
N VAL D 276 27.32 23.64 -30.74
CA VAL D 276 26.35 24.33 -29.82
C VAL D 276 25.21 23.37 -29.48
N PRO D 277 24.37 22.90 -30.43
CA PRO D 277 23.24 22.04 -30.05
C PRO D 277 23.61 20.98 -29.00
N GLN D 278 24.82 20.38 -29.06
CA GLN D 278 25.38 19.38 -28.08
C GLN D 278 25.73 20.02 -26.71
N GLY D 279 26.33 21.22 -26.68
CA GLY D 279 26.62 21.96 -25.43
C GLY D 279 25.34 22.29 -24.68
N GLN D 280 24.34 22.85 -25.37
CA GLN D 280 23.00 23.14 -24.81
C GLN D 280 22.44 21.89 -24.16
N LEU D 281 22.46 20.77 -24.89
CA LEU D 281 21.98 19.48 -24.34
C LEU D 281 22.67 19.21 -23.00
N GLY D 282 24.01 19.29 -22.96
CA GLY D 282 24.85 19.11 -21.75
C GLY D 282 24.52 20.11 -20.64
N PHE D 283 24.14 21.33 -21.01
CA PHE D 283 23.64 22.34 -20.06
C PHE D 283 22.29 21.85 -19.51
N TYR D 284 21.28 21.58 -20.35
CA TYR D 284 19.92 21.23 -19.87
C TYR D 284 19.96 20.02 -18.90
N ASN D 285 20.74 18.97 -19.24
CA ASN D 285 20.87 17.72 -18.43
C ASN D 285 21.65 17.97 -17.12
N ALA D 286 22.85 18.59 -17.17
CA ALA D 286 23.73 18.84 -16.00
C ALA D 286 23.28 20.02 -15.09
N VAL D 287 22.55 21.04 -15.58
CA VAL D 287 22.25 22.28 -14.77
C VAL D 287 20.75 22.61 -14.72
N ALA D 288 20.15 22.96 -15.87
CA ALA D 288 18.78 23.56 -15.97
C ALA D 288 17.73 22.55 -15.51
N ILE D 289 17.82 21.28 -15.90
CA ILE D 289 16.75 20.30 -15.57
C ILE D 289 16.87 19.97 -14.08
N PRO D 290 18.02 19.52 -13.54
CA PRO D 290 18.14 19.30 -12.09
C PRO D 290 17.57 20.48 -11.28
N CYS D 291 17.83 21.73 -11.71
CA CYS D 291 17.37 23.00 -11.07
C CYS D 291 15.84 23.01 -10.93
N TYR D 292 15.10 23.07 -12.05
CA TYR D 292 13.61 23.14 -12.08
C TYR D 292 13.02 21.86 -11.47
N THR D 293 13.74 20.73 -11.51
CA THR D 293 13.33 19.42 -10.93
C THR D 293 13.33 19.54 -9.39
N THR D 294 14.46 19.87 -8.76
CA THR D 294 14.57 20.10 -7.29
C THR D 294 13.63 21.23 -6.82
N LEU D 295 13.36 22.27 -7.62
CA LEU D 295 12.48 23.42 -7.21
C LEU D 295 10.99 23.03 -7.23
N THR D 296 10.53 22.44 -8.34
CA THR D 296 9.15 21.90 -8.54
C THR D 296 8.80 20.92 -7.40
N GLN D 297 9.79 20.17 -6.90
CA GLN D 297 9.68 19.27 -5.71
C GLN D 297 9.22 20.11 -4.50
N ILE D 298 10.00 21.12 -4.11
CA ILE D 298 9.83 22.00 -2.91
C ILE D 298 8.61 22.91 -3.07
N LEU D 299 8.49 23.64 -4.18
CA LEU D 299 7.32 24.53 -4.46
C LEU D 299 6.58 23.99 -5.69
N PRO D 300 5.68 23.01 -5.49
CA PRO D 300 4.95 22.38 -6.59
C PRO D 300 4.35 23.29 -7.68
N PRO D 301 3.87 24.52 -7.36
CA PRO D 301 3.30 25.41 -8.40
C PRO D 301 4.34 26.08 -9.33
N THR D 302 5.63 25.79 -9.13
CA THR D 302 6.77 26.08 -10.04
C THR D 302 6.95 25.01 -11.13
N GLU D 303 6.07 24.01 -11.19
CA GLU D 303 6.14 22.90 -12.19
C GLU D 303 6.23 23.52 -13.58
N PRO D 304 5.36 24.49 -13.95
CA PRO D 304 5.36 25.01 -15.32
C PRO D 304 6.71 25.51 -15.87
N LEU D 305 7.68 25.81 -15.02
CA LEU D 305 9.09 26.05 -15.44
C LEU D 305 9.73 24.74 -15.93
N LEU D 306 9.52 23.63 -15.22
CA LEU D 306 10.07 22.28 -15.56
C LEU D 306 9.48 21.74 -16.89
N LYS D 307 8.17 21.87 -17.14
CA LYS D 307 7.54 21.37 -18.39
C LYS D 307 8.13 22.15 -19.58
N ALA D 308 8.05 23.49 -19.52
CA ALA D 308 8.70 24.45 -20.44
C ALA D 308 10.19 24.09 -20.67
N CYS D 309 10.91 23.71 -19.61
CA CYS D 309 12.34 23.31 -19.65
C CYS D 309 12.49 22.01 -20.44
N ARG D 310 11.67 21.00 -20.14
CA ARG D 310 11.75 19.67 -20.80
C ARG D 310 11.47 19.84 -22.31
N ASP D 311 10.50 20.66 -22.66
CA ASP D 311 10.10 20.83 -24.08
C ASP D 311 11.31 21.40 -24.86
N ASN D 312 11.98 22.41 -24.30
CA ASN D 312 13.17 23.07 -24.90
C ASN D 312 14.35 22.07 -25.00
N LEU D 313 14.48 21.11 -24.08
CA LEU D 313 15.48 20.01 -24.16
C LEU D 313 15.15 19.12 -25.37
N SER D 314 13.88 18.74 -25.53
CA SER D 314 13.36 17.90 -26.65
C SER D 314 13.38 18.71 -27.96
N GLN D 315 13.51 20.04 -27.86
CA GLN D 315 13.69 20.93 -29.02
C GLN D 315 15.17 20.93 -29.42
N TRP D 316 16.10 20.82 -28.46
CA TRP D 316 17.56 20.77 -28.72
C TRP D 316 17.97 19.37 -29.25
N GLU D 317 17.31 18.31 -28.81
CA GLU D 317 17.47 16.92 -29.34
C GLU D 317 17.15 16.95 -30.84
N LYS D 318 15.96 17.49 -31.21
CA LYS D 318 15.47 17.65 -32.62
C LYS D 318 16.41 18.50 -33.48
N VAL D 319 17.13 19.48 -32.91
CA VAL D 319 18.07 20.36 -33.68
C VAL D 319 19.25 19.48 -34.13
N ILE D 320 19.69 18.55 -33.26
CA ILE D 320 20.77 17.56 -33.53
C ILE D 320 20.30 16.51 -34.57
N ARG D 321 19.25 16.77 -35.36
CA ARG D 321 18.86 15.97 -36.57
C ARG D 321 18.19 16.86 -37.64
N GLY D 322 16.86 17.06 -37.64
CA GLY D 322 16.12 17.82 -38.69
C GLY D 322 15.20 18.89 -38.13
ZN ZN E . -9.92 -31.92 11.07
MG MG F . -12.70 -31.22 13.36
C4 KG3 G . -2.16 -31.13 16.54
C6 KG3 G . -4.90 -31.57 16.57
C7 KG3 G . -6.39 -31.81 16.59
C10 KG3 G . -7.31 -31.00 17.51
C13 KG3 G . -2.94 -31.08 22.50
C20 KG3 G . -4.19 -31.75 15.40
C22 KG3 G . 1.33 -30.51 13.05
C24 KG3 G . 1.38 -30.65 15.35
C26 KG3 G . -1.34 -29.43 21.66
C28 KG3 G . -7.92 -31.40 22.55
C1 KG3 G . -2.95 -30.96 17.71
N2 KG3 G . -4.26 -31.20 17.66
C3 KG3 G . -2.29 -30.57 18.97
N5 KG3 G . -2.96 -30.63 20.16
N8 KG3 G . -0.79 -30.85 16.53
C9 KG3 G . -6.85 -32.41 17.90
C11 KG3 G . -2.40 -30.34 21.42
C12 KG3 G . -5.51 -31.54 21.93
C14 KG3 G . -4.07 -32.07 22.17
O15 KG3 G . -1.12 -30.23 18.93
N16 KG3 G . 0.02 -30.55 12.99
N17 KG3 G . 1.99 -30.54 14.20
C18 KG3 G . -2.83 -31.51 15.37
C19 KG3 G . -0.04 -30.68 15.33
O21 KG3 G . -5.78 -30.84 20.97
N23 KG3 G . -6.56 -31.88 22.79
C25 KG3 G . -0.69 -30.61 14.09
C27 KG3 G . -2.42 -30.92 23.82
C29 KG3 G . -0.86 -29.26 22.98
C30 KG3 G . -1.38 -30.00 24.06
ZN ZN H . 8.65 -8.71 -11.66
MG MG I . 9.13 -12.30 -12.99
C4 KG3 J . 15.02 -7.70 -4.69
C6 KG3 J . 14.45 -9.33 -6.95
C7 KG3 J . 14.24 -10.31 -8.12
C10 KG3 J . 14.74 -11.79 -7.98
C13 KG3 J . 19.37 -12.06 -4.30
C20 KG3 J . 13.78 -8.10 -6.75
C22 KG3 J . 13.40 -3.68 -1.99
C24 KG3 J . 15.30 -4.96 -2.00
C26 KG3 J . 18.33 -11.03 -2.33
C28 KG3 J . 17.51 -14.83 -7.90
C1 KG3 J . 15.62 -8.94 -4.94
N2 KG3 J . 15.31 -9.66 -6.02
C3 KG3 J . 16.65 -9.49 -4.03
N5 KG3 J . 17.35 -10.59 -4.45
N8 KG3 J . 15.39 -7.00 -3.51
C9 KG3 J . 15.44 -10.82 -8.94
C11 KG3 J . 18.36 -11.23 -3.71
C12 KG3 J . 18.39 -13.10 -6.49
C14 KG3 J . 19.54 -12.37 -5.78
O15 KG3 J . 16.85 -8.99 -2.94
N16 KG3 J . 12.81 -4.47 -2.91
N17 KG3 J . 14.63 -3.90 -1.51
C18 KG3 J . 14.06 -7.29 -5.64
C19 KG3 J . 14.70 -5.86 -2.97
O21 KG3 J . 17.20 -12.75 -6.41
N23 KG3 J . 18.67 -14.17 -7.27
C25 KG3 J . 13.39 -5.55 -3.41
C27 KG3 J . 20.33 -12.62 -3.43
C29 KG3 J . 19.28 -11.63 -1.51
C30 KG3 J . 20.28 -12.41 -2.06
ZN ZN K . -14.75 4.89 14.31
MG MG L . -13.70 7.64 11.87
C4 KG3 M . -7.63 4.46 20.34
C6 KG3 M . -8.79 6.22 18.58
C7 KG3 M . -9.32 7.24 17.60
C10 KG3 M . -8.38 7.87 16.55
C13 KG3 M . -3.59 8.99 20.63
C20 KG3 M . -9.51 5.08 18.97
C22 KG3 M . -8.31 -0.05 22.45
C24 KG3 M . -6.73 1.60 22.66
C26 KG3 M . -2.76 6.62 20.70
C28 KG3 M . -5.52 11.95 17.00
C1 KG3 M . -6.98 5.61 19.86
N2 KG3 M . -7.60 6.45 19.04
C3 KG3 M . -5.62 5.95 20.37
N5 KG3 M . -5.03 7.09 19.87
N8 KG3 M . -6.94 3.64 21.26
C9 KG3 M . -8.78 8.66 17.81
C11 KG3 M . -3.78 7.56 20.37
C12 KG3 M . -5.13 10.33 18.88
C14 KG3 M . -4.63 10.08 20.32
O15 KG3 M . -5.09 5.23 21.23
N16 KG3 M . -9.00 0.63 21.52
N17 KG3 M . -7.22 0.40 23.02
C18 KG3 M . -8.94 4.18 19.87
C19 KG3 M . -7.40 2.38 21.68
O21 KG3 M . -5.62 9.41 18.17
N23 KG3 M . -5.04 11.61 18.36
C25 KG3 M . -8.58 1.83 21.11
C27 KG3 M . -2.36 9.42 21.20
C29 KG3 M . -1.56 7.09 21.25
C30 KG3 M . -1.36 8.48 21.50
ZN ZN N . 21.58 36.89 -14.30
MG MG O . 25.59 37.59 -12.85
#